data_4ZRZ
# 
_entry.id   4ZRZ 
# 
_audit_conform.dict_name       mmcif_pdbx.dic 
_audit_conform.dict_version    5.379 
_audit_conform.dict_location   http://mmcif.pdb.org/dictionaries/ascii/mmcif_pdbx.dic 
# 
loop_
_database_2.database_id 
_database_2.database_code 
_database_2.pdbx_database_accession 
_database_2.pdbx_DOI 
PDB   4ZRZ         pdb_00004zrz 10.2210/pdb4zrz/pdb 
WWPDB D_1000209784 ?            ?                   
# 
loop_
_pdbx_database_related.content_type 
_pdbx_database_related.db_id 
_pdbx_database_related.db_name 
_pdbx_database_related.details 
unspecified 4F87 PDB . 
unspecified 4F88 PDB . 
# 
_pdbx_database_status.status_code                     REL 
_pdbx_database_status.status_code_sf                  REL 
_pdbx_database_status.status_code_mr                  ? 
_pdbx_database_status.entry_id                        4ZRZ 
_pdbx_database_status.recvd_initial_deposition_date   2015-05-12 
_pdbx_database_status.SG_entry                        N 
_pdbx_database_status.deposit_site                    RCSB 
_pdbx_database_status.process_site                    RCSB 
_pdbx_database_status.status_code_cs                  ? 
_pdbx_database_status.methods_development_category    ? 
_pdbx_database_status.pdb_format_compatible           Y 
_pdbx_database_status.status_code_nmr_data            ? 
# 
loop_
_audit_author.name 
_audit_author.pdbx_ordinal 
'Gallagher, D.T.' 1 
'Nelson, D.C.'    2 
'Shen, Y.'        3 
# 
_citation.abstract                  ? 
_citation.abstract_id_CAS           ? 
_citation.book_id_ISBN              ? 
_citation.book_publisher            ? 
_citation.book_publisher_city       ? 
_citation.book_title                ? 
_citation.coordinate_linkage        ? 
_citation.country                   US 
_citation.database_id_Medline       ? 
_citation.details                   ? 
_citation.id                        primary 
_citation.journal_abbrev            Elife 
_citation.journal_id_ASTM           ? 
_citation.journal_id_CSD            ? 
_citation.journal_id_ISSN           2050-084X 
_citation.journal_full              ? 
_citation.journal_issue             ? 
_citation.journal_volume            5 
_citation.language                  ? 
_citation.page_first                ? 
_citation.page_last                 ? 
_citation.title                     'A bacteriophage endolysin that eliminates intracellular streptococci.' 
_citation.year                      2016 
_citation.database_id_CSD           ? 
_citation.pdbx_database_id_DOI      10.7554/eLife.13152 
_citation.pdbx_database_id_PubMed   26978792 
_citation.unpublished_flag          ? 
# 
loop_
_citation_author.citation_id 
_citation_author.name 
_citation_author.ordinal 
_citation_author.identifier_ORCID 
primary 'Shen, Y.'        1  ?                   
primary 'Barros, M.'      2  ?                   
primary 'Vennemann, T.'   3  ?                   
primary 'Gallagher, D.T.' 4  ?                   
primary 'Yin, Y.'         5  ?                   
primary 'Linden, S.B.'    6  ?                   
primary 'Heselpoth, R.D.' 7  ?                   
primary 'Spencer, D.J.'   8  ?                   
primary 'Donovan, D.M.'   9  ?                   
primary 'Moult, J.'       10 ?                   
primary 'Fischetti, V.A.' 11 ?                   
primary 'Heinrich, F.'    12 ?                   
primary 'Losche, M.'      13 0000-0001-6666-916X 
primary 'Nelson, D.C.'    14 0000-0003-3248-4831 
# 
_cell.angle_alpha                  90.000 
_cell.angle_alpha_esd              ? 
_cell.angle_beta                   90.000 
_cell.angle_beta_esd               ? 
_cell.angle_gamma                  90.000 
_cell.angle_gamma_esd              ? 
_cell.entry_id                     4ZRZ 
_cell.details                      ? 
_cell.formula_units_Z              ? 
_cell.length_a                     130.428 
_cell.length_a_esd                 ? 
_cell.length_b                     130.428 
_cell.length_b_esd                 ? 
_cell.length_c                     130.428 
_cell.length_c_esd                 ? 
_cell.volume                       ? 
_cell.volume_esd                   ? 
_cell.Z_PDB                        96 
_cell.reciprocal_angle_alpha       ? 
_cell.reciprocal_angle_beta        ? 
_cell.reciprocal_angle_gamma       ? 
_cell.reciprocal_angle_alpha_esd   ? 
_cell.reciprocal_angle_beta_esd    ? 
_cell.reciprocal_angle_gamma_esd   ? 
_cell.reciprocal_length_a          ? 
_cell.reciprocal_length_b          ? 
_cell.reciprocal_length_c          ? 
_cell.reciprocal_length_a_esd      ? 
_cell.reciprocal_length_b_esd      ? 
_cell.reciprocal_length_c_esd      ? 
_cell.pdbx_unique_axis             ? 
# 
_symmetry.entry_id                         4ZRZ 
_symmetry.cell_setting                     ? 
_symmetry.Int_Tables_number                211 
_symmetry.space_group_name_Hall            ? 
_symmetry.space_group_name_H-M             'I 4 3 2' 
_symmetry.pdbx_full_space_group_name_H-M   ? 
# 
loop_
_entity.id 
_entity.type 
_entity.src_method 
_entity.pdbx_description 
_entity.formula_weight 
_entity.pdbx_number_of_molecules 
_entity.pdbx_ec 
_entity.pdbx_mutation 
_entity.pdbx_fragment 
_entity.details 
1 polymer man PlyCB 7839.863 2   ? ? ? ? 
2 water   nat water 18.015   105 ? ? ? ? 
# 
_entity_poly.entity_id                      1 
_entity_poly.type                           'polypeptide(L)' 
_entity_poly.nstd_linkage                   no 
_entity_poly.nstd_monomer                   no 
_entity_poly.pdbx_seq_one_letter_code       SKINVNVENVSGVQGFLFHTDGKESYGYRAFINGVEIGIKDIETVQGFQQIIPSINISKSDVEAIEKAMKK 
_entity_poly.pdbx_seq_one_letter_code_can   SKINVNVENVSGVQGFLFHTDGKESYGYRAFINGVEIGIKDIETVQGFQQIIPSINISKSDVEAIEKAMKK 
_entity_poly.pdbx_strand_id                 A,B 
_entity_poly.pdbx_target_identifier         ? 
# 
loop_
_entity_poly_seq.entity_id 
_entity_poly_seq.num 
_entity_poly_seq.mon_id 
_entity_poly_seq.hetero 
1 1  SER n 
1 2  LYS n 
1 3  ILE n 
1 4  ASN n 
1 5  VAL n 
1 6  ASN n 
1 7  VAL n 
1 8  GLU n 
1 9  ASN n 
1 10 VAL n 
1 11 SER n 
1 12 GLY n 
1 13 VAL n 
1 14 GLN n 
1 15 GLY n 
1 16 PHE n 
1 17 LEU n 
1 18 PHE n 
1 19 HIS n 
1 20 THR n 
1 21 ASP n 
1 22 GLY n 
1 23 LYS n 
1 24 GLU n 
1 25 SER n 
1 26 TYR n 
1 27 GLY n 
1 28 TYR n 
1 29 ARG n 
1 30 ALA n 
1 31 PHE n 
1 32 ILE n 
1 33 ASN n 
1 34 GLY n 
1 35 VAL n 
1 36 GLU n 
1 37 ILE n 
1 38 GLY n 
1 39 ILE n 
1 40 LYS n 
1 41 ASP n 
1 42 ILE n 
1 43 GLU n 
1 44 THR n 
1 45 VAL n 
1 46 GLN n 
1 47 GLY n 
1 48 PHE n 
1 49 GLN n 
1 50 GLN n 
1 51 ILE n 
1 52 ILE n 
1 53 PRO n 
1 54 SER n 
1 55 ILE n 
1 56 ASN n 
1 57 ILE n 
1 58 SER n 
1 59 LYS n 
1 60 SER n 
1 61 ASP n 
1 62 VAL n 
1 63 GLU n 
1 64 ALA n 
1 65 ILE n 
1 66 GLU n 
1 67 LYS n 
1 68 ALA n 
1 69 MET n 
1 70 LYS n 
1 71 LYS n 
# 
_entity_src_gen.entity_id                          1 
_entity_src_gen.pdbx_src_id                        1 
_entity_src_gen.pdbx_alt_source_flag               sample 
_entity_src_gen.pdbx_seq_type                      'Biological sequence' 
_entity_src_gen.pdbx_beg_seq_num                   1 
_entity_src_gen.pdbx_end_seq_num                   71 
_entity_src_gen.gene_src_common_name               ? 
_entity_src_gen.gene_src_genus                     ? 
_entity_src_gen.pdbx_gene_src_gene                 orf9 
_entity_src_gen.gene_src_species                   ? 
_entity_src_gen.gene_src_strain                    ? 
_entity_src_gen.gene_src_tissue                    ? 
_entity_src_gen.gene_src_tissue_fraction           ? 
_entity_src_gen.gene_src_details                   ? 
_entity_src_gen.pdbx_gene_src_fragment             ? 
_entity_src_gen.pdbx_gene_src_scientific_name      'Streptococcus phage C1' 
_entity_src_gen.pdbx_gene_src_ncbi_taxonomy_id     230871 
_entity_src_gen.pdbx_gene_src_variant              ? 
_entity_src_gen.pdbx_gene_src_cell_line            ? 
_entity_src_gen.pdbx_gene_src_atcc                 ? 
_entity_src_gen.pdbx_gene_src_organ                ? 
_entity_src_gen.pdbx_gene_src_organelle            ? 
_entity_src_gen.pdbx_gene_src_cell                 ? 
_entity_src_gen.pdbx_gene_src_cellular_location    ? 
_entity_src_gen.host_org_common_name               ? 
_entity_src_gen.pdbx_host_org_scientific_name      'Escherichia coli' 
_entity_src_gen.pdbx_host_org_ncbi_taxonomy_id     469008 
_entity_src_gen.host_org_genus                     ? 
_entity_src_gen.pdbx_host_org_gene                 ? 
_entity_src_gen.pdbx_host_org_organ                ? 
_entity_src_gen.host_org_species                   ? 
_entity_src_gen.pdbx_host_org_tissue               ? 
_entity_src_gen.pdbx_host_org_tissue_fraction      ? 
_entity_src_gen.pdbx_host_org_strain               'BL21(DE3)' 
_entity_src_gen.pdbx_host_org_variant              ? 
_entity_src_gen.pdbx_host_org_cell_line            ? 
_entity_src_gen.pdbx_host_org_atcc                 ? 
_entity_src_gen.pdbx_host_org_culture_collection   ? 
_entity_src_gen.pdbx_host_org_cell                 ? 
_entity_src_gen.pdbx_host_org_organelle            ? 
_entity_src_gen.pdbx_host_org_cellular_location    ? 
_entity_src_gen.pdbx_host_org_vector_type          Plasmid 
_entity_src_gen.pdbx_host_org_vector               ? 
_entity_src_gen.host_org_details                   ? 
_entity_src_gen.expression_system_id               ? 
_entity_src_gen.plasmid_name                       pET15b 
_entity_src_gen.plasmid_details                    ? 
_entity_src_gen.pdbx_description                   ? 
# 
_struct_ref.id                         1 
_struct_ref.db_name                    UNP 
_struct_ref.db_code                    Q7Y3F3_9CAUD 
_struct_ref.pdbx_db_accession          Q7Y3F3 
_struct_ref.pdbx_db_isoform            ? 
_struct_ref.entity_id                  1 
_struct_ref.pdbx_seq_one_letter_code   SKINVNVENVSGVQGFLFHTDGKESYGYRAFINGVEIGIKDIETVQGFQQIIPSINISKSDVEAIRKAMKK 
_struct_ref.pdbx_align_begin           2 
# 
loop_
_struct_ref_seq.align_id 
_struct_ref_seq.ref_id 
_struct_ref_seq.pdbx_PDB_id_code 
_struct_ref_seq.pdbx_strand_id 
_struct_ref_seq.seq_align_beg 
_struct_ref_seq.pdbx_seq_align_beg_ins_code 
_struct_ref_seq.seq_align_end 
_struct_ref_seq.pdbx_seq_align_end_ins_code 
_struct_ref_seq.pdbx_db_accession 
_struct_ref_seq.db_align_beg 
_struct_ref_seq.pdbx_db_align_beg_ins_code 
_struct_ref_seq.db_align_end 
_struct_ref_seq.pdbx_db_align_end_ins_code 
_struct_ref_seq.pdbx_auth_seq_align_beg 
_struct_ref_seq.pdbx_auth_seq_align_end 
1 1 4ZRZ A 1 ? 71 ? Q7Y3F3 2 ? 72 ? 1 71 
2 1 4ZRZ B 1 ? 71 ? Q7Y3F3 2 ? 72 ? 1 71 
# 
loop_
_struct_ref_seq_dif.align_id 
_struct_ref_seq_dif.pdbx_pdb_id_code 
_struct_ref_seq_dif.mon_id 
_struct_ref_seq_dif.pdbx_pdb_strand_id 
_struct_ref_seq_dif.seq_num 
_struct_ref_seq_dif.pdbx_pdb_ins_code 
_struct_ref_seq_dif.pdbx_seq_db_name 
_struct_ref_seq_dif.pdbx_seq_db_accession_code 
_struct_ref_seq_dif.db_mon_id 
_struct_ref_seq_dif.pdbx_seq_db_seq_num 
_struct_ref_seq_dif.details 
_struct_ref_seq_dif.pdbx_auth_seq_num 
_struct_ref_seq_dif.pdbx_ordinal 
1 4ZRZ GLU A 66 ? UNP Q7Y3F3 ARG 67 'engineered mutation' 66 1 
2 4ZRZ GLU B 66 ? UNP Q7Y3F3 ARG 67 'engineered mutation' 66 2 
# 
loop_
_chem_comp.id 
_chem_comp.type 
_chem_comp.mon_nstd_flag 
_chem_comp.name 
_chem_comp.pdbx_synonyms 
_chem_comp.formula 
_chem_comp.formula_weight 
ALA 'L-peptide linking' y ALANINE         ? 'C3 H7 N O2'     89.093  
ARG 'L-peptide linking' y ARGININE        ? 'C6 H15 N4 O2 1' 175.209 
ASN 'L-peptide linking' y ASPARAGINE      ? 'C4 H8 N2 O3'    132.118 
ASP 'L-peptide linking' y 'ASPARTIC ACID' ? 'C4 H7 N O4'     133.103 
GLN 'L-peptide linking' y GLUTAMINE       ? 'C5 H10 N2 O3'   146.144 
GLU 'L-peptide linking' y 'GLUTAMIC ACID' ? 'C5 H9 N O4'     147.129 
GLY 'peptide linking'   y GLYCINE         ? 'C2 H5 N O2'     75.067  
HIS 'L-peptide linking' y HISTIDINE       ? 'C6 H10 N3 O2 1' 156.162 
HOH non-polymer         . WATER           ? 'H2 O'           18.015  
ILE 'L-peptide linking' y ISOLEUCINE      ? 'C6 H13 N O2'    131.173 
LEU 'L-peptide linking' y LEUCINE         ? 'C6 H13 N O2'    131.173 
LYS 'L-peptide linking' y LYSINE          ? 'C6 H15 N2 O2 1' 147.195 
MET 'L-peptide linking' y METHIONINE      ? 'C5 H11 N O2 S'  149.211 
PHE 'L-peptide linking' y PHENYLALANINE   ? 'C9 H11 N O2'    165.189 
PRO 'L-peptide linking' y PROLINE         ? 'C5 H9 N O2'     115.130 
SER 'L-peptide linking' y SERINE          ? 'C3 H7 N O3'     105.093 
THR 'L-peptide linking' y THREONINE       ? 'C4 H9 N O3'     119.119 
TYR 'L-peptide linking' y TYROSINE        ? 'C9 H11 N O3'    181.189 
VAL 'L-peptide linking' y VALINE          ? 'C5 H11 N O2'    117.146 
# 
_exptl.absorpt_coefficient_mu     ? 
_exptl.absorpt_correction_T_max   ? 
_exptl.absorpt_correction_T_min   ? 
_exptl.absorpt_correction_type    ? 
_exptl.absorpt_process_details    ? 
_exptl.entry_id                   4ZRZ 
_exptl.crystals_number            1 
_exptl.details                    ? 
_exptl.method                     'X-RAY DIFFRACTION' 
_exptl.method_details             ? 
# 
_exptl_crystal.colour                      ? 
_exptl_crystal.density_diffrn              ? 
_exptl_crystal.density_Matthews            2.95 
_exptl_crystal.density_method              ? 
_exptl_crystal.density_percent_sol         58.28 
_exptl_crystal.description                 ? 
_exptl_crystal.F_000                       ? 
_exptl_crystal.id                          1 
_exptl_crystal.preparation                 ? 
_exptl_crystal.size_max                    ? 
_exptl_crystal.size_mid                    ? 
_exptl_crystal.size_min                    ? 
_exptl_crystal.size_rad                    ? 
_exptl_crystal.colour_lustre               ? 
_exptl_crystal.colour_modifier             ? 
_exptl_crystal.colour_primary              ? 
_exptl_crystal.density_meas                ? 
_exptl_crystal.density_meas_esd            ? 
_exptl_crystal.density_meas_gt             ? 
_exptl_crystal.density_meas_lt             ? 
_exptl_crystal.density_meas_temp           ? 
_exptl_crystal.density_meas_temp_esd       ? 
_exptl_crystal.density_meas_temp_gt        ? 
_exptl_crystal.density_meas_temp_lt        ? 
_exptl_crystal.pdbx_crystal_image_url      ? 
_exptl_crystal.pdbx_crystal_image_format   ? 
_exptl_crystal.pdbx_mosaicity              ? 
_exptl_crystal.pdbx_mosaicity_esd          ? 
# 
_exptl_crystal_grow.apparatus       ? 
_exptl_crystal_grow.atmosphere      ? 
_exptl_crystal_grow.crystal_id      1 
_exptl_crystal_grow.details         ? 
_exptl_crystal_grow.method          'VAPOR DIFFUSION, SITTING DROP' 
_exptl_crystal_grow.method_ref      ? 
_exptl_crystal_grow.pH              6.0 
_exptl_crystal_grow.pressure        ? 
_exptl_crystal_grow.pressure_esd    ? 
_exptl_crystal_grow.seeding         ? 
_exptl_crystal_grow.seeding_ref     ? 
_exptl_crystal_grow.temp            298 
_exptl_crystal_grow.temp_details    ? 
_exptl_crystal_grow.temp_esd        ? 
_exptl_crystal_grow.time            ? 
_exptl_crystal_grow.pdbx_details    '14 mg/mL ptn, 43% MPD, 30 mM AmSO4, 70 mM Na Hepes' 
_exptl_crystal_grow.pdbx_pH_range   ? 
# 
_diffrn.ambient_environment    ? 
_diffrn.ambient_temp           100 
_diffrn.ambient_temp_details   ? 
_diffrn.ambient_temp_esd       ? 
_diffrn.crystal_id             1 
_diffrn.crystal_support        ? 
_diffrn.crystal_treatment      ? 
_diffrn.details                ? 
_diffrn.id                     1 
_diffrn.ambient_pressure       ? 
_diffrn.ambient_pressure_esd   ? 
_diffrn.ambient_pressure_gt    ? 
_diffrn.ambient_pressure_lt    ? 
_diffrn.ambient_temp_gt        ? 
_diffrn.ambient_temp_lt        ? 
# 
_diffrn_detector.details                      ? 
_diffrn_detector.detector                     'IMAGE PLATE' 
_diffrn_detector.diffrn_id                    1 
_diffrn_detector.type                         'RIGAKU RAXIS IV++' 
_diffrn_detector.area_resol_mean              ? 
_diffrn_detector.dtime                        ? 
_diffrn_detector.pdbx_frames_total            ? 
_diffrn_detector.pdbx_collection_time_total   ? 
_diffrn_detector.pdbx_collection_date         2012-11-02 
# 
_diffrn_radiation.collimation                      ? 
_diffrn_radiation.diffrn_id                        1 
_diffrn_radiation.filter_edge                      ? 
_diffrn_radiation.inhomogeneity                    ? 
_diffrn_radiation.monochromator                    ? 
_diffrn_radiation.polarisn_norm                    ? 
_diffrn_radiation.polarisn_ratio                   ? 
_diffrn_radiation.probe                            ? 
_diffrn_radiation.type                             ? 
_diffrn_radiation.xray_symbol                      ? 
_diffrn_radiation.wavelength_id                    1 
_diffrn_radiation.pdbx_monochromatic_or_laue_m_l   M 
_diffrn_radiation.pdbx_wavelength_list             ? 
_diffrn_radiation.pdbx_wavelength                  ? 
_diffrn_radiation.pdbx_diffrn_protocol             'SINGLE WAVELENGTH' 
_diffrn_radiation.pdbx_analyzer                    ? 
_diffrn_radiation.pdbx_scattering_type             x-ray 
# 
_diffrn_radiation_wavelength.id           1 
_diffrn_radiation_wavelength.wavelength   1.54 
_diffrn_radiation_wavelength.wt           1.0 
# 
_diffrn_source.current                     ? 
_diffrn_source.details                     ? 
_diffrn_source.diffrn_id                   1 
_diffrn_source.power                       ? 
_diffrn_source.size                        ? 
_diffrn_source.source                      'ROTATING ANODE' 
_diffrn_source.target                      ? 
_diffrn_source.type                        'RIGAKU MICROMAX-007 HF' 
_diffrn_source.voltage                     ? 
_diffrn_source.take-off_angle              ? 
_diffrn_source.pdbx_wavelength_list        1.54 
_diffrn_source.pdbx_wavelength             ? 
_diffrn_source.pdbx_synchrotron_beamline   ? 
_diffrn_source.pdbx_synchrotron_site       ? 
# 
_reflns.B_iso_Wilson_estimate            ? 
_reflns.entry_id                         4ZRZ 
_reflns.data_reduction_details           ? 
_reflns.data_reduction_method            ? 
_reflns.d_resolution_high                1.720 
_reflns.d_resolution_low                 19.660 
_reflns.details                          ? 
_reflns.limit_h_max                      ? 
_reflns.limit_h_min                      ? 
_reflns.limit_k_max                      ? 
_reflns.limit_k_min                      ? 
_reflns.limit_l_max                      ? 
_reflns.limit_l_min                      ? 
_reflns.number_all                       ? 
_reflns.number_obs                       20025 
_reflns.observed_criterion               ? 
_reflns.observed_criterion_F_max         ? 
_reflns.observed_criterion_F_min         ? 
_reflns.observed_criterion_I_max         ? 
_reflns.observed_criterion_I_min         ? 
_reflns.observed_criterion_sigma_F       ? 
_reflns.observed_criterion_sigma_I       ? 
_reflns.percent_possible_obs             98.100 
_reflns.R_free_details                   ? 
_reflns.Rmerge_F_all                     ? 
_reflns.Rmerge_F_obs                     ? 
_reflns.Friedel_coverage                 ? 
_reflns.number_gt                        ? 
_reflns.threshold_expression             ? 
_reflns.pdbx_redundancy                  5.180 
_reflns.pdbx_Rmerge_I_obs                0.028 
_reflns.pdbx_Rmerge_I_all                ? 
_reflns.pdbx_Rsym_value                  ? 
_reflns.pdbx_netI_over_av_sigmaI         ? 
_reflns.pdbx_netI_over_sigmaI            25.400 
_reflns.pdbx_res_netI_over_av_sigmaI_2   ? 
_reflns.pdbx_res_netI_over_sigmaI_2      ? 
_reflns.pdbx_chi_squared                 0.980 
_reflns.pdbx_scaling_rejects             785 
_reflns.pdbx_d_res_high_opt              ? 
_reflns.pdbx_d_res_low_opt               ? 
_reflns.pdbx_d_res_opt_method            ? 
_reflns.phase_calculation_details        ? 
_reflns.pdbx_Rrim_I_all                  ? 
_reflns.pdbx_Rpim_I_all                  ? 
_reflns.pdbx_d_opt                       ? 
_reflns.pdbx_number_measured_all         104605 
_reflns.pdbx_diffrn_id                   1 
_reflns.pdbx_ordinal                     1 
_reflns.pdbx_CC_half                     ? 
_reflns.pdbx_R_split                     ? 
# 
loop_
_reflns_shell.d_res_high 
_reflns_shell.d_res_low 
_reflns_shell.meanI_over_sigI_all 
_reflns_shell.meanI_over_sigI_obs 
_reflns_shell.number_measured_all 
_reflns_shell.number_measured_obs 
_reflns_shell.number_possible 
_reflns_shell.number_unique_all 
_reflns_shell.number_unique_obs 
_reflns_shell.percent_possible_all 
_reflns_shell.percent_possible_obs 
_reflns_shell.Rmerge_F_all 
_reflns_shell.Rmerge_F_obs 
_reflns_shell.Rmerge_I_all 
_reflns_shell.Rmerge_I_obs 
_reflns_shell.meanI_over_sigI_gt 
_reflns_shell.meanI_over_uI_all 
_reflns_shell.meanI_over_uI_gt 
_reflns_shell.number_measured_gt 
_reflns_shell.number_unique_gt 
_reflns_shell.percent_possible_gt 
_reflns_shell.Rmerge_F_gt 
_reflns_shell.Rmerge_I_gt 
_reflns_shell.pdbx_redundancy 
_reflns_shell.pdbx_Rsym_value 
_reflns_shell.pdbx_chi_squared 
_reflns_shell.pdbx_netI_over_sigmaI_all 
_reflns_shell.pdbx_netI_over_sigmaI_obs 
_reflns_shell.pdbx_Rrim_I_all 
_reflns_shell.pdbx_Rpim_I_all 
_reflns_shell.pdbx_rejects 
_reflns_shell.pdbx_ordinal 
_reflns_shell.pdbx_diffrn_id 
_reflns_shell.pdbx_CC_half 
_reflns_shell.pdbx_R_split 
1.720 1.780  ? 2.700  3881  ? ? 1711 ? 85.200  ? ? ? ? 0.417 ? ? ? ? ? ? ? ? 2.250 ? 1.450 ? ? ? ? 24  1  1 ? ? 
1.780 1.850  ? 4.300  6170  ? ? 1912 ? 95.600  ? ? ? ? 0.291 ? ? ? ? ? ? ? ? 3.190 ? 1.390 ? ? ? ? 70  2  1 ? ? 
1.850 1.940  ? 6.000  10092 ? ? 1996 ? 99.800  ? ? ? ? 0.218 ? ? ? ? ? ? ? ? 5.010 ? 1.240 ? ? ? ? 92  3  1 ? ? 
1.940 2.040  ? 8.600  11761 ? ? 2020 ? 100.000 ? ? ? ? 0.151 ? ? ? ? ? ? ? ? 5.760 ? 1.100 ? ? ? ? 132 4  1 ? ? 
2.040 2.170  ? 11.600 11820 ? ? 2017 ? 100.000 ? ? ? ? 0.105 ? ? ? ? ? ? ? ? 5.810 ? 0.960 ? ? ? ? 101 5  1 ? ? 
2.170 2.330  ? 16.000 11931 ? ? 2019 ? 99.900  ? ? ? ? 0.077 ? ? ? ? ? ? ? ? 5.850 ? 0.890 ? ? ? ? 112 6  1 ? ? 
2.330 2.570  ? 19.700 12026 ? ? 2032 ? 100.000 ? ? ? ? 0.061 ? ? ? ? ? ? ? ? 5.880 ? 0.860 ? ? ? ? 78  7  1 ? ? 
2.570 2.940  ? 29.000 12160 ? ? 2045 ? 100.000 ? ? ? ? 0.042 ? ? ? ? ? ? ? ? 5.920 ? 0.840 ? ? ? ? 50  8  1 ? ? 
2.940 3.700  ? 46.800 12253 ? ? 2073 ? 100.000 ? ? ? ? 0.026 ? ? ? ? ? ? ? ? 5.890 ? 0.840 ? ? ? ? 44  9  1 ? ? 
3.700 19.660 ? 76.800 12511 ? ? 2200 ? 100.000 ? ? ? ? 0.019 ? ? ? ? ? ? ? ? 5.650 ? 0.910 ? ? ? ? 82  10 1 ? ? 
# 
_refine.aniso_B[1][1]                            0.0000 
_refine.aniso_B[1][2]                            0.0000 
_refine.aniso_B[1][3]                            0.0000 
_refine.aniso_B[2][2]                            0.0000 
_refine.aniso_B[2][3]                            0.0000 
_refine.aniso_B[3][3]                            0.0000 
_refine.B_iso_max                                82.670 
_refine.B_iso_mean                               33.2540 
_refine.B_iso_min                                19.000 
_refine.correlation_coeff_Fo_to_Fc               0.9560 
_refine.correlation_coeff_Fo_to_Fc_free          0.9180 
_refine.details                                  
'HYDROGENS HAVE BEEN ADDED IN THE RIDING POSITIONS U VALUES      : REFINED INDIVIDUALLY' 
_refine.diff_density_max                         ? 
_refine.diff_density_max_esd                     ? 
_refine.diff_density_min                         ? 
_refine.diff_density_min_esd                     ? 
_refine.diff_density_rms                         ? 
_refine.diff_density_rms_esd                     ? 
_refine.entry_id                                 4ZRZ 
_refine.pdbx_refine_id                           'X-RAY DIFFRACTION' 
_refine.ls_abs_structure_details                 ? 
_refine.ls_abs_structure_Flack                   ? 
_refine.ls_abs_structure_Flack_esd               ? 
_refine.ls_abs_structure_Rogers                  ? 
_refine.ls_abs_structure_Rogers_esd              ? 
_refine.ls_d_res_high                            1.7200 
_refine.ls_d_res_low                             14.0000 
_refine.ls_extinction_coef                       ? 
_refine.ls_extinction_coef_esd                   ? 
_refine.ls_extinction_expression                 ? 
_refine.ls_extinction_method                     ? 
_refine.ls_goodness_of_fit_all                   ? 
_refine.ls_goodness_of_fit_all_esd               ? 
_refine.ls_goodness_of_fit_obs                   ? 
_refine.ls_goodness_of_fit_obs_esd               ? 
_refine.ls_hydrogen_treatment                    ? 
_refine.ls_matrix_type                           ? 
_refine.ls_number_constraints                    ? 
_refine.ls_number_parameters                     ? 
_refine.ls_number_reflns_all                     ? 
_refine.ls_number_reflns_obs                     18961 
_refine.ls_number_reflns_R_free                  1030 
_refine.ls_number_reflns_R_work                  ? 
_refine.ls_number_restraints                     ? 
_refine.ls_percent_reflns_obs                    97.7900 
_refine.ls_percent_reflns_R_free                 5.2000 
_refine.ls_R_factor_all                          ? 
_refine.ls_R_factor_obs                          0.2190 
_refine.ls_R_factor_R_free                       0.2492 
_refine.ls_R_factor_R_free_error                 ? 
_refine.ls_R_factor_R_free_error_details         ? 
_refine.ls_R_factor_R_work                       0.2174 
_refine.ls_R_Fsqd_factor_obs                     ? 
_refine.ls_R_I_factor_obs                        ? 
_refine.ls_redundancy_reflns_all                 ? 
_refine.ls_redundancy_reflns_obs                 ? 
_refine.ls_restrained_S_all                      ? 
_refine.ls_restrained_S_obs                      ? 
_refine.ls_shift_over_esd_max                    ? 
_refine.ls_shift_over_esd_mean                   ? 
_refine.ls_structure_factor_coef                 ? 
_refine.ls_weighting_details                     ? 
_refine.ls_weighting_scheme                      ? 
_refine.ls_wR_factor_all                         ? 
_refine.ls_wR_factor_obs                         ? 
_refine.ls_wR_factor_R_free                      0.2492 
_refine.ls_wR_factor_R_work                      0.2174 
_refine.occupancy_max                            ? 
_refine.occupancy_min                            ? 
_refine.solvent_model_details                    MASK 
_refine.solvent_model_param_bsol                 ? 
_refine.solvent_model_param_ksol                 ? 
_refine.ls_R_factor_gt                           ? 
_refine.ls_goodness_of_fit_gt                    ? 
_refine.ls_goodness_of_fit_ref                   ? 
_refine.ls_shift_over_su_max                     ? 
_refine.ls_shift_over_su_max_lt                  ? 
_refine.ls_shift_over_su_mean                    ? 
_refine.ls_shift_over_su_mean_lt                 ? 
_refine.pdbx_ls_sigma_I                          ? 
_refine.pdbx_ls_sigma_F                          0.000 
_refine.pdbx_ls_sigma_Fsqd                       ? 
_refine.pdbx_data_cutoff_high_absF               ? 
_refine.pdbx_data_cutoff_high_rms_absF           ? 
_refine.pdbx_data_cutoff_low_absF                ? 
_refine.pdbx_isotropic_thermal_model             ? 
_refine.pdbx_ls_cross_valid_method               THROUGHOUT 
_refine.pdbx_method_to_determine_struct          'MOLECULAR REPLACEMENT' 
_refine.pdbx_starting_model                      4F87 
_refine.pdbx_stereochemistry_target_values       'MAXIMUM LIKELIHOOD' 
_refine.pdbx_R_Free_selection_details            RANDOM 
_refine.pdbx_stereochem_target_val_spec_case     ? 
_refine.pdbx_overall_ESU_R                       0.1020 
_refine.pdbx_overall_ESU_R_Free                  0.1030 
_refine.pdbx_solvent_vdw_probe_radii             1.2000 
_refine.pdbx_solvent_ion_probe_radii             0.8000 
_refine.pdbx_solvent_shrinkage_radii             0.8000 
_refine.pdbx_real_space_R                        ? 
_refine.pdbx_density_correlation                 ? 
_refine.pdbx_pd_number_of_powder_patterns        ? 
_refine.pdbx_pd_number_of_points                 ? 
_refine.pdbx_pd_meas_number_of_points            ? 
_refine.pdbx_pd_proc_ls_prof_R_factor            ? 
_refine.pdbx_pd_proc_ls_prof_wR_factor           ? 
_refine.pdbx_pd_Marquardt_correlation_coeff      ? 
_refine.pdbx_pd_Fsqrd_R_factor                   ? 
_refine.pdbx_pd_ls_matrix_band_width             ? 
_refine.pdbx_overall_phase_error                 ? 
_refine.pdbx_overall_SU_R_free_Cruickshank_DPI   ? 
_refine.pdbx_overall_SU_R_free_Blow_DPI          ? 
_refine.pdbx_overall_SU_R_Blow_DPI               ? 
_refine.pdbx_TLS_residual_ADP_flag               ? 
_refine.pdbx_diffrn_id                           1 
_refine.overall_SU_B                             2.1810 
_refine.overall_SU_ML                            0.0710 
_refine.overall_SU_R_Cruickshank_DPI             0.1022 
_refine.overall_SU_R_free                        0.1034 
_refine.overall_FOM_free_R_set                   ? 
_refine.overall_FOM_work_R_set                   0.8182 
_refine.pdbx_average_fsc_overall                 ? 
_refine.pdbx_average_fsc_work                    ? 
_refine.pdbx_average_fsc_free                    ? 
# 
_refine_hist.cycle_id                         final 
_refine_hist.pdbx_refine_id                   'X-RAY DIFFRACTION' 
_refine_hist.d_res_high                       1.7200 
_refine_hist.d_res_low                        14.0000 
_refine_hist.pdbx_number_atoms_ligand         0 
_refine_hist.number_atoms_solvent             105 
_refine_hist.number_atoms_total               1049 
_refine_hist.pdbx_number_residues_total       124 
_refine_hist.pdbx_B_iso_mean_solvent          47.98 
_refine_hist.pdbx_number_atoms_protein        944 
_refine_hist.pdbx_number_atoms_nucleic_acid   0 
# 
loop_
_refine_ls_restr.pdbx_refine_id 
_refine_ls_restr.criterion 
_refine_ls_restr.dev_ideal 
_refine_ls_restr.dev_ideal_target 
_refine_ls_restr.number 
_refine_ls_restr.rejects 
_refine_ls_restr.type 
_refine_ls_restr.weight 
_refine_ls_restr.pdbx_restraint_function 
'X-RAY DIFFRACTION' ? 0.011  0.019  958  ? r_bond_refined_d       ? ? 
'X-RAY DIFFRACTION' ? 0.002  0.020  900  ? r_bond_other_d         ? ? 
'X-RAY DIFFRACTION' ? 1.382  1.934  1289 ? r_angle_refined_deg    ? ? 
'X-RAY DIFFRACTION' ? 0.942  3.000  2069 ? r_angle_other_deg      ? ? 
'X-RAY DIFFRACTION' ? 6.651  5.000  122  ? r_dihedral_angle_1_deg ? ? 
'X-RAY DIFFRACTION' ? 32.078 26.000 45   ? r_dihedral_angle_2_deg ? ? 
'X-RAY DIFFRACTION' ? 10.472 15.000 163  ? r_dihedral_angle_3_deg ? ? 
'X-RAY DIFFRACTION' ? 12.521 15.000 2    ? r_dihedral_angle_4_deg ? ? 
'X-RAY DIFFRACTION' ? 0.095  0.200  144  ? r_chiral_restr         ? ? 
'X-RAY DIFFRACTION' ? 0.007  0.020  1108 ? r_gen_planes_refined   ? ? 
'X-RAY DIFFRACTION' ? 0.001  0.020  218  ? r_gen_planes_other     ? ? 
'X-RAY DIFFRACTION' ? 2.318  3.134  494  ? r_mcbond_it            ? ? 
'X-RAY DIFFRACTION' ? 2.312  3.125  493  ? r_mcbond_other         ? ? 
'X-RAY DIFFRACTION' ? 3.565  4.659  614  ? r_mcangle_it           ? ? 
# 
_refine_ls_shell.pdbx_refine_id                   'X-RAY DIFFRACTION' 
_refine_ls_shell.d_res_high                       1.7200 
_refine_ls_shell.d_res_low                        1.7640 
_refine_ls_shell.number_reflns_all                1230 
_refine_ls_shell.number_reflns_obs                ? 
_refine_ls_shell.number_reflns_R_free             49 
_refine_ls_shell.number_reflns_R_work             1181 
_refine_ls_shell.percent_reflns_obs               83.2800 
_refine_ls_shell.percent_reflns_R_free            ? 
_refine_ls_shell.R_factor_all                     ? 
_refine_ls_shell.R_factor_obs                     ? 
_refine_ls_shell.R_factor_R_free                  0.4430 
_refine_ls_shell.R_factor_R_free_error            ? 
_refine_ls_shell.R_factor_R_work                  0.4000 
_refine_ls_shell.redundancy_reflns_all            ? 
_refine_ls_shell.redundancy_reflns_obs            ? 
_refine_ls_shell.wR_factor_all                    ? 
_refine_ls_shell.wR_factor_obs                    ? 
_refine_ls_shell.wR_factor_R_free                 ? 
_refine_ls_shell.wR_factor_R_work                 ? 
_refine_ls_shell.pdbx_total_number_of_bins_used   20 
_refine_ls_shell.pdbx_phase_error                 ? 
_refine_ls_shell.pdbx_fsc_work                    ? 
_refine_ls_shell.pdbx_fsc_free                    ? 
# 
_struct.entry_id                     4ZRZ 
_struct.title                        'PlyCB mutant R66E' 
_struct.pdbx_model_details           ? 
_struct.pdbx_formula_weight          ? 
_struct.pdbx_formula_weight_method   ? 
_struct.pdbx_model_type_details      ? 
_struct.pdbx_CASP_flag               ? 
# 
_struct_keywords.entry_id        4ZRZ 
_struct_keywords.text            
'bacteriocidal, bacteriophage lysin, cell-binding subunit, octameric, cell-wall-cutting, Antimicrobial protein, Viral protein' 
_struct_keywords.pdbx_keywords   'Antimicrobial protein, Viral protein' 
# 
loop_
_struct_asym.id 
_struct_asym.pdbx_blank_PDB_chainid_flag 
_struct_asym.pdbx_modified 
_struct_asym.entity_id 
_struct_asym.details 
A N N 1 ? 
B N N 1 ? 
C N N 2 ? 
D N N 2 ? 
# 
loop_
_struct_conf.conf_type_id 
_struct_conf.id 
_struct_conf.pdbx_PDB_helix_id 
_struct_conf.beg_label_comp_id 
_struct_conf.beg_label_asym_id 
_struct_conf.beg_label_seq_id 
_struct_conf.pdbx_beg_PDB_ins_code 
_struct_conf.end_label_comp_id 
_struct_conf.end_label_asym_id 
_struct_conf.end_label_seq_id 
_struct_conf.pdbx_end_PDB_ins_code 
_struct_conf.beg_auth_comp_id 
_struct_conf.beg_auth_asym_id 
_struct_conf.beg_auth_seq_id 
_struct_conf.end_auth_comp_id 
_struct_conf.end_auth_asym_id 
_struct_conf.end_auth_seq_id 
_struct_conf.pdbx_PDB_helix_class 
_struct_conf.details 
_struct_conf.pdbx_PDB_helix_length 
HELX_P HELX_P1 AA1 ASP A 41 ? GLN A 49 ? ASP A 41 GLN A 49 1 ? 9  
HELX_P HELX_P2 AA2 SER A 58 ? SER A 60 ? SER A 58 SER A 60 5 ? 3  
HELX_P HELX_P3 AA3 ASP A 61 ? MET A 69 ? ASP A 61 MET A 69 1 ? 9  
HELX_P HELX_P4 AA4 ASP B 41 ? GLN B 50 ? ASP B 41 GLN B 50 1 ? 10 
HELX_P HELX_P5 AA5 SER B 58 ? SER B 60 ? SER B 58 SER B 60 5 ? 3  
HELX_P HELX_P6 AA6 ASP B 61 ? MET B 69 ? ASP B 61 MET B 69 1 ? 9  
# 
_struct_conf_type.id          HELX_P 
_struct_conf_type.criteria    ? 
_struct_conf_type.reference   ? 
# 
loop_
_struct_sheet.id 
_struct_sheet.type 
_struct_sheet.number_strands 
_struct_sheet.details 
AA1 ? 4 ? 
AA2 ? 4 ? 
# 
loop_
_struct_sheet_order.sheet_id 
_struct_sheet_order.range_id_1 
_struct_sheet_order.range_id_2 
_struct_sheet_order.offset 
_struct_sheet_order.sense 
AA1 1 2 ? anti-parallel 
AA1 2 3 ? anti-parallel 
AA1 3 4 ? parallel      
AA2 1 2 ? anti-parallel 
AA2 2 3 ? anti-parallel 
AA2 3 4 ? parallel      
# 
loop_
_struct_sheet_range.sheet_id 
_struct_sheet_range.id 
_struct_sheet_range.beg_label_comp_id 
_struct_sheet_range.beg_label_asym_id 
_struct_sheet_range.beg_label_seq_id 
_struct_sheet_range.pdbx_beg_PDB_ins_code 
_struct_sheet_range.end_label_comp_id 
_struct_sheet_range.end_label_asym_id 
_struct_sheet_range.end_label_seq_id 
_struct_sheet_range.pdbx_end_PDB_ins_code 
_struct_sheet_range.beg_auth_comp_id 
_struct_sheet_range.beg_auth_asym_id 
_struct_sheet_range.beg_auth_seq_id 
_struct_sheet_range.end_auth_comp_id 
_struct_sheet_range.end_auth_asym_id 
_struct_sheet_range.end_auth_seq_id 
AA1 1 VAL A 35 ? GLY A 38 ? VAL A 35 GLY A 38 
AA1 2 ARG A 29 ? ILE A 32 ? ARG A 29 ILE A 32 
AA1 3 GLY A 15 ? HIS A 19 ? GLY A 15 HIS A 19 
AA1 4 SER A 54 ? ASN A 56 ? SER A 54 ASN A 56 
AA2 1 VAL B 35 ? ILE B 39 ? VAL B 35 ILE B 39 
AA2 2 TYR B 28 ? ILE B 32 ? TYR B 28 ILE B 32 
AA2 3 GLY B 15 ? HIS B 19 ? GLY B 15 HIS B 19 
AA2 4 SER B 54 ? ASN B 56 ? SER B 54 ASN B 56 
# 
loop_
_pdbx_struct_sheet_hbond.sheet_id 
_pdbx_struct_sheet_hbond.range_id_1 
_pdbx_struct_sheet_hbond.range_id_2 
_pdbx_struct_sheet_hbond.range_1_label_atom_id 
_pdbx_struct_sheet_hbond.range_1_label_comp_id 
_pdbx_struct_sheet_hbond.range_1_label_asym_id 
_pdbx_struct_sheet_hbond.range_1_label_seq_id 
_pdbx_struct_sheet_hbond.range_1_PDB_ins_code 
_pdbx_struct_sheet_hbond.range_1_auth_atom_id 
_pdbx_struct_sheet_hbond.range_1_auth_comp_id 
_pdbx_struct_sheet_hbond.range_1_auth_asym_id 
_pdbx_struct_sheet_hbond.range_1_auth_seq_id 
_pdbx_struct_sheet_hbond.range_2_label_atom_id 
_pdbx_struct_sheet_hbond.range_2_label_comp_id 
_pdbx_struct_sheet_hbond.range_2_label_asym_id 
_pdbx_struct_sheet_hbond.range_2_label_seq_id 
_pdbx_struct_sheet_hbond.range_2_PDB_ins_code 
_pdbx_struct_sheet_hbond.range_2_auth_atom_id 
_pdbx_struct_sheet_hbond.range_2_auth_comp_id 
_pdbx_struct_sheet_hbond.range_2_auth_asym_id 
_pdbx_struct_sheet_hbond.range_2_auth_seq_id 
AA1 1 2 O VAL A 35 ? O VAL A 35 N ILE A 32 ? N ILE A 32 
AA1 2 3 O ARG A 29 ? O ARG A 29 N PHE A 18 ? N PHE A 18 
AA1 3 4 N LEU A 17 ? N LEU A 17 O ILE A 55 ? O ILE A 55 
AA2 1 2 O ILE B 37 ? O ILE B 37 N ALA B 30 ? N ALA B 30 
AA2 2 3 O ARG B 29 ? O ARG B 29 N PHE B 18 ? N PHE B 18 
AA2 3 4 N LEU B 17 ? N LEU B 17 O ILE B 55 ? O ILE B 55 
# 
_atom_sites.entry_id                    4ZRZ 
_atom_sites.fract_transf_matrix[1][1]   -0.00545701 
_atom_sites.fract_transf_matrix[1][2]   -0.00362519 
_atom_sites.fract_transf_matrix[1][3]   0.00398271 
_atom_sites.fract_transf_matrix[2][1]   -0.00516991 
_atom_sites.fract_transf_matrix[2][2]   0.00511452 
_atom_sites.fract_transf_matrix[2][3]   -0.00242829 
_atom_sites.fract_transf_matrix[3][1]   -0.00150863 
_atom_sites.fract_transf_matrix[3][2]   -0.00441391 
_atom_sites.fract_transf_matrix[3][3]   -0.00608476 
_atom_sites.fract_transf_vector[1]      0.178811 
_atom_sites.fract_transf_vector[2]      -0.022648 
_atom_sites.fract_transf_vector[3]      0.346094 
# 
loop_
_atom_type.symbol 
C 
N 
O 
S 
# 
loop_
_atom_site.group_PDB 
_atom_site.id 
_atom_site.type_symbol 
_atom_site.label_atom_id 
_atom_site.label_alt_id 
_atom_site.label_comp_id 
_atom_site.label_asym_id 
_atom_site.label_entity_id 
_atom_site.label_seq_id 
_atom_site.pdbx_PDB_ins_code 
_atom_site.Cartn_x 
_atom_site.Cartn_y 
_atom_site.Cartn_z 
_atom_site.occupancy 
_atom_site.B_iso_or_equiv 
_atom_site.pdbx_formal_charge 
_atom_site.auth_seq_id 
_atom_site.auth_comp_id 
_atom_site.auth_asym_id 
_atom_site.auth_atom_id 
_atom_site.pdbx_PDB_model_num 
ATOM   1    N N   . ASN A 1 9  ? 7.290   7.492   -11.146 1.00 60.64 ? 9   ASN A N   1 
ATOM   2    C CA  . ASN A 1 9  ? 6.467   7.092   -9.956  1.00 59.90 ? 9   ASN A CA  1 
ATOM   3    C C   . ASN A 1 9  ? 5.435   8.144   -9.527  1.00 54.67 ? 9   ASN A C   1 
ATOM   4    O O   . ASN A 1 9  ? 5.773   9.163   -8.922  1.00 58.99 ? 9   ASN A O   1 
ATOM   5    C CB  . ASN A 1 9  ? 7.334   6.714   -8.747  1.00 59.48 ? 9   ASN A CB  1 
ATOM   6    C CG  . ASN A 1 9  ? 6.539   5.976   -7.669  1.00 59.63 ? 9   ASN A CG  1 
ATOM   7    O OD1 . ASN A 1 9  ? 5.497   5.347   -7.961  1.00 57.57 ? 9   ASN A OD1 1 
ATOM   8    N ND2 . ASN A 1 9  ? 7.014   6.047   -6.423  1.00 51.73 ? 9   ASN A ND2 1 
ATOM   9    N N   . VAL A 1 10 ? 4.172   7.835   -9.804  1.00 46.01 ? 10  VAL A N   1 
ATOM   10   C CA  . VAL A 1 10 ? 3.053   8.746   -9.578  1.00 42.66 ? 10  VAL A CA  1 
ATOM   11   C C   . VAL A 1 10 ? 2.312   8.407   -8.264  1.00 37.27 ? 10  VAL A C   1 
ATOM   12   O O   . VAL A 1 10 ? 1.465   9.181   -7.789  1.00 33.91 ? 10  VAL A O   1 
ATOM   13   C CB  . VAL A 1 10 ? 2.157   8.718   -10.843 1.00 47.44 ? 10  VAL A CB  1 
ATOM   14   C CG1 . VAL A 1 10 ? 0.845   9.443   -10.645 1.00 47.83 ? 10  VAL A CG1 1 
ATOM   15   C CG2 . VAL A 1 10 ? 2.921   9.335   -12.016 1.00 52.96 ? 10  VAL A CG2 1 
ATOM   16   N N   . SER A 1 11 ? 2.663   7.278   -7.647  1.00 34.60 ? 11  SER A N   1 
ATOM   17   C CA  . SER A 1 11 ? 1.928   6.778   -6.469  1.00 31.68 ? 11  SER A CA  1 
ATOM   18   C C   . SER A 1 11 ? 2.213   7.504   -5.174  1.00 31.71 ? 11  SER A C   1 
ATOM   19   O O   . SER A 1 11 ? 1.421   7.413   -4.241  1.00 33.93 ? 11  SER A O   1 
ATOM   20   C CB  . SER A 1 11 ? 2.224   5.284   -6.261  1.00 33.00 ? 11  SER A CB  1 
ATOM   21   O OG  . SER A 1 11 ? 3.499   5.108   -5.667  1.00 32.69 ? 11  SER A OG  1 
ATOM   22   N N   . GLY A 1 12 ? 3.374   8.154   -5.044  1.00 30.82 ? 12  GLY A N   1 
ATOM   23   C CA  . GLY A 1 12 ? 3.794   8.718   -3.759  1.00 31.48 ? 12  GLY A CA  1 
ATOM   24   C C   . GLY A 1 12 ? 4.217   7.672   -2.714  1.00 32.74 ? 12  GLY A C   1 
ATOM   25   O O   . GLY A 1 12 ? 4.263   7.966   -1.517  1.00 35.80 ? 12  GLY A O   1 
ATOM   26   N N   . VAL A 1 13 ? 4.537   6.463   -3.188  1.00 32.50 ? 13  VAL A N   1 
ATOM   27   C CA  . VAL A 1 13 ? 4.926   5.325   -2.345  1.00 32.36 ? 13  VAL A CA  1 
ATOM   28   C C   . VAL A 1 13 ? 6.233   4.743   -2.888  1.00 27.96 ? 13  VAL A C   1 
ATOM   29   O O   . VAL A 1 13 ? 6.341   4.427   -4.077  1.00 32.10 ? 13  VAL A O   1 
ATOM   30   C CB  . VAL A 1 13 ? 3.871   4.191   -2.369  1.00 32.42 ? 13  VAL A CB  1 
ATOM   31   C CG1 . VAL A 1 13 ? 4.318   3.042   -1.467  1.00 34.77 ? 13  VAL A CG1 1 
ATOM   32   C CG2 . VAL A 1 13 ? 2.502   4.707   -1.950  1.00 32.43 ? 13  VAL A CG2 1 
ATOM   33   N N   . GLN A 1 14 ? 7.212   4.621   -2.010  1.00 30.68 ? 14  GLN A N   1 
ATOM   34   C CA  . GLN A 1 14 ? 8.438   3.901   -2.298  1.00 31.06 ? 14  GLN A CA  1 
ATOM   35   C C   . GLN A 1 14 ? 8.640   2.811   -1.267  1.00 28.45 ? 14  GLN A C   1 
ATOM   36   O O   . GLN A 1 14 ? 8.552   3.057   -0.058  1.00 31.54 ? 14  GLN A O   1 
ATOM   37   C CB  . GLN A 1 14 ? 9.643   4.843   -2.256  1.00 36.19 ? 14  GLN A CB  1 
ATOM   38   C CG  . GLN A 1 14 ? 9.661   5.817   -3.412  1.00 41.76 ? 14  GLN A CG  1 
ATOM   39   C CD  . GLN A 1 14 ? 10.953  6.614   -3.465  1.00 47.30 ? 14  GLN A CD  1 
ATOM   40   O OE1 . GLN A 1 14 ? 11.538  6.921   -2.436  1.00 49.98 ? 14  GLN A OE1 1 
ATOM   41   N NE2 . GLN A 1 14 ? 11.403  6.947   -4.676  1.00 52.24 ? 14  GLN A NE2 1 
ATOM   42   N N   . GLY A 1 15 ? 8.946   1.616   -1.749  1.00 28.45 ? 15  GLY A N   1 
ATOM   43   C CA  . GLY A 1 15 ? 9.206   0.494   -0.840  1.00 28.22 ? 15  GLY A CA  1 
ATOM   44   C C   . GLY A 1 15 ? 8.967   -0.827  -1.525  1.00 26.92 ? 15  GLY A C   1 
ATOM   45   O O   . GLY A 1 15 ? 8.998   -0.927  -2.730  1.00 26.79 ? 15  GLY A O   1 
ATOM   46   N N   . PHE A 1 16 ? 8.733   -1.870  -0.733  1.00 26.49 ? 16  PHE A N   1 
ATOM   47   C CA  . PHE A 1 16 ? 8.505   -3.190  -1.271  1.00 27.16 ? 16  PHE A CA  1 
ATOM   48   C C   . PHE A 1 16 ? 7.750   -4.052  -0.240  1.00 24.37 ? 16  PHE A C   1 
ATOM   49   O O   . PHE A 1 16 ? 7.813   -3.780  0.950   1.00 24.04 ? 16  PHE A O   1 
ATOM   50   C CB  . PHE A 1 16 ? 9.837   -3.860  -1.658  1.00 27.60 ? 16  PHE A CB  1 
ATOM   51   C CG  . PHE A 1 16 ? 10.861  -3.887  -0.549  1.00 28.30 ? 16  PHE A CG  1 
ATOM   52   C CD1 . PHE A 1 16 ? 10.900  -4.926  0.381   1.00 28.08 ? 16  PHE A CD1 1 
ATOM   53   C CD2 . PHE A 1 16 ? 11.814  -2.876  -0.438  1.00 30.17 ? 16  PHE A CD2 1 
ATOM   54   C CE1 . PHE A 1 16 ? 11.836  -4.944  1.401   1.00 27.34 ? 16  PHE A CE1 1 
ATOM   55   C CE2 . PHE A 1 16 ? 12.769  -2.896  0.585   1.00 32.08 ? 16  PHE A CE2 1 
ATOM   56   C CZ  . PHE A 1 16 ? 12.781  -3.937  1.508   1.00 31.33 ? 16  PHE A CZ  1 
ATOM   57   N N   . LEU A 1 17 ? 7.036   -5.036  -0.749  1.00 24.18 ? 17  LEU A N   1 
ATOM   58   C CA  . LEU A 1 17 ? 6.506   -6.151  0.047   1.00 25.84 ? 17  LEU A CA  1 
ATOM   59   C C   . LEU A 1 17 ? 7.617   -7.172  0.227   1.00 25.71 ? 17  LEU A C   1 
ATOM   60   O O   . LEU A 1 17 ? 8.463   -7.370  -0.685  1.00 25.12 ? 17  LEU A O   1 
ATOM   61   C CB  . LEU A 1 17 ? 5.358   -6.807  -0.690  1.00 24.57 ? 17  LEU A CB  1 
ATOM   62   C CG  . LEU A 1 17 ? 4.089   -5.945  -0.796  1.00 26.58 ? 17  LEU A CG  1 
ATOM   63   C CD1 . LEU A 1 17 ? 3.362   -6.220  -2.083  1.00 28.18 ? 17  LEU A CD1 1 
ATOM   64   C CD2 . LEU A 1 17 ? 3.162   -6.217  0.387   1.00 27.46 ? 17  LEU A CD2 1 
ATOM   65   N N   . PHE A 1 18 ? 7.587   -7.863  1.370   1.00 24.01 ? 18  PHE A N   1 
ATOM   66   C CA  . PHE A 1 18 ? 8.498   -8.968  1.598   1.00 23.93 ? 18  PHE A CA  1 
ATOM   67   C C   . PHE A 1 18 ? 7.826   -10.113 2.356   1.00 23.51 ? 18  PHE A C   1 
ATOM   68   O O   . PHE A 1 18 ? 6.927   -9.884  3.159   1.00 26.19 ? 18  PHE A O   1 
ATOM   69   C CB  . PHE A 1 18 ? 9.826   -8.512  2.239   1.00 23.44 ? 18  PHE A CB  1 
ATOM   70   C CG  . PHE A 1 18 ? 9.713   -7.790  3.567   1.00 25.70 ? 18  PHE A CG  1 
ATOM   71   C CD1 . PHE A 1 18 ? 10.133  -8.403  4.759   1.00 24.26 ? 18  PHE A CD1 1 
ATOM   72   C CD2 . PHE A 1 18 ? 9.294   -6.463  3.636   1.00 24.85 ? 18  PHE A CD2 1 
ATOM   73   C CE1 . PHE A 1 18 ? 10.118  -7.719  5.972   1.00 25.77 ? 18  PHE A CE1 1 
ATOM   74   C CE2 . PHE A 1 18 ? 9.260   -5.784  4.853   1.00 24.54 ? 18  PHE A CE2 1 
ATOM   75   C CZ  . PHE A 1 18 ? 9.688   -6.390  6.010   1.00 24.93 ? 18  PHE A CZ  1 
ATOM   76   N N   . HIS A 1 19 ? 8.241   -11.320 2.005   1.00 23.27 ? 19  HIS A N   1 
ATOM   77   C CA  . HIS A 1 19 ? 7.807   -12.548 2.678   1.00 24.25 ? 19  HIS A CA  1 
ATOM   78   C C   . HIS A 1 19 ? 8.912   -13.576 2.491   1.00 24.62 ? 19  HIS A C   1 
ATOM   79   O O   . HIS A 1 19 ? 9.794   -13.404 1.659   1.00 23.71 ? 19  HIS A O   1 
ATOM   80   C CB  . HIS A 1 19 ? 6.496   -13.071 2.098   1.00 22.08 ? 19  HIS A CB  1 
ATOM   81   C CG  . HIS A 1 19 ? 6.635   -13.730 0.765   1.00 23.29 ? 19  HIS A CG  1 
ATOM   82   N ND1 . HIS A 1 19 ? 6.764   -13.020 -0.404  1.00 26.18 ? 19  HIS A ND1 1 
ATOM   83   C CD2 . HIS A 1 19 ? 6.723   -15.035 0.416   1.00 23.73 ? 19  HIS A CD2 1 
ATOM   84   C CE1 . HIS A 1 19 ? 6.902   -13.851 -1.420  1.00 24.18 ? 19  HIS A CE1 1 
ATOM   85   N NE2 . HIS A 1 19 ? 6.870   -15.083 -0.950  1.00 26.06 ? 19  HIS A NE2 1 
ATOM   86   N N   . THR A 1 20 ? 8.856   -14.648 3.265   1.00 22.04 ? 20  THR A N   1 
ATOM   87   C CA  . THR A 1 20 ? 9.722   -15.809 2.996   1.00 22.81 ? 20  THR A CA  1 
ATOM   88   C C   . THR A 1 20 ? 8.897   -17.020 2.579   1.00 25.64 ? 20  THR A C   1 
ATOM   89   O O   . THR A 1 20 ? 7.803   -17.258 3.118   1.00 24.02 ? 20  THR A O   1 
ATOM   90   C CB  . THR A 1 20 ? 10.627  -16.179 4.219   1.00 23.02 ? 20  THR A CB  1 
ATOM   91   O OG1 . THR A 1 20 ? 11.457  -17.295 3.872   1.00 23.31 ? 20  THR A OG1 1 
ATOM   92   C CG2 . THR A 1 20 ? 9.829   -16.559 5.468   1.00 24.07 ? 20  THR A CG2 1 
ATOM   93   N N   . ASP A 1 21 ? 9.468   -17.814 1.682   1.00 26.93 ? 21  ASP A N   1 
ATOM   94   C CA  . ASP A 1 21 ? 8.942   -19.133 1.318   1.00 29.13 ? 21  ASP A CA  1 
ATOM   95   C C   . ASP A 1 21 ? 9.642   -20.268 2.075   1.00 30.49 ? 21  ASP A C   1 
ATOM   96   O O   . ASP A 1 21 ? 9.404   -21.441 1.758   1.00 28.27 ? 21  ASP A O   1 
ATOM   97   C CB  . ASP A 1 21 ? 9.069   -19.348 -0.207  1.00 29.64 ? 21  ASP A CB  1 
ATOM   98   C CG  . ASP A 1 21 ? 8.181   -18.421 -1.002  1.00 34.18 ? 21  ASP A CG  1 
ATOM   99   O OD1 . ASP A 1 21 ? 7.103   -18.052 -0.497  1.00 32.88 ? 21  ASP A OD1 1 
ATOM   100  O OD2 . ASP A 1 21 ? 8.571   -18.041 -2.129  1.00 39.93 ? 21  ASP A OD2 1 
ATOM   101  N N   . GLY A 1 22 ? 10.447  -19.922 3.081   1.00 29.66 ? 22  GLY A N   1 
ATOM   102  C CA  . GLY A 1 22 ? 11.193  -20.883 3.901   1.00 34.04 ? 22  GLY A CA  1 
ATOM   103  C C   . GLY A 1 22 ? 10.425  -21.303 5.137   1.00 35.84 ? 22  GLY A C   1 
ATOM   104  O O   . GLY A 1 22 ? 9.228   -21.040 5.253   1.00 31.09 ? 22  GLY A O   1 
ATOM   105  N N   . LYS A 1 23 ? 11.117  -21.927 6.084   1.00 42.18 ? 23  LYS A N   1 
ATOM   106  C CA  . LYS A 1 23 ? 10.449  -22.747 7.120   1.00 50.53 ? 23  LYS A CA  1 
ATOM   107  C C   . LYS A 1 23 ? 9.532   -21.973 8.077   1.00 47.68 ? 23  LYS A C   1 
ATOM   108  O O   . LYS A 1 23 ? 8.402   -22.415 8.342   1.00 51.18 ? 23  LYS A O   1 
ATOM   109  C CB  . LYS A 1 23 ? 11.482  -23.548 7.942   1.00 56.62 ? 23  LYS A CB  1 
ATOM   110  C CG  . LYS A 1 23 ? 12.117  -24.685 7.164   1.00 64.29 ? 23  LYS A CG  1 
ATOM   111  C CD  . LYS A 1 23 ? 13.314  -25.285 7.886   1.00 68.48 ? 23  LYS A CD  1 
ATOM   112  C CE  . LYS A 1 23 ? 14.051  -26.257 6.970   1.00 73.59 ? 23  LYS A CE  1 
ATOM   113  N NZ  . LYS A 1 23 ? 15.215  -26.928 7.620   1.00 76.09 ? 23  LYS A NZ  1 
ATOM   114  N N   . GLU A 1 24 ? 10.044  -20.852 8.596   1.00 40.96 ? 24  GLU A N   1 
ATOM   115  C CA  . GLU A 1 24 ? 9.358   -20.033 9.577   1.00 39.06 ? 24  GLU A CA  1 
ATOM   116  C C   . GLU A 1 24 ? 8.748   -18.781 8.912   1.00 34.93 ? 24  GLU A C   1 
ATOM   117  O O   . GLU A 1 24 ? 9.243   -17.672 9.086   1.00 35.30 ? 24  GLU A O   1 
ATOM   118  C CB  . GLU A 1 24 ? 10.317  -19.587 10.675  1.00 47.29 ? 24  GLU A CB  1 
ATOM   119  C CG  . GLU A 1 24 ? 10.728  -20.679 11.655  1.00 53.56 ? 24  GLU A CG  1 
ATOM   120  C CD  . GLU A 1 24 ? 11.538  -20.113 12.802  1.00 60.69 ? 24  GLU A CD  1 
ATOM   121  O OE1 . GLU A 1 24 ? 11.215  -20.435 13.962  1.00 71.88 ? 24  GLU A OE1 1 
ATOM   122  O OE2 . GLU A 1 24 ? 12.486  -19.331 12.548  1.00 60.37 ? 24  GLU A OE2 1 
ATOM   123  N N   . SER A 1 25 ? 7.661   -18.967 8.191   1.00 34.54 ? 25  SER A N   1 
ATOM   124  C CA  . SER A 1 25 ? 6.926   -17.812 7.621   1.00 31.36 ? 25  SER A CA  1 
ATOM   125  C C   . SER A 1 25 ? 6.634   -16.706 8.654   1.00 32.13 ? 25  SER A C   1 
ATOM   126  O O   . SER A 1 25 ? 6.353   -16.989 9.823   1.00 27.41 ? 25  SER A O   1 
ATOM   127  C CB  . SER A 1 25 ? 5.635   -18.242 6.937   1.00 35.98 ? 25  SER A CB  1 
ATOM   128  O OG  . SER A 1 25 ? 5.027   -17.097 6.321   1.00 37.67 ? 25  SER A OG  1 
ATOM   129  N N   . TYR A 1 26 ? 6.719   -15.439 8.218   1.00 28.90 ? 26  TYR A N   1 
ATOM   130  C CA  . TYR A 1 26 ? 6.289   -14.282 9.021   1.00 27.23 ? 26  TYR A CA  1 
ATOM   131  C C   . TYR A 1 26 ? 5.120   -13.548 8.306   1.00 25.20 ? 26  TYR A C   1 
ATOM   132  O O   . TYR A 1 26 ? 4.807   -12.407 8.623   1.00 28.11 ? 26  TYR A O   1 
ATOM   133  C CB  . TYR A 1 26 ? 7.447   -13.350 9.316   1.00 29.44 ? 26  TYR A CB  1 
ATOM   134  C CG  . TYR A 1 26 ? 8.220   -12.928 8.078   1.00 26.81 ? 26  TYR A CG  1 
ATOM   135  C CD1 . TYR A 1 26 ? 7.775   -11.875 7.274   1.00 27.62 ? 26  TYR A CD1 1 
ATOM   136  C CD2 . TYR A 1 26 ? 9.375   -13.584 7.723   1.00 24.70 ? 26  TYR A CD2 1 
ATOM   137  C CE1 . TYR A 1 26 ? 8.472   -11.499 6.142   1.00 24.99 ? 26  TYR A CE1 1 
ATOM   138  C CE2 . TYR A 1 26 ? 10.095  -13.213 6.596   1.00 23.74 ? 26  TYR A CE2 1 
ATOM   139  C CZ  . TYR A 1 26 ? 9.628   -12.158 5.798   1.00 24.59 ? 26  TYR A CZ  1 
ATOM   140  O OH  . TYR A 1 26 ? 10.326  -11.777 4.638   1.00 22.92 ? 26  TYR A OH  1 
ATOM   141  N N   . GLY A 1 27 ? 4.470   -14.229 7.383   1.00 25.11 ? 27  GLY A N   1 
ATOM   142  C CA  . GLY A 1 27 ? 3.403   -13.636 6.583   1.00 27.36 ? 27  GLY A CA  1 
ATOM   143  C C   . GLY A 1 27 ? 3.993   -12.646 5.586   1.00 27.86 ? 27  GLY A C   1 
ATOM   144  O O   . GLY A 1 27 ? 5.182   -12.730 5.272   1.00 27.63 ? 27  GLY A O   1 
ATOM   145  N N   . TYR A 1 28 ? 3.154   -11.746 5.075   1.00 26.48 ? 28  TYR A N   1 
ATOM   146  C CA  . TYR A 1 28 ? 3.647   -10.567 4.309   1.00 26.17 ? 28  TYR A CA  1 
ATOM   147  C C   . TYR A 1 28 ? 3.841   -9.340  5.167   1.00 26.64 ? 28  TYR A C   1 
ATOM   148  O O   . TYR A 1 28 ? 3.010   -9.028  6.033   1.00 29.42 ? 28  TYR A O   1 
ATOM   149  C CB  . TYR A 1 28 ? 2.699   -10.212 3.204   1.00 27.29 ? 28  TYR A CB  1 
ATOM   150  C CG  . TYR A 1 28 ? 2.845   -11.082 2.018   1.00 28.05 ? 28  TYR A CG  1 
ATOM   151  C CD1 . TYR A 1 28 ? 3.611   -10.665 0.928   1.00 30.19 ? 28  TYR A CD1 1 
ATOM   152  C CD2 . TYR A 1 28 ? 2.265   -12.339 1.979   1.00 31.03 ? 28  TYR A CD2 1 
ATOM   153  C CE1 . TYR A 1 28 ? 3.757   -11.456 -0.168  1.00 29.11 ? 28  TYR A CE1 1 
ATOM   154  C CE2 . TYR A 1 28 ? 2.393   -13.146 0.868   1.00 30.64 ? 28  TYR A CE2 1 
ATOM   155  C CZ  . TYR A 1 28 ? 3.156   -12.700 -0.195  1.00 30.33 ? 28  TYR A CZ  1 
ATOM   156  O OH  . TYR A 1 28 ? 3.308   -13.468 -1.310  1.00 35.01 ? 28  TYR A OH  1 
ATOM   157  N N   . ARG A 1 29 ? 4.950   -8.630  4.902   1.00 26.43 ? 29  ARG A N   1 
ATOM   158  C CA  . ARG A 1 29 ? 5.230   -7.338  5.445   1.00 26.39 ? 29  ARG A CA  1 
ATOM   159  C C   . ARG A 1 29 ? 5.592   -6.383  4.279   1.00 24.34 ? 29  ARG A C   1 
ATOM   160  O O   . ARG A 1 29 ? 5.646   -6.785  3.110   1.00 22.95 ? 29  ARG A O   1 
ATOM   161  C CB  . ARG A 1 29 ? 6.362   -7.401  6.467   1.00 29.98 ? 29  ARG A CB  1 
ATOM   162  C CG  . ARG A 1 29 ? 6.107   -8.311  7.676   1.00 32.67 ? 29  ARG A CG  1 
ATOM   163  C CD  . ARG A 1 29 ? 7.123   -7.999  8.779   1.00 36.84 ? 29  ARG A CD  1 
ATOM   164  N NE  . ARG A 1 29 ? 7.071   -8.955  9.879   1.00 43.00 ? 29  ARG A NE  1 
ATOM   165  C CZ  . ARG A 1 29 ? 7.934   -9.009  10.903  1.00 46.76 ? 29  ARG A CZ  1 
ATOM   166  N NH1 . ARG A 1 29 ? 8.962   -8.155  11.000  1.00 48.99 ? 29  ARG A NH1 1 
ATOM   167  N NH2 . ARG A 1 29 ? 7.766   -9.934  11.849  1.00 47.21 ? 29  ARG A NH2 1 
ATOM   168  N N   . ALA A 1 30 ? 5.727   -5.125  4.624   1.00 27.24 ? 30  ALA A N   1 
ATOM   169  C CA  . ALA A 1 30 ? 6.162   -4.100  3.663   1.00 26.42 ? 30  ALA A CA  1 
ATOM   170  C C   . ALA A 1 30 ? 6.901   -2.981  4.333   1.00 27.34 ? 30  ALA A C   1 
ATOM   171  O O   . ALA A 1 30 ? 6.664   -2.688  5.495   1.00 26.84 ? 30  ALA A O   1 
ATOM   172  C CB  . ALA A 1 30 ? 4.968   -3.565  2.920   1.00 25.97 ? 30  ALA A CB  1 
ATOM   173  N N   . PHE A 1 31 ? 7.820   -2.359  3.585   1.00 28.49 ? 31  PHE A N   1 
ATOM   174  C CA  . PHE A 1 31 ? 8.309   -1.013  3.872   1.00 28.04 ? 31  PHE A CA  1 
ATOM   175  C C   . PHE A 1 31 ? 7.562   -0.043  2.960   1.00 29.32 ? 31  PHE A C   1 
ATOM   176  O O   . PHE A 1 31 ? 7.530   -0.231  1.750   1.00 28.16 ? 31  PHE A O   1 
ATOM   177  C CB  . PHE A 1 31 ? 9.836   -0.892  3.664   1.00 30.46 ? 31  PHE A CB  1 
ATOM   178  C CG  . PHE A 1 31 ? 10.630  -1.586  4.735   1.00 29.41 ? 31  PHE A CG  1 
ATOM   179  C CD1 . PHE A 1 31 ? 10.815  -0.983  5.966   1.00 33.58 ? 31  PHE A CD1 1 
ATOM   180  C CD2 . PHE A 1 31 ? 11.133  -2.848  4.531   1.00 30.78 ? 31  PHE A CD2 1 
ATOM   181  C CE1 . PHE A 1 31 ? 11.514  -1.639  6.974   1.00 33.45 ? 31  PHE A CE1 1 
ATOM   182  C CE2 . PHE A 1 31 ? 11.827  -3.510  5.522   1.00 32.23 ? 31  PHE A CE2 1 
ATOM   183  C CZ  . PHE A 1 31 ? 12.017  -2.900  6.746   1.00 32.59 ? 31  PHE A CZ  1 
ATOM   184  N N   . ILE A 1 32 ? 6.926   0.961   3.559   1.00 31.23 ? 32  ILE A N   1 
ATOM   185  C CA  . ILE A 1 32 ? 6.141   1.957   2.831   1.00 31.75 ? 32  ILE A CA  1 
ATOM   186  C C   . ILE A 1 32 ? 6.697   3.292   3.287   1.00 31.84 ? 32  ILE A C   1 
ATOM   187  O O   . ILE A 1 32 ? 6.498   3.665   4.431   1.00 33.91 ? 32  ILE A O   1 
ATOM   188  C CB  . ILE A 1 32 ? 4.632   1.895   3.187   1.00 33.75 ? 32  ILE A CB  1 
ATOM   189  C CG1 . ILE A 1 32 ? 4.032   0.519   2.847   1.00 34.61 ? 32  ILE A CG1 1 
ATOM   190  C CG2 . ILE A 1 32 ? 3.847   3.013   2.495   1.00 33.79 ? 32  ILE A CG2 1 
ATOM   191  C CD1 . ILE A 1 32 ? 4.040   0.163   1.387   1.00 34.66 ? 32  ILE A CD1 1 
ATOM   192  N N   . ASN A 1 33 ? 7.420   3.971   2.398   1.00 32.25 ? 33  ASN A N   1 
ATOM   193  C CA  . ASN A 1 33 ? 8.059   5.255   2.716   1.00 34.77 ? 33  ASN A CA  1 
ATOM   194  C C   . ASN A 1 33 ? 8.876   5.188   4.003   1.00 36.52 ? 33  ASN A C   1 
ATOM   195  O O   . ASN A 1 33 ? 8.764   6.042   4.903   1.00 36.05 ? 33  ASN A O   1 
ATOM   196  C CB  . ASN A 1 33 ? 6.980   6.349   2.741   1.00 36.25 ? 33  ASN A CB  1 
ATOM   197  C CG  . ASN A 1 33 ? 6.378   6.588   1.358   1.00 35.46 ? 33  ASN A CG  1 
ATOM   198  O OD1 . ASN A 1 33 ? 7.000   6.279   0.331   1.00 36.98 ? 33  ASN A OD1 1 
ATOM   199  N ND2 . ASN A 1 33 ? 5.186   7.144   1.322   1.00 37.67 ? 33  ASN A ND2 1 
ATOM   200  N N   . GLY A 1 34 ? 9.686   4.128   4.093   1.00 34.57 ? 34  GLY A N   1 
ATOM   201  C CA  . GLY A 1 34 ? 10.535  3.905   5.236   1.00 33.41 ? 34  GLY A CA  1 
ATOM   202  C C   . GLY A 1 34 ? 9.878   3.485   6.540   1.00 33.77 ? 34  GLY A C   1 
ATOM   203  O O   . GLY A 1 34 ? 10.529  3.526   7.582   1.00 33.43 ? 34  GLY A O   1 
ATOM   204  N N   . VAL A 1 35 ? 8.609   3.074   6.500   1.00 33.83 ? 35  VAL A N   1 
ATOM   205  C CA  . VAL A 1 35 ? 7.885   2.602   7.688   1.00 33.52 ? 35  VAL A CA  1 
ATOM   206  C C   . VAL A 1 35 ? 7.523   1.136   7.432   1.00 33.48 ? 35  VAL A C   1 
ATOM   207  O O   . VAL A 1 35 ? 6.885   0.814   6.414   1.00 32.13 ? 35  VAL A O   1 
ATOM   208  C CB  . VAL A 1 35 ? 6.588   3.417   7.950   1.00 37.32 ? 35  VAL A CB  1 
ATOM   209  C CG1 . VAL A 1 35 ? 5.887   2.953   9.227   1.00 36.98 ? 35  VAL A CG1 1 
ATOM   210  C CG2 . VAL A 1 35 ? 6.890   4.910   7.999   1.00 37.95 ? 35  VAL A CG2 1 
ATOM   211  N N   . GLU A 1 36 ? 7.932   0.261   8.350   1.00 34.99 ? 36  GLU A N   1 
ATOM   212  C CA  . GLU A 1 36 ? 7.617   -1.172  8.251   1.00 33.85 ? 36  GLU A CA  1 
ATOM   213  C C   . GLU A 1 36 ? 6.235   -1.427  8.817   1.00 34.67 ? 36  GLU A C   1 
ATOM   214  O O   . GLU A 1 36 ? 5.905   -0.934  9.898   1.00 34.45 ? 36  GLU A O   1 
ATOM   215  C CB  . GLU A 1 36 ? 8.627   -2.030  9.014   1.00 32.17 ? 36  GLU A CB  1 
ATOM   216  C CG  . GLU A 1 36 ? 8.557   -3.505  8.665   1.00 34.48 ? 36  GLU A CG  1 
ATOM   217  C CD  . GLU A 1 36 ? 9.515   -4.344  9.493   1.00 34.19 ? 36  GLU A CD  1 
ATOM   218  O OE1 . GLU A 1 36 ? 9.405   -5.570  9.450   1.00 34.82 ? 36  GLU A OE1 1 
ATOM   219  O OE2 . GLU A 1 36 ? 10.391  -3.776  10.166  1.00 37.61 ? 36  GLU A OE2 1 
ATOM   220  N N   . ILE A 1 37 ? 5.467   -2.237  8.102   1.00 33.00 ? 37  ILE A N   1 
ATOM   221  C CA  . ILE A 1 37 ? 4.129   -2.638  8.502   1.00 34.72 ? 37  ILE A CA  1 
ATOM   222  C C   . ILE A 1 37 ? 3.910   -4.134  8.253   1.00 32.43 ? 37  ILE A C   1 
ATOM   223  O O   . ILE A 1 37 ? 4.502   -4.740  7.346   1.00 28.67 ? 37  ILE A O   1 
ATOM   224  C CB  . ILE A 1 37 ? 3.061   -1.812  7.742   1.00 37.30 ? 37  ILE A CB  1 
ATOM   225  C CG1 . ILE A 1 37 ? 3.254   -1.918  6.228   1.00 38.39 ? 37  ILE A CG1 1 
ATOM   226  C CG2 . ILE A 1 37 ? 3.133   -0.346  8.163   1.00 36.11 ? 37  ILE A CG2 1 
ATOM   227  C CD1 . ILE A 1 37 ? 2.058   -1.453  5.428   1.00 41.50 ? 37  ILE A CD1 1 
ATOM   228  N N   . GLY A 1 38 ? 3.038   -4.734  9.053   1.00 29.61 ? 38  GLY A N   1 
ATOM   229  C CA  . GLY A 1 38 ? 2.534   -6.060  8.765   1.00 30.61 ? 38  GLY A CA  1 
ATOM   230  C C   . GLY A 1 38 ? 1.328   -5.880  7.853   1.00 33.51 ? 38  GLY A C   1 
ATOM   231  O O   . GLY A 1 38 ? 0.646   -4.827  7.899   1.00 37.35 ? 38  GLY A O   1 
ATOM   232  N N   . ILE A 1 39 ? 1.088   -6.856  6.990   1.00 28.72 ? 39  ILE A N   1 
ATOM   233  C CA  . ILE A 1 39 ? -0.084  -6.853  6.135   1.00 29.56 ? 39  ILE A CA  1 
ATOM   234  C C   . ILE A 1 39 ? -0.959  -8.021  6.584   1.00 31.06 ? 39  ILE A C   1 
ATOM   235  O O   . ILE A 1 39 ? -0.504  -9.140  6.643   1.00 28.88 ? 39  ILE A O   1 
ATOM   236  C CB  . ILE A 1 39 ? 0.288   -7.056  4.660   1.00 29.46 ? 39  ILE A CB  1 
ATOM   237  C CG1 . ILE A 1 39 ? 1.376   -6.075  4.194   1.00 31.02 ? 39  ILE A CG1 1 
ATOM   238  C CG2 . ILE A 1 39 ? -0.961  -6.997  3.778   1.00 27.64 ? 39  ILE A CG2 1 
ATOM   239  C CD1 . ILE A 1 39 ? 0.962   -4.629  4.200   1.00 32.09 ? 39  ILE A CD1 1 
ATOM   240  N N   . LYS A 1 40 ? -2.213  -7.747  6.895   1.00 30.83 ? 40  LYS A N   1 
ATOM   241  C CA  . LYS A 1 40 ? -3.129  -8.774  7.400   1.00 30.52 ? 40  LYS A CA  1 
ATOM   242  C C   . LYS A 1 40 ? -3.866  -9.551  6.319   1.00 30.52 ? 40  LYS A C   1 
ATOM   243  O O   . LYS A 1 40 ? -4.197  -10.726 6.533   1.00 27.44 ? 40  LYS A O   1 
ATOM   244  C CB  . LYS A 1 40 ? -4.139  -8.134  8.351   1.00 32.44 ? 40  LYS A CB  1 
ATOM   245  C CG  . LYS A 1 40 ? -3.455  -7.500  9.550   1.00 35.84 ? 40  LYS A CG  1 
ATOM   246  C CD  . LYS A 1 40 ? -4.430  -6.992  10.595  1.00 40.83 ? 40  LYS A CD  1 
ATOM   247  C CE  . LYS A 1 40 ? -3.686  -6.235  11.697  1.00 41.12 ? 40  LYS A CE  1 
ATOM   248  N NZ  . LYS A 1 40 ? -2.752  -7.136  12.437  1.00 41.16 ? 40  LYS A NZ  1 
ATOM   249  N N   . ASP A 1 41 ? -4.126  -8.933  5.163   1.00 27.71 ? 41  ASP A N   1 
ATOM   250  C CA  . ASP A 1 41 ? -5.009  -9.540  4.164   1.00 26.62 ? 41  ASP A CA  1 
ATOM   251  C C   . ASP A 1 41 ? -4.366  -9.662  2.803   1.00 28.59 ? 41  ASP A C   1 
ATOM   252  O O   . ASP A 1 41 ? -3.682  -8.752  2.343   1.00 26.61 ? 41  ASP A O   1 
ATOM   253  C CB  . ASP A 1 41 ? -6.319  -8.766  4.017   1.00 29.16 ? 41  ASP A CB  1 
ATOM   254  C CG  . ASP A 1 41 ? -7.170  -8.819  5.269   1.00 33.90 ? 41  ASP A CG  1 
ATOM   255  O OD1 . ASP A 1 41 ? -7.715  -9.926  5.550   1.00 36.29 ? 41  ASP A OD1 1 
ATOM   256  O OD2 . ASP A 1 41 ? -7.269  -7.774  5.971   1.00 33.98 ? 41  ASP A OD2 1 
ATOM   257  N N   . ILE A 1 42 ? -4.603  -10.791 2.149   1.00 27.34 ? 42  ILE A N   1 
ATOM   258  C CA  . ILE A 1 42 ? -4.062  -11.019 0.816   1.00 29.78 ? 42  ILE A CA  1 
ATOM   259  C C   . ILE A 1 42 ? -4.537  -9.969  -0.206  1.00 29.42 ? 42  ILE A C   1 
ATOM   260  O O   . ILE A 1 42 ? -3.784  -9.601  -1.118  1.00 27.79 ? 42  ILE A O   1 
ATOM   261  C CB  . ILE A 1 42 ? -4.339  -12.455 0.315   1.00 33.01 ? 42  ILE A CB  1 
ATOM   262  C CG1 . ILE A 1 42 ? -3.356  -12.823 -0.796  1.00 37.43 ? 42  ILE A CG1 1 
ATOM   263  C CG2 . ILE A 1 42 ? -5.766  -12.624 -0.174  1.00 37.12 ? 42  ILE A CG2 1 
ATOM   264  C CD1 . ILE A 1 42 ? -1.952  -13.125 -0.284  1.00 37.78 ? 42  ILE A CD1 1 
ATOM   265  N N   . GLU A 1 43 ? -5.762  -9.455  -0.042  1.00 26.58 ? 43  GLU A N   1 
ATOM   266  C CA  . GLU A 1 43 ? -6.240  -8.376  -0.914  1.00 27.45 ? 43  GLU A CA  1 
ATOM   267  C C   . GLU A 1 43 ? -5.239  -7.202  -0.943  1.00 24.94 ? 43  GLU A C   1 
ATOM   268  O O   . GLU A 1 43 ? -4.909  -6.641  -1.996  1.00 24.26 ? 43  GLU A O   1 
ATOM   269  C CB  . GLU A 1 43 ? -7.597  -7.867  -0.435  1.00 26.88 ? 43  GLU A CB  1 
ATOM   270  C CG  . GLU A 1 43 ? -8.121  -6.704  -1.280  1.00 25.53 ? 43  GLU A CG  1 
ATOM   271  C CD  . GLU A 1 43 ? -9.455  -6.158  -0.854  1.00 25.67 ? 43  GLU A CD  1 
ATOM   272  O OE1 . GLU A 1 43 ? -9.765  -6.146  0.367   1.00 27.01 ? 43  GLU A OE1 1 
ATOM   273  O OE2 . GLU A 1 43 ? -10.183 -5.700  -1.746  1.00 25.08 ? 43  GLU A OE2 1 
ATOM   274  N N   . THR A 1 44 ? -4.754  -6.850  0.239   1.00 24.21 ? 44  THR A N   1 
ATOM   275  C CA  . THR A 1 44 ? -3.815  -5.750  0.374   1.00 24.97 ? 44  THR A CA  1 
ATOM   276  C C   . THR A 1 44 ? -2.463  -6.025  -0.267  1.00 26.12 ? 44  THR A C   1 
ATOM   277  O O   . THR A 1 44 ? -1.847  -5.129  -0.843  1.00 24.25 ? 44  THR A O   1 
ATOM   278  C CB  . THR A 1 44 ? -3.630  -5.412  1.853   1.00 23.78 ? 44  THR A CB  1 
ATOM   279  O OG1 . THR A 1 44 ? -4.922  -5.245  2.481   1.00 23.03 ? 44  THR A OG1 1 
ATOM   280  C CG2 . THR A 1 44 ? -2.799  -4.136  2.033   1.00 24.88 ? 44  THR A CG2 1 
ATOM   281  N N   . VAL A 1 45 ? -1.990  -7.253  -0.139  1.00 24.93 ? 45  VAL A N   1 
ATOM   282  C CA  . VAL A 1 45 ? -0.797  -7.671  -0.837  1.00 26.16 ? 45  VAL A CA  1 
ATOM   283  C C   . VAL A 1 45 ? -0.985  -7.478  -2.350  1.00 25.60 ? 45  VAL A C   1 
ATOM   284  O O   . VAL A 1 45 ? -0.138  -6.856  -3.034  1.00 27.00 ? 45  VAL A O   1 
ATOM   285  C CB  . VAL A 1 45 ? -0.440  -9.134  -0.510  1.00 25.82 ? 45  VAL A CB  1 
ATOM   286  C CG1 . VAL A 1 45 ? 0.744   -9.601  -1.362  1.00 25.65 ? 45  VAL A CG1 1 
ATOM   287  C CG2 . VAL A 1 45 ? -0.130  -9.258  0.976   1.00 26.12 ? 45  VAL A CG2 1 
ATOM   288  N N   . GLN A 1 46 ? -2.099  -7.966  -2.869  1.00 26.52 ? 46  GLN A N   1 
ATOM   289  C CA  . GLN A 1 46 ? -2.379  -7.868  -4.301  1.00 28.52 ? 46  GLN A CA  1 
ATOM   290  C C   . GLN A 1 46 ? -2.473  -6.408  -4.747  1.00 29.54 ? 46  GLN A C   1 
ATOM   291  O O   . GLN A 1 46 ? -1.967  -6.044  -5.830  1.00 29.05 ? 46  GLN A O   1 
ATOM   292  C CB  . GLN A 1 46 ? -3.653  -8.639  -4.677  1.00 32.24 ? 46  GLN A CB  1 
ATOM   293  C CG  . GLN A 1 46 ? -3.527  -10.147 -4.514  1.00 38.06 ? 46  GLN A CG  1 
ATOM   294  C CD  . GLN A 1 46 ? -4.870  -10.886 -4.440  1.00 44.89 ? 46  GLN A CD  1 
ATOM   295  O OE1 . GLN A 1 46 ? -5.902  -10.326 -4.078  1.00 46.88 ? 46  GLN A OE1 1 
ATOM   296  N NE2 . GLN A 1 46 ? -4.845  -12.167 -4.765  1.00 52.25 ? 46  GLN A NE2 1 
ATOM   297  N N   . GLY A 1 47 ? -3.061  -5.558  -3.900  1.00 26.49 ? 47  GLY A N   1 
ATOM   298  C CA  . GLY A 1 47 ? -3.177  -4.148  -4.223  1.00 27.07 ? 47  GLY A CA  1 
ATOM   299  C C   . GLY A 1 47 ? -1.821  -3.486  -4.307  1.00 28.27 ? 47  GLY A C   1 
ATOM   300  O O   . GLY A 1 47 ? -1.509  -2.829  -5.309  1.00 26.70 ? 47  GLY A O   1 
ATOM   301  N N   . PHE A 1 48 ? -1.012  -3.659  -3.263  1.00 25.00 ? 48  PHE A N   1 
ATOM   302  C CA  . PHE A 1 48 ? 0.344   -3.064  -3.270  1.00 25.38 ? 48  PHE A CA  1 
ATOM   303  C C   . PHE A 1 48 ? 1.249   -3.614  -4.352  1.00 25.81 ? 48  PHE A C   1 
ATOM   304  O O   . PHE A 1 48 ? 2.102   -2.875  -4.877  1.00 25.59 ? 48  PHE A O   1 
ATOM   305  C CB  . PHE A 1 48 ? 0.970   -3.092  -1.888  1.00 25.51 ? 48  PHE A CB  1 
ATOM   306  C CG  . PHE A 1 48 ? 0.534   -1.928  -1.055  1.00 27.86 ? 48  PHE A CG  1 
ATOM   307  C CD1 . PHE A 1 48 ? 1.074   -0.673  -1.274  1.00 26.19 ? 48  PHE A CD1 1 
ATOM   308  C CD2 . PHE A 1 48 ? -0.495  -2.045  -0.135  1.00 28.65 ? 48  PHE A CD2 1 
ATOM   309  C CE1 . PHE A 1 48 ? 0.651   0.425   -0.561  1.00 26.98 ? 48  PHE A CE1 1 
ATOM   310  C CE2 . PHE A 1 48 ? -0.918  -0.936  0.589   1.00 29.57 ? 48  PHE A CE2 1 
ATOM   311  C CZ  . PHE A 1 48 ? -0.354  0.308   0.363   1.00 28.38 ? 48  PHE A CZ  1 
ATOM   312  N N   . GLN A 1 49 ? 1.019   -4.860  -4.752  1.00 24.80 ? 49  GLN A N   1 
ATOM   313  C CA  . GLN A 1 49 ? 1.793   -5.449  -5.847  1.00 28.35 ? 49  GLN A CA  1 
ATOM   314  C C   . GLN A 1 49 ? 1.577   -4.717  -7.168  1.00 29.63 ? 49  GLN A C   1 
ATOM   315  O O   . GLN A 1 49 ? 2.394   -4.865  -8.090  1.00 28.61 ? 49  GLN A O   1 
ATOM   316  C CB  . GLN A 1 49 ? 1.494   -6.931  -6.004  1.00 28.94 ? 49  GLN A CB  1 
ATOM   317  C CG  . GLN A 1 49 ? 2.236   -7.747  -4.962  1.00 30.79 ? 49  GLN A CG  1 
ATOM   318  C CD  . GLN A 1 49 ? 1.945   -9.230  -5.005  1.00 33.93 ? 49  GLN A CD  1 
ATOM   319  O OE1 . GLN A 1 49 ? 0.881   -9.663  -5.465  1.00 33.95 ? 49  GLN A OE1 1 
ATOM   320  N NE2 . GLN A 1 49 ? 2.874   -10.022 -4.451  1.00 34.92 ? 49  GLN A NE2 1 
ATOM   321  N N   . GLN A 1 50 ? 0.502   -3.930  -7.272  1.00 28.34 ? 50  GLN A N   1 
ATOM   322  C CA  . GLN A 1 50 ? 0.299   -3.077  -8.469  0.50 27.04 ? 50  GLN A CA  1 
ATOM   323  C C   . GLN A 1 50 ? 1.215   -1.861  -8.556  1.00 27.95 ? 50  GLN A C   1 
ATOM   324  O O   . GLN A 1 50 ? 1.402   -1.304  -9.660  1.00 28.45 ? 50  GLN A O   1 
ATOM   325  C CB  . GLN A 1 50 ? -1.142  -2.582  -8.547  0.50 28.43 ? 50  GLN A CB  1 
ATOM   326  C CG  . GLN A 1 50 ? -2.154  -3.694  -8.590  0.50 30.25 ? 50  GLN A CG  1 
ATOM   327  C CD  . GLN A 1 50 ? -3.470  -3.252  -9.181  0.50 36.43 ? 50  GLN A CD  1 
ATOM   328  O OE1 . GLN A 1 50 ? -4.270  -4.080  -9.621  0.50 41.13 ? 50  GLN A OE1 1 
ATOM   329  N NE2 . GLN A 1 50 ? -3.692  -1.935  -9.230  0.50 38.31 ? 50  GLN A NE2 1 
ATOM   330  N N   . ILE A 1 51 ? 1.736   -1.392  -7.425  1.00 26.94 ? 51  ILE A N   1 
ATOM   331  C CA  . ILE A 1 51 ? 2.543   -0.163  -7.368  1.00 28.12 ? 51  ILE A CA  1 
ATOM   332  C C   . ILE A 1 51 ? 3.955   -0.317  -6.807  1.00 30.48 ? 51  ILE A C   1 
ATOM   333  O O   . ILE A 1 51 ? 4.791   0.560   -7.066  1.00 30.30 ? 51  ILE A O   1 
ATOM   334  C CB  . ILE A 1 51 ? 1.805   0.988   -6.662  1.00 28.85 ? 51  ILE A CB  1 
ATOM   335  C CG1 . ILE A 1 51 ? 1.472   0.624   -5.194  1.00 29.93 ? 51  ILE A CG1 1 
ATOM   336  C CG2 . ILE A 1 51 ? 0.572   1.358   -7.516  1.00 30.00 ? 51  ILE A CG2 1 
ATOM   337  C CD1 . ILE A 1 51 ? 1.057   1.777   -4.300  1.00 28.48 ? 51  ILE A CD1 1 
ATOM   338  N N   . ILE A 1 52 ? 4.234   -1.380  -6.035  1.00 28.08 ? 52  ILE A N   1 
ATOM   339  C CA  . ILE A 1 52 ? 5.601   -1.589  -5.490  1.00 27.22 ? 52  ILE A CA  1 
ATOM   340  C C   . ILE A 1 52 ? 6.070   -3.025  -5.705  1.00 27.97 ? 52  ILE A C   1 
ATOM   341  O O   . ILE A 1 52 ? 5.234   -3.945  -5.812  1.00 26.87 ? 52  ILE A O   1 
ATOM   342  C CB  . ILE A 1 52 ? 5.742   -1.166  -4.008  1.00 25.08 ? 52  ILE A CB  1 
ATOM   343  C CG1 . ILE A 1 52 ? 4.816   -1.988  -3.070  1.00 25.41 ? 52  ILE A CG1 1 
ATOM   344  C CG2 . ILE A 1 52 ? 5.518   0.335   -3.860  1.00 28.53 ? 52  ILE A CG2 1 
ATOM   345  C CD1 . ILE A 1 52 ? 4.993   -1.733  -1.584  1.00 25.33 ? 52  ILE A CD1 1 
ATOM   346  N N   . PRO A 1 53 ? 7.403   -3.233  -5.761  1.00 28.93 ? 53  PRO A N   1 
ATOM   347  C CA  . PRO A 1 53 ? 7.907   -4.579  -5.960  1.00 26.86 ? 53  PRO A CA  1 
ATOM   348  C C   . PRO A 1 53 ? 7.570   -5.503  -4.788  1.00 23.74 ? 53  PRO A C   1 
ATOM   349  O O   . PRO A 1 53 ? 7.389   -5.034  -3.646  1.00 23.16 ? 53  PRO A O   1 
ATOM   350  C CB  . PRO A 1 53 ? 9.441   -4.396  -6.090  1.00 29.39 ? 53  PRO A CB  1 
ATOM   351  C CG  . PRO A 1 53 ? 9.740   -2.968  -5.785  1.00 30.24 ? 53  PRO A CG  1 
ATOM   352  C CD  . PRO A 1 53 ? 8.461   -2.200  -5.864  1.00 29.12 ? 53  PRO A CD  1 
ATOM   353  N N   . SER A 1 54 ? 7.499   -6.783  -5.098  1.00 24.75 ? 54  SER A N   1 
ATOM   354  C CA  . SER A 1 54 ? 7.291   -7.815  -4.056  1.00 26.74 ? 54  SER A CA  1 
ATOM   355  C C   . SER A 1 54 ? 8.437   -8.836  -4.123  1.00 25.11 ? 54  SER A C   1 
ATOM   356  O O   . SER A 1 54 ? 8.589   -9.537  -5.141  1.00 25.29 ? 54  SER A O   1 
ATOM   357  C CB  . SER A 1 54 ? 5.949   -8.463  -4.281  1.00 26.75 ? 54  SER A CB  1 
ATOM   358  O OG  . SER A 1 54 ? 5.683   -9.454  -3.292  1.00 28.73 ? 54  SER A OG  1 
ATOM   359  N N   . ILE A 1 55 ? 9.260   -8.861  -3.076  1.00 24.25 ? 55  ILE A N   1 
ATOM   360  C CA  . ILE A 1 55 ? 10.478  -9.683  -3.036  1.00 22.94 ? 55  ILE A CA  1 
ATOM   361  C C   . ILE A 1 55 ? 10.484  -10.668 -1.874  1.00 23.97 ? 55  ILE A C   1 
ATOM   362  O O   . ILE A 1 55 ? 9.665   -10.575 -0.974  1.00 22.39 ? 55  ILE A O   1 
ATOM   363  C CB  . ILE A 1 55 ? 11.746  -8.800  -3.037  1.00 23.23 ? 55  ILE A CB  1 
ATOM   364  C CG1 . ILE A 1 55 ? 11.926  -8.036  -1.717  1.00 23.32 ? 55  ILE A CG1 1 
ATOM   365  C CG2 . ILE A 1 55 ? 11.712  -7.900  -4.264  1.00 23.65 ? 55  ILE A CG2 1 
ATOM   366  C CD1 . ILE A 1 55 ? 13.281  -7.368  -1.575  1.00 25.28 ? 55  ILE A CD1 1 
ATOM   367  N N   . ASN A 1 56 ? 11.411  -11.629 -1.937  1.00 24.19 ? 56  ASN A N   1 
ATOM   368  C CA  . ASN A 1 56 ? 11.605  -12.637 -0.892  1.00 22.92 ? 56  ASN A CA  1 
ATOM   369  C C   . ASN A 1 56 ? 12.760  -12.231 0.038   1.00 24.33 ? 56  ASN A C   1 
ATOM   370  O O   . ASN A 1 56 ? 13.832  -11.816 -0.434  1.00 22.73 ? 56  ASN A O   1 
ATOM   371  C CB  . ASN A 1 56 ? 11.936  -14.011 -1.485  1.00 25.59 ? 56  ASN A CB  1 
ATOM   372  C CG  . ASN A 1 56 ? 10.753  -14.686 -2.142  1.00 27.91 ? 56  ASN A CG  1 
ATOM   373  O OD1 . ASN A 1 56 ? 10.135  -14.130 -3.043  1.00 30.07 ? 56  ASN A OD1 1 
ATOM   374  N ND2 . ASN A 1 56 ? 10.444  -15.924 -1.725  1.00 27.60 ? 56  ASN A ND2 1 
ATOM   375  N N   . ILE A 1 57 ? 12.534  -12.301 1.343   1.00 22.00 ? 57  ILE A N   1 
ATOM   376  C CA  . ILE A 1 57 ? 13.548  -12.047 2.353   1.00 21.99 ? 57  ILE A CA  1 
ATOM   377  C C   . ILE A 1 57 ? 13.391  -13.137 3.393   1.00 23.84 ? 57  ILE A C   1 
ATOM   378  O O   . ILE A 1 57 ? 12.305  -13.308 3.925   1.00 23.87 ? 57  ILE A O   1 
ATOM   379  C CB  . ILE A 1 57 ? 13.401  -10.675 3.029   1.00 24.17 ? 57  ILE A CB  1 
ATOM   380  C CG1 . ILE A 1 57 ? 13.454  -9.538  1.989   1.00 24.54 ? 57  ILE A CG1 1 
ATOM   381  C CG2 . ILE A 1 57 ? 14.454  -10.471 4.096   1.00 24.65 ? 57  ILE A CG2 1 
ATOM   382  C CD1 . ILE A 1 57 ? 13.375  -8.143  2.607   1.00 25.94 ? 57  ILE A CD1 1 
ATOM   383  N N   . SER A 1 58 ? 14.466  -13.871 3.647   1.00 23.65 ? 58  SER A N   1 
ATOM   384  C CA  . SER A 1 58 ? 14.451  -14.924 4.706   0.50 20.83 ? 58  SER A CA  1 
ATOM   385  C C   . SER A 1 58 ? 14.184  -14.318 6.076   1.00 24.78 ? 58  SER A C   1 
ATOM   386  O O   . SER A 1 58 ? 14.556  -13.171 6.379   1.00 24.88 ? 58  SER A O   1 
ATOM   387  C CB  . SER A 1 58 ? 15.792  -15.677 4.766   0.50 21.47 ? 58  SER A CB  1 
ATOM   388  O OG  . SER A 1 58 ? 16.790  -14.874 5.374   0.50 21.92 ? 58  SER A OG  1 
ATOM   389  N N   . LYS A 1 59 ? 13.532  -15.074 6.955   1.00 24.42 ? 59  LYS A N   1 
ATOM   390  C CA  . LYS A 1 59 ? 13.330  -14.563 8.310   1.00 27.20 ? 59  LYS A CA  1 
ATOM   391  C C   . LYS A 1 59 ? 14.627  -14.113 8.968   1.00 26.68 ? 59  LYS A C   1 
ATOM   392  O O   . LYS A 1 59 ? 14.661  -13.066 9.570   1.00 26.23 ? 59  LYS A O   1 
ATOM   393  C CB  . LYS A 1 59 ? 12.652  -15.621 9.190   1.00 30.72 ? 59  LYS A CB  1 
ATOM   394  C CG  . LYS A 1 59 ? 12.305  -15.094 10.580  1.00 37.39 ? 59  LYS A CG  1 
ATOM   395  C CD  . LYS A 1 59 ? 11.481  -16.090 11.365  1.00 43.34 ? 59  LYS A CD  1 
ATOM   396  C CE  . LYS A 1 59 ? 11.371  -15.678 12.829  1.00 47.07 ? 59  LYS A CE  1 
ATOM   397  N NZ  . LYS A 1 59 ? 10.644  -16.713 13.611  1.00 51.39 ? 59  LYS A NZ  1 
ATOM   398  N N   . SER A 1 60 ? 15.720  -14.871 8.795   1.00 28.22 ? 60  SER A N   1 
ATOM   399  C CA  . SER A 1 60 ? 17.013  -14.528 9.401   1.00 30.16 ? 60  SER A CA  1 
ATOM   400  C C   . SER A 1 60 ? 17.626  -13.187 8.935   1.00 30.43 ? 60  SER A C   1 
ATOM   401  O O   . SER A 1 60 ? 18.422  -12.608 9.656   1.00 31.41 ? 60  SER A O   1 
ATOM   402  C CB  . SER A 1 60 ? 18.051  -15.662 9.214   1.00 32.04 ? 60  SER A CB  1 
ATOM   403  O OG  . SER A 1 60 ? 18.388  -15.867 7.839   1.00 37.16 ? 60  SER A OG  1 
ATOM   404  N N   . ASP A 1 61 ? 17.238  -12.716 7.761   1.00 26.63 ? 61  ASP A N   1 
ATOM   405  C CA  . ASP A 1 61 ? 17.731  -11.459 7.192   1.00 25.96 ? 61  ASP A CA  1 
ATOM   406  C C   . ASP A 1 61 ? 16.858  -10.235 7.444   1.00 27.16 ? 61  ASP A C   1 
ATOM   407  O O   . ASP A 1 61 ? 17.292  -9.110  7.177   1.00 26.97 ? 61  ASP A O   1 
ATOM   408  C CB  . ASP A 1 61 ? 17.933  -11.633 5.688   1.00 25.41 ? 61  ASP A CB  1 
ATOM   409  C CG  . ASP A 1 61 ? 19.165  -12.441 5.371   1.00 24.38 ? 61  ASP A CG  1 
ATOM   410  O OD1 . ASP A 1 61 ? 20.168  -12.199 6.048   1.00 25.51 ? 61  ASP A OD1 1 
ATOM   411  O OD2 . ASP A 1 61 ? 19.125  -13.291 4.462   1.00 24.76 ? 61  ASP A OD2 1 
ATOM   412  N N   . VAL A 1 62 ? 15.652  -10.439 7.963   1.00 27.82 ? 62  VAL A N   1 
ATOM   413  C CA  . VAL A 1 62 ? 14.726  -9.316  8.173   1.00 27.55 ? 62  VAL A CA  1 
ATOM   414  C C   . VAL A 1 62 ? 15.382  -8.239  9.061   1.00 29.73 ? 62  VAL A C   1 
ATOM   415  O O   . VAL A 1 62 ? 15.357  -7.059  8.703   1.00 29.42 ? 62  VAL A O   1 
ATOM   416  C CB  . VAL A 1 62 ? 13.359  -9.783  8.736   1.00 25.87 ? 62  VAL A CB  1 
ATOM   417  C CG1 . VAL A 1 62 ? 12.516  -8.581  9.153   1.00 27.36 ? 62  VAL A CG1 1 
ATOM   418  C CG2 . VAL A 1 62 ? 12.583  -10.543 7.666   1.00 26.11 ? 62  VAL A CG2 1 
ATOM   419  N N   . GLU A 1 63 ? 16.013  -8.659  10.163  1.00 30.74 ? 63  GLU A N   1 
ATOM   420  C CA  . GLU A 1 63 ? 16.637  -7.727  11.139  1.00 33.43 ? 63  GLU A CA  1 
ATOM   421  C C   . GLU A 1 63 ? 17.641  -6.774  10.485  1.00 33.03 ? 63  GLU A C   1 
ATOM   422  O O   . GLU A 1 63 ? 17.584  -5.568  10.710  1.00 33.65 ? 63  GLU A O   1 
ATOM   423  C CB  . GLU A 1 63 ? 17.301  -8.495  12.298  1.00 38.37 ? 63  GLU A CB  1 
ATOM   424  C CG  . GLU A 1 63 ? 17.707  -7.608  13.482  1.00 44.75 ? 63  GLU A CG  1 
ATOM   425  C CD  . GLU A 1 63 ? 18.641  -8.284  14.486  1.00 46.81 ? 63  GLU A CD  1 
ATOM   426  O OE1 . GLU A 1 63 ? 19.168  -7.552  15.348  1.00 56.20 ? 63  GLU A OE1 1 
ATOM   427  O OE2 . GLU A 1 63 ? 18.863  -9.515  14.426  1.00 48.11 ? 63  GLU A OE2 1 
ATOM   428  N N   . ALA A 1 64 ? 18.536  -7.315  9.659   1.00 33.49 ? 64  ALA A N   1 
ATOM   429  C CA  . ALA A 1 64 ? 19.514  -6.509  8.924   1.00 33.48 ? 64  ALA A CA  1 
ATOM   430  C C   . ALA A 1 64 ? 18.878  -5.544  7.912   1.00 34.54 ? 64  ALA A C   1 
ATOM   431  O O   . ALA A 1 64 ? 19.327  -4.408  7.795   1.00 35.28 ? 64  ALA A O   1 
ATOM   432  C CB  . ALA A 1 64 ? 20.517  -7.410  8.222   1.00 36.90 ? 64  ALA A CB  1 
ATOM   433  N N   . ILE A 1 65 ? 17.829  -5.993  7.207   1.00 31.27 ? 65  ILE A N   1 
ATOM   434  C CA  . ILE A 1 65 ? 17.109  -5.140  6.263   1.00 31.93 ? 65  ILE A CA  1 
ATOM   435  C C   . ILE A 1 65 ? 16.452  -3.938  6.973   1.00 35.09 ? 65  ILE A C   1 
ATOM   436  O O   . ILE A 1 65 ? 16.571  -2.798  6.509   1.00 33.81 ? 65  ILE A O   1 
ATOM   437  C CB  . ILE A 1 65 ? 16.085  -5.936  5.424   1.00 32.64 ? 65  ILE A CB  1 
ATOM   438  C CG1 . ILE A 1 65 ? 16.806  -7.015  4.596   1.00 32.31 ? 65  ILE A CG1 1 
ATOM   439  C CG2 . ILE A 1 65 ? 15.308  -5.001  4.496   1.00 33.17 ? 65  ILE A CG2 1 
ATOM   440  C CD1 . ILE A 1 65 ? 17.918  -6.495  3.700   1.00 35.35 ? 65  ILE A CD1 1 
ATOM   441  N N   . GLU A 1 66 ? 15.813  -4.210  8.108   1.00 33.06 ? 66  GLU A N   1 
ATOM   442  C CA  . GLU A 1 66 ? 15.228  -3.185  8.961   1.00 37.54 ? 66  GLU A CA  1 
ATOM   443  C C   . GLU A 1 66 ? 16.243  -2.107  9.364   1.00 38.78 ? 66  GLU A C   1 
ATOM   444  O O   . GLU A 1 66 ? 15.911  -0.921  9.339   1.00 39.63 ? 66  GLU A O   1 
ATOM   445  C CB  . GLU A 1 66 ? 14.630  -3.817  10.222  1.00 38.17 ? 66  GLU A CB  1 
ATOM   446  C CG  . GLU A 1 66 ? 13.411  -4.662  9.957   1.00 36.73 ? 66  GLU A CG  1 
ATOM   447  C CD  . GLU A 1 66 ? 12.957  -5.449  11.187  1.00 39.31 ? 66  GLU A CD  1 
ATOM   448  O OE1 . GLU A 1 66 ? 11.767  -5.679  11.319  1.00 37.17 ? 66  GLU A OE1 1 
ATOM   449  O OE2 . GLU A 1 66 ? 13.787  -5.843  12.023  1.00 42.64 ? 66  GLU A OE2 1 
ATOM   450  N N   . LYS A 1 67 ? 17.464  -2.526  9.713   1.00 42.10 ? 67  LYS A N   1 
ATOM   451  C CA  . LYS A 1 67 ? 18.583  -1.591  9.974   1.00 46.50 ? 67  LYS A CA  1 
ATOM   452  C C   . LYS A 1 67 ? 18.824  -0.641  8.786   1.00 47.68 ? 67  LYS A C   1 
ATOM   453  O O   . LYS A 1 67 ? 18.968  0.572   8.969   1.00 49.87 ? 67  LYS A O   1 
ATOM   454  C CB  . LYS A 1 67 ? 19.880  -2.369  10.304  1.00 47.13 ? 67  LYS A CB  1 
ATOM   455  C CG  . LYS A 1 67 ? 21.033  -1.526  10.856  1.00 49.76 ? 67  LYS A CG  1 
ATOM   456  C CD  . LYS A 1 67 ? 22.362  -2.270  10.828  1.00 49.99 ? 67  LYS A CD  1 
ATOM   457  N N   . ALA A 1 68 ? 18.856  -1.195  7.576   1.00 45.58 ? 68  ALA A N   1 
ATOM   458  C CA  . ALA A 1 68 ? 19.103  -0.429  6.351   1.00 45.21 ? 68  ALA A CA  1 
ATOM   459  C C   . ALA A 1 68 ? 17.915  0.404   5.876   1.00 47.89 ? 68  ALA A C   1 
ATOM   460  O O   . ALA A 1 68 ? 18.104  1.424   5.192   1.00 47.95 ? 68  ALA A O   1 
ATOM   461  C CB  . ALA A 1 68 ? 19.519  -1.368  5.240   1.00 45.22 ? 68  ALA A CB  1 
ATOM   462  N N   . MET A 1 69 ? 16.701  -0.045  6.201   1.00 47.17 ? 69  MET A N   1 
ATOM   463  C CA  . MET A 1 69 ? 15.472  0.647   5.812   1.00 49.63 ? 69  MET A CA  1 
ATOM   464  C C   . MET A 1 69 ? 14.934  1.498   6.989   1.00 61.17 ? 69  MET A C   1 
ATOM   465  O O   . MET A 1 69 ? 13.726  1.746   7.075   1.00 62.08 ? 69  MET A O   1 
ATOM   466  C CB  . MET A 1 69 ? 14.427  -0.371  5.322   1.00 44.57 ? 69  MET A CB  1 
ATOM   467  C CG  . MET A 1 69 ? 14.851  -1.207  4.123   1.00 41.83 ? 69  MET A CG  1 
ATOM   468  S SD  . MET A 1 69 ? 15.066  -0.321  2.554   1.00 40.11 ? 69  MET A SD  1 
ATOM   469  C CE  . MET A 1 69 ? 13.380  0.204   2.226   1.00 43.12 ? 69  MET A CE  1 
ATOM   470  N N   . LYS A 1 70 ? 15.845  1.987   7.849   1.00 65.91 ? 70  LYS A N   1 
ATOM   471  C CA  . LYS A 1 70 ? 15.494  2.603   9.145   1.00 71.02 ? 70  LYS A CA  1 
ATOM   472  C C   . LYS A 1 70 ? 15.229  4.106   9.007   1.00 73.11 ? 70  LYS A C   1 
ATOM   473  O O   . LYS A 1 70 ? 16.140  4.933   9.132   1.00 75.72 ? 70  LYS A O   1 
ATOM   474  C CB  . LYS A 1 70 ? 16.614  2.339   10.174  1.00 70.85 ? 70  LYS A CB  1 
ATOM   475  C CG  . LYS A 1 70 ? 16.321  2.812   11.591  1.00 73.27 ? 70  LYS A CG  1 
ATOM   476  N N   . ASN B 1 9  ? 3.663   13.214  -12.948 1.00 74.83 ? 9   ASN B N   1 
ATOM   477  C CA  . ASN B 1 9  ? 4.545   14.429  -12.982 1.00 68.86 ? 9   ASN B CA  1 
ATOM   478  C C   . ASN B 1 9  ? 3.743   15.695  -13.299 1.00 62.93 ? 9   ASN B C   1 
ATOM   479  O O   . ASN B 1 9  ? 3.494   16.522  -12.400 1.00 55.73 ? 9   ASN B O   1 
ATOM   480  C CB  . ASN B 1 9  ? 5.695   14.219  -13.989 1.00 75.65 ? 9   ASN B CB  1 
ATOM   481  C CG  . ASN B 1 9  ? 6.611   15.424  -14.104 1.00 78.26 ? 9   ASN B CG  1 
ATOM   482  O OD1 . ASN B 1 9  ? 6.898   15.889  -15.206 1.00 82.67 ? 9   ASN B OD1 1 
ATOM   483  N ND2 . ASN B 1 9  ? 7.084   15.924  -12.968 1.00 78.22 ? 9   ASN B ND2 1 
ATOM   484  N N   . VAL B 1 10 ? 3.301   15.788  -14.561 1.00 54.06 ? 10  VAL B N   1 
ATOM   485  C CA  . VAL B 1 10 ? 2.565   16.947  -15.111 1.00 45.54 ? 10  VAL B CA  1 
ATOM   486  C C   . VAL B 1 10 ? 1.241   17.294  -14.402 1.00 39.85 ? 10  VAL B C   1 
ATOM   487  O O   . VAL B 1 10 ? 0.800   18.445  -14.452 1.00 33.95 ? 10  VAL B O   1 
ATOM   488  C CB  . VAL B 1 10 ? 2.293   16.746  -16.629 1.00 47.03 ? 10  VAL B CB  1 
ATOM   489  C CG1 . VAL B 1 10 ? 1.305   15.610  -16.898 1.00 47.16 ? 10  VAL B CG1 1 
ATOM   490  C CG2 . VAL B 1 10 ? 1.795   18.021  -17.258 1.00 46.29 ? 10  VAL B CG2 1 
ATOM   491  N N   . SER B 1 11 ? 0.617   16.316  -13.754 1.00 35.07 ? 11  SER B N   1 
ATOM   492  C CA  . SER B 1 11 ? -0.684  16.537  -13.077 1.00 35.29 ? 11  SER B CA  1 
ATOM   493  C C   . SER B 1 11 ? -0.603  17.313  -11.781 1.00 34.16 ? 11  SER B C   1 
ATOM   494  O O   . SER B 1 11 ? -1.618  17.788  -11.283 1.00 35.01 ? 11  SER B O   1 
ATOM   495  C CB  . SER B 1 11 ? -1.321  15.201  -12.767 1.00 35.42 ? 11  SER B CB  1 
ATOM   496  O OG  . SER B 1 11 ? -0.512  14.555  -11.788 1.00 34.32 ? 11  SER B OG  1 
ATOM   497  N N   . GLY B 1 12 ? 0.587   17.394  -11.183 1.00 33.11 ? 12  GLY B N   1 
ATOM   498  C CA  . GLY B 1 12 ? 0.729   17.967  -9.889  1.00 33.74 ? 12  GLY B CA  1 
ATOM   499  C C   . GLY B 1 12 ? 0.126   17.110  -8.797  1.00 32.12 ? 12  GLY B C   1 
ATOM   500  O O   . GLY B 1 12 ? -0.119  17.603  -7.720  1.00 36.39 ? 12  GLY B O   1 
ATOM   501  N N   . VAL B 1 13 ? -0.084  15.827  -9.063  1.00 31.82 ? 13  VAL B N   1 
ATOM   502  C CA  . VAL B 1 13 ? -0.709  14.911  -8.085  1.00 30.10 ? 13  VAL B CA  1 
ATOM   503  C C   . VAL B 1 13 ? 0.160   13.663  -7.980  1.00 28.34 ? 13  VAL B C   1 
ATOM   504  O O   . VAL B 1 13 ? 0.406   12.998  -8.992  1.00 29.02 ? 13  VAL B O   1 
ATOM   505  C CB  . VAL B 1 13 ? -2.118  14.481  -8.528  1.00 31.49 ? 13  VAL B CB  1 
ATOM   506  C CG1 . VAL B 1 13 ? -2.734  13.505  -7.509  1.00 31.51 ? 13  VAL B CG1 1 
ATOM   507  C CG2 . VAL B 1 13 ? -3.028  15.686  -8.737  1.00 32.33 ? 13  VAL B CG2 1 
ATOM   508  N N   . GLN B 1 14 ? 0.618   13.372  -6.764  1.00 30.19 ? 14  GLN B N   1 
ATOM   509  C CA  . GLN B 1 14 ? 1.200   12.082  -6.431  1.00 32.94 ? 14  GLN B CA  1 
ATOM   510  C C   . GLN B 1 14 ? 0.262   11.414  -5.428  1.00 28.33 ? 14  GLN B C   1 
ATOM   511  O O   . GLN B 1 14 ? -0.115  12.031  -4.429  1.00 30.83 ? 14  GLN B O   1 
ATOM   512  C CB  . GLN B 1 14 ? 2.563   12.229  -5.775  1.00 35.61 ? 14  GLN B CB  1 
ATOM   513  C CG  . GLN B 1 14 ? 3.707   12.521  -6.729  1.00 44.85 ? 14  GLN B CG  1 
ATOM   514  C CD  . GLN B 1 14 ? 5.042   12.407  -6.014  1.00 48.34 ? 14  GLN B CD  1 
ATOM   515  O OE1 . GLN B 1 14 ? 5.154   12.741  -4.833  1.00 54.71 ? 14  GLN B OE1 1 
ATOM   516  N NE2 . GLN B 1 14 ? 6.043   11.898  -6.707  1.00 56.52 ? 14  GLN B NE2 1 
ATOM   517  N N   . GLY B 1 15 ? -0.026  10.151  -5.652  1.00 27.75 ? 15  GLY B N   1 
ATOM   518  C CA  . GLY B 1 15 ? -0.868  9.396   -4.710  1.00 28.78 ? 15  GLY B CA  1 
ATOM   519  C C   . GLY B 1 15 ? -1.567  8.222   -5.315  1.00 26.51 ? 15  GLY B C   1 
ATOM   520  O O   . GLY B 1 15 ? -1.218  7.755   -6.394  1.00 25.51 ? 15  GLY B O   1 
ATOM   521  N N   . PHE B 1 16 ? -2.610  7.757   -4.627  1.00 25.65 ? 16  PHE B N   1 
ATOM   522  C CA  . PHE B 1 16 ? -3.354  6.626   -5.113  1.00 26.30 ? 16  PHE B CA  1 
ATOM   523  C C   . PHE B 1 16 ? -4.753  6.581   -4.486  1.00 24.48 ? 16  PHE B C   1 
ATOM   524  O O   . PHE B 1 16 ? -4.961  7.110   -3.409  1.00 26.50 ? 16  PHE B O   1 
ATOM   525  C CB  . PHE B 1 16 ? -2.591  5.312   -4.851  1.00 27.05 ? 16  PHE B CB  1 
ATOM   526  C CG  . PHE B 1 16 ? -2.342  5.034   -3.393  1.00 27.56 ? 16  PHE B CG  1 
ATOM   527  C CD1 . PHE B 1 16 ? -3.237  4.250   -2.655  1.00 26.53 ? 16  PHE B CD1 1 
ATOM   528  C CD2 . PHE B 1 16 ? -1.225  5.544   -2.755  1.00 27.15 ? 16  PHE B CD2 1 
ATOM   529  C CE1 . PHE B 1 16 ? -3.019  3.996   -1.312  1.00 26.86 ? 16  PHE B CE1 1 
ATOM   530  C CE2 . PHE B 1 16 ? -0.993  5.289   -1.413  1.00 27.26 ? 16  PHE B CE2 1 
ATOM   531  C CZ  . PHE B 1 16 ? -1.907  4.508   -0.687  1.00 27.32 ? 16  PHE B CZ  1 
ATOM   532  N N   . LEU B 1 17 ? -5.662  5.955   -5.219  1.00 23.93 ? 17  LEU B N   1 
ATOM   533  C CA  . LEU B 1 17 ? -6.987  5.596   -4.740  1.00 25.77 ? 17  LEU B CA  1 
ATOM   534  C C   . LEU B 1 17 ? -6.894  4.235   -4.055  1.00 25.41 ? 17  LEU B C   1 
ATOM   535  O O   . LEU B 1 17 ? -6.173  3.334   -4.511  1.00 23.84 ? 17  LEU B O   1 
ATOM   536  C CB  . LEU B 1 17 ? -7.947  5.488   -5.906  1.00 26.31 ? 17  LEU B CB  1 
ATOM   537  C CG  . LEU B 1 17 ? -8.261  6.793   -6.653  1.00 27.51 ? 17  LEU B CG  1 
ATOM   538  C CD1 . LEU B 1 17 ? -8.606  6.575   -8.097  1.00 29.86 ? 17  LEU B CD1 1 
ATOM   539  C CD2 . LEU B 1 17 ? -9.434  7.450   -5.952  1.00 31.33 ? 17  LEU B CD2 1 
ATOM   540  N N   . PHE B 1 18 ? -7.701  4.057   -3.020  1.00 23.98 ? 18  PHE B N   1 
ATOM   541  C CA  . PHE B 1 18 ? -7.801  2.748   -2.397  1.00 21.95 ? 18  PHE B CA  1 
ATOM   542  C C   . PHE B 1 18 ? -9.242  2.445   -2.021  1.00 23.62 ? 18  PHE B C   1 
ATOM   543  O O   . PHE B 1 18 ? -9.987  3.359   -1.656  1.00 25.99 ? 18  PHE B O   1 
ATOM   544  C CB  . PHE B 1 18 ? -6.825  2.551   -1.226  1.00 21.91 ? 18  PHE B CB  1 
ATOM   545  C CG  . PHE B 1 18 ? -6.904  3.563   -0.125  1.00 23.31 ? 18  PHE B CG  1 
ATOM   546  C CD1 . PHE B 1 18 ? -7.422  3.200   1.129   1.00 24.45 ? 18  PHE B CD1 1 
ATOM   547  C CD2 . PHE B 1 18 ? -6.396  4.855   -0.286  1.00 25.41 ? 18  PHE B CD2 1 
ATOM   548  C CE1 . PHE B 1 18 ? -7.453  4.107   2.181   1.00 26.04 ? 18  PHE B CE1 1 
ATOM   549  C CE2 . PHE B 1 18 ? -6.431  5.749   0.760   1.00 26.10 ? 18  PHE B CE2 1 
ATOM   550  C CZ  . PHE B 1 18 ? -6.967  5.382   1.983   1.00 27.51 ? 18  PHE B CZ  1 
ATOM   551  N N   . HIS B 1 19 ? -9.575  1.165   -2.126  1.00 25.58 ? 19  HIS B N   1 
ATOM   552  C CA  . HIS B 1 19 ? -10.873 0.618   -1.670  1.00 26.08 ? 19  HIS B CA  1 
ATOM   553  C C   . HIS B 1 19 ? -10.696 -0.866  -1.324  1.00 26.61 ? 19  HIS B C   1 
ATOM   554  O O   . HIS B 1 19 ? -9.705  -1.492  -1.719  1.00 23.01 ? 19  HIS B O   1 
ATOM   555  C CB  . HIS B 1 19 ? -11.920 0.781   -2.775  1.00 25.18 ? 19  HIS B CB  1 
ATOM   556  C CG  . HIS B 1 19 ? -11.762 -0.168  -3.910  1.00 25.49 ? 19  HIS B CG  1 
ATOM   557  N ND1 . HIS B 1 19 ? -10.814 -0.003  -4.910  1.00 24.89 ? 19  HIS B ND1 1 
ATOM   558  C CD2 . HIS B 1 19 ? -12.405 -1.320  -4.189  1.00 26.22 ? 19  HIS B CD2 1 
ATOM   559  C CE1 . HIS B 1 19 ? -10.907 -1.004  -5.764  1.00 26.96 ? 19  HIS B CE1 1 
ATOM   560  N NE2 . HIS B 1 19 ? -11.879 -1.809  -5.358  1.00 27.35 ? 19  HIS B NE2 1 
ATOM   561  N N   . THR B 1 20 ? -11.685 -1.449  -0.631  1.00 24.84 ? 20  THR B N   1 
ATOM   562  C CA  . THR B 1 20 ? -11.761 -2.899  -0.489  1.00 25.67 ? 20  THR B CA  1 
ATOM   563  C C   . THR B 1 20 ? -12.982 -3.472  -1.253  1.00 25.55 ? 20  THR B C   1 
ATOM   564  O O   . THR B 1 20 ? -14.025 -2.813  -1.366  1.00 25.78 ? 20  THR B O   1 
ATOM   565  C CB  . THR B 1 20 ? -11.829 -3.361  0.988   1.00 26.78 ? 20  THR B CB  1 
ATOM   566  O OG1 . THR B 1 20 ? -11.836 -4.797  1.019   1.00 25.40 ? 20  THR B OG1 1 
ATOM   567  C CG2 . THR B 1 20 ? -13.042 -2.826  1.684   1.00 27.74 ? 20  THR B CG2 1 
ATOM   568  N N   . ASP B 1 21 ? -12.808 -4.668  -1.798  1.00 27.32 ? 21  ASP B N   1 
ATOM   569  C CA  . ASP B 1 21 ? -13.900 -5.457  -2.388  1.00 28.44 ? 21  ASP B CA  1 
ATOM   570  C C   . ASP B 1 21 ? -14.428 -6.509  -1.392  1.00 29.80 ? 21  ASP B C   1 
ATOM   571  O O   . ASP B 1 21 ? -15.244 -7.382  -1.769  1.00 31.52 ? 21  ASP B O   1 
ATOM   572  C CB  . ASP B 1 21 ? -13.419 -6.123  -3.663  1.00 31.66 ? 21  ASP B CB  1 
ATOM   573  C CG  . ASP B 1 21 ? -13.175 -5.107  -4.790  1.00 31.97 ? 21  ASP B CG  1 
ATOM   574  O OD1 . ASP B 1 21 ? -13.844 -4.047  -4.830  1.00 33.28 ? 21  ASP B OD1 1 
ATOM   575  O OD2 . ASP B 1 21 ? -12.338 -5.404  -5.633  1.00 37.16 ? 21  ASP B OD2 1 
ATOM   576  N N   . GLY B 1 22 ? -14.010 -6.388  -0.136  1.00 30.18 ? 22  GLY B N   1 
ATOM   577  C CA  . GLY B 1 22 ? -14.430 -7.288  0.949   1.00 33.38 ? 22  GLY B CA  1 
ATOM   578  C C   . GLY B 1 22 ? -15.847 -6.995  1.381   1.00 34.63 ? 22  GLY B C   1 
ATOM   579  O O   . GLY B 1 22 ? -16.518 -6.113  0.829   1.00 32.24 ? 22  GLY B O   1 
ATOM   580  N N   . LYS B 1 23 ? -16.301 -7.723  2.401   1.00 36.77 ? 23  LYS B N   1 
ATOM   581  C CA  . LYS B 1 23 ? -17.719 -7.683  2.781   1.00 37.09 ? 23  LYS B CA  1 
ATOM   582  C C   . LYS B 1 23 ? -18.197 -6.347  3.334   1.00 35.12 ? 23  LYS B C   1 
ATOM   583  O O   . LYS B 1 23 ? -19.362 -6.019  3.155   1.00 39.02 ? 23  LYS B O   1 
ATOM   584  C CB  . LYS B 1 23 ? -18.045 -8.824  3.772   1.00 36.89 ? 23  LYS B CB  1 
ATOM   585  N N   . GLU B 1 24 ? -17.339 -5.592  4.030   1.00 35.57 ? 24  GLU B N   1 
ATOM   586  C CA  . GLU B 1 24 ? -17.692 -4.268  4.552   1.00 36.07 ? 24  GLU B CA  1 
ATOM   587  C C   . GLU B 1 24 ? -16.895 -3.187  3.821   1.00 35.38 ? 24  GLU B C   1 
ATOM   588  O O   . GLU B 1 24 ? -15.727 -2.965  4.126   1.00 35.14 ? 24  GLU B O   1 
ATOM   589  C CB  . GLU B 1 24 ? -17.403 -4.174  6.040   1.00 41.39 ? 24  GLU B CB  1 
ATOM   590  C CG  . GLU B 1 24 ? -18.182 -5.192  6.869   1.00 47.36 ? 24  GLU B CG  1 
ATOM   591  C CD  . GLU B 1 24 ? -17.979 -5.022  8.370   1.00 55.45 ? 24  GLU B CD  1 
ATOM   592  O OE1 . GLU B 1 24 ? -18.958 -5.255  9.116   1.00 64.32 ? 24  GLU B OE1 1 
ATOM   593  O OE2 . GLU B 1 24 ? -16.856 -4.655  8.807   1.00 54.28 ? 24  GLU B OE2 1 
ATOM   594  N N   . SER B 1 25 ? -17.542 -2.534  2.868   1.00 30.82 ? 25  SER B N   1 
ATOM   595  C CA  . SER B 1 25 ? -16.890 -1.442  2.110   1.00 29.72 ? 25  SER B CA  1 
ATOM   596  C C   . SER B 1 25 ? -16.633 -0.215  2.964   1.00 31.49 ? 25  SER B C   1 
ATOM   597  O O   . SER B 1 25 ? -17.414 0.110   3.849   1.00 29.46 ? 25  SER B O   1 
ATOM   598  C CB  . SER B 1 25 ? -17.738 -1.053  0.923   1.00 29.04 ? 25  SER B CB  1 
ATOM   599  O OG  . SER B 1 25 ? -17.043 -0.119  0.106   1.00 29.18 ? 25  SER B OG  1 
ATOM   600  N N   . TYR B 1 26 ? -15.529 0.493   2.701   1.00 29.38 ? 26  TYR B N   1 
ATOM   601  C CA  . TYR B 1 26 ? -15.346 1.837   3.236   1.00 29.14 ? 26  TYR B CA  1 
ATOM   602  C C   . TYR B 1 26 ? -15.409 2.889   2.104   1.00 28.16 ? 26  TYR B C   1 
ATOM   603  O O   . TYR B 1 26 ? -15.023 4.037   2.299   1.00 29.36 ? 26  TYR B O   1 
ATOM   604  C CB  . TYR B 1 26 ? -14.063 1.946   4.085   1.00 32.34 ? 26  TYR B CB  1 
ATOM   605  C CG  . TYR B 1 26 ? -12.805 1.509   3.343   1.00 30.20 ? 26  TYR B CG  1 
ATOM   606  C CD1 . TYR B 1 26 ? -12.174 2.370   2.450   1.00 29.47 ? 26  TYR B CD1 1 
ATOM   607  C CD2 . TYR B 1 26 ? -12.257 0.235   3.527   1.00 29.41 ? 26  TYR B CD2 1 
ATOM   608  C CE1 . TYR B 1 26 ? -11.031 1.982   1.756   1.00 27.87 ? 26  TYR B CE1 1 
ATOM   609  C CE2 . TYR B 1 26 ? -11.112 -0.166  2.829   1.00 28.80 ? 26  TYR B CE2 1 
ATOM   610  C CZ  . TYR B 1 26 ? -10.497 0.733   1.951   1.00 27.45 ? 26  TYR B CZ  1 
ATOM   611  O OH  . TYR B 1 26 ? -9.386  0.384   1.216   1.00 26.37 ? 26  TYR B OH  1 
ATOM   612  N N   . GLY B 1 27 ? -15.931 2.489   0.957   1.00 29.52 ? 27  GLY B N   1 
ATOM   613  C CA  . GLY B 1 27 ? -15.986 3.322   -0.240  1.00 30.86 ? 27  GLY B CA  1 
ATOM   614  C C   . GLY B 1 27 ? -14.588 3.502   -0.804  1.00 30.77 ? 27  GLY B C   1 
ATOM   615  O O   . GLY B 1 27 ? -13.695 2.682   -0.545  1.00 31.64 ? 27  GLY B O   1 
ATOM   616  N N   . TYR B 1 28 ? -14.414 4.554   -1.602  1.00 28.13 ? 28  TYR B N   1 
ATOM   617  C CA  . TYR B 1 28 ? -13.094 4.901   -2.155  1.00 28.79 ? 28  TYR B CA  1 
ATOM   618  C C   . TYR B 1 28 ? -12.485 6.026   -1.349  1.00 27.93 ? 28  TYR B C   1 
ATOM   619  O O   . TYR B 1 28 ? -13.175 6.973   -0.890  1.00 28.45 ? 28  TYR B O   1 
ATOM   620  C CB  . TYR B 1 28 ? -13.189 5.268   -3.635  1.00 27.26 ? 28  TYR B CB  1 
ATOM   621  C CG  . TYR B 1 28 ? -13.287 4.109   -4.580  1.00 27.91 ? 28  TYR B CG  1 
ATOM   622  C CD1 . TYR B 1 28 ? -12.181 3.692   -5.328  1.00 26.55 ? 28  TYR B CD1 1 
ATOM   623  C CD2 . TYR B 1 28 ? -14.485 3.450   -4.770  1.00 29.29 ? 28  TYR B CD2 1 
ATOM   624  C CE1 . TYR B 1 28 ? -12.270 2.640   -6.213  1.00 27.70 ? 28  TYR B CE1 1 
ATOM   625  C CE2 . TYR B 1 28 ? -14.599 2.413   -5.664  1.00 32.93 ? 28  TYR B CE2 1 
ATOM   626  C CZ  . TYR B 1 28 ? -13.495 2.003   -6.382  1.00 29.33 ? 28  TYR B CZ  1 
ATOM   627  O OH  . TYR B 1 28 ? -13.609 0.973   -7.273  1.00 29.47 ? 28  TYR B OH  1 
ATOM   628  N N   . ARG B 1 29 ? -11.184 5.884   -1.087  1.00 27.18 ? 29  ARG B N   1 
ATOM   629  C CA  . ARG B 1 29 ? -10.419 6.929   -0.444  1.00 27.50 ? 29  ARG B CA  1 
ATOM   630  C C   . ARG B 1 29 ? -9.218  7.173   -1.337  1.00 25.65 ? 29  ARG B C   1 
ATOM   631  O O   . ARG B 1 29 ? -9.015  6.467   -2.329  1.00 23.85 ? 29  ARG B O   1 
ATOM   632  C CB  . ARG B 1 29 ? -9.990  6.530   0.968   1.00 30.67 ? 29  ARG B CB  1 
ATOM   633  C CG  . ARG B 1 29 ? -11.154 6.352   1.960   1.00 33.35 ? 29  ARG B CG  1 
ATOM   634  C CD  . ARG B 1 29 ? -10.649 6.392   3.384   1.00 36.25 ? 29  ARG B CD  1 
ATOM   635  N NE  . ARG B 1 29 ? -11.673 6.035   4.373   1.00 41.36 ? 29  ARG B NE  1 
ATOM   636  C CZ  . ARG B 1 29 ? -11.428 5.698   5.643   1.00 45.25 ? 29  ARG B CZ  1 
ATOM   637  N NH1 . ARG B 1 29 ? -10.182 5.638   6.131   1.00 49.55 ? 29  ARG B NH1 1 
ATOM   638  N NH2 . ARG B 1 29 ? -12.443 5.395   6.446   1.00 47.70 ? 29  ARG B NH2 1 
ATOM   639  N N   . ALA B 1 30 ? -8.492  8.226   -1.033  1.00 26.57 ? 30  ALA B N   1 
ATOM   640  C CA  . ALA B 1 30 ? -7.262  8.556   -1.788  1.00 25.68 ? 30  ALA B CA  1 
ATOM   641  C C   . ALA B 1 30 ? -6.282  9.246   -0.882  1.00 26.89 ? 30  ALA B C   1 
ATOM   642  O O   . ALA B 1 30 ? -6.696  9.960   0.024   1.00 28.33 ? 30  ALA B O   1 
ATOM   643  C CB  . ALA B 1 30 ? -7.569  9.477   -2.957  1.00 26.45 ? 30  ALA B CB  1 
ATOM   644  N N   . PHE B 1 31 ? -4.994  9.052   -1.165  1.00 26.74 ? 31  PHE B N   1 
ATOM   645  C CA  . PHE B 1 31 ? -3.947  9.916   -0.685  1.00 29.30 ? 31  PHE B CA  1 
ATOM   646  C C   . PHE B 1 31 ? -3.580  10.774  -1.875  1.00 26.07 ? 31  PHE B C   1 
ATOM   647  O O   . PHE B 1 31 ? -3.294  10.240  -2.916  1.00 25.94 ? 31  PHE B O   1 
ATOM   648  C CB  . PHE B 1 31 ? -2.721  9.129   -0.230  1.00 32.05 ? 31  PHE B CB  1 
ATOM   649  C CG  . PHE B 1 31 ? -2.885  8.566   1.127   1.00 33.79 ? 31  PHE B CG  1 
ATOM   650  C CD1 . PHE B 1 31 ? -2.647  9.355   2.239   1.00 37.66 ? 31  PHE B CD1 1 
ATOM   651  C CD2 . PHE B 1 31 ? -3.343  7.268   1.293   1.00 36.51 ? 31  PHE B CD2 1 
ATOM   652  C CE1 . PHE B 1 31 ? -2.833  8.839   3.511   1.00 41.51 ? 31  PHE B CE1 1 
ATOM   653  C CE2 . PHE B 1 31 ? -3.531  6.746   2.558   1.00 36.85 ? 31  PHE B CE2 1 
ATOM   654  C CZ  . PHE B 1 31 ? -3.280  7.528   3.660   1.00 38.69 ? 31  PHE B CZ  1 
ATOM   655  N N   . ILE B 1 32 ? -3.687  12.088  -1.703  1.00 28.73 ? 32  ILE B N   1 
ATOM   656  C CA  . ILE B 1 32 ? -3.369  13.085  -2.743  1.00 30.83 ? 32  ILE B CA  1 
ATOM   657  C C   . ILE B 1 32 ? -2.345  14.031  -2.129  1.00 30.20 ? 32  ILE B C   1 
ATOM   658  O O   . ILE B 1 32 ? -2.676  14.774  -1.187  1.00 29.25 ? 32  ILE B O   1 
ATOM   659  C CB  . ILE B 1 32 ? -4.616  13.923  -3.122  1.00 33.41 ? 32  ILE B CB  1 
ATOM   660  C CG1 . ILE B 1 32 ? -5.783  13.045  -3.578  1.00 37.66 ? 32  ILE B CG1 1 
ATOM   661  C CG2 . ILE B 1 32 ? -4.277  14.991  -4.172  1.00 34.06 ? 32  ILE B CG2 1 
ATOM   662  C CD1 . ILE B 1 32 ? -5.613  12.373  -4.907  1.00 35.02 ? 32  ILE B CD1 1 
ATOM   663  N N   . ASN B 1 33 ? -1.122  14.005  -2.662  1.00 32.02 ? 33  ASN B N   1 
ATOM   664  C CA  . ASN B 1 33 ? -0.012  14.813  -2.131  1.00 36.19 ? 33  ASN B CA  1 
ATOM   665  C C   . ASN B 1 33 ? 0.078   14.748  -0.602  1.00 38.61 ? 33  ASN B C   1 
ATOM   666  O O   . ASN B 1 33 ? 0.146   15.768  0.089   1.00 42.93 ? 33  ASN B O   1 
ATOM   667  C CB  . ASN B 1 33 ? -0.113  16.263  -2.657  1.00 37.49 ? 33  ASN B CB  1 
ATOM   668  C CG  . ASN B 1 33 ? -0.090  16.341  -4.181  1.00 36.70 ? 33  ASN B CG  1 
ATOM   669  O OD1 . ASN B 1 33 ? 0.460   15.470  -4.851  1.00 35.48 ? 33  ASN B OD1 1 
ATOM   670  N ND2 . ASN B 1 33 ? -0.725  17.381  -4.740  1.00 35.73 ? 33  ASN B ND2 1 
ATOM   671  N N   . GLY B 1 34 ? 0.025   13.517  -0.092  1.00 38.06 ? 34  GLY B N   1 
ATOM   672  C CA  . GLY B 1 34 ? 0.173   13.234  1.322   1.00 37.35 ? 34  GLY B CA  1 
ATOM   673  C C   . GLY B 1 34 ? -1.039  13.511  2.183   1.00 37.40 ? 34  GLY B C   1 
ATOM   674  O O   . GLY B 1 34 ? -0.936  13.414  3.398   1.00 39.43 ? 34  GLY B O   1 
ATOM   675  N N   . VAL B 1 35 ? -2.173  13.871  1.581   1.00 35.68 ? 35  VAL B N   1 
ATOM   676  C CA  . VAL B 1 35 ? -3.387  14.195  2.340   1.00 36.70 ? 35  VAL B CA  1 
ATOM   677  C C   . VAL B 1 35 ? -4.410  13.120  2.039   1.00 34.22 ? 35  VAL B C   1 
ATOM   678  O O   . VAL B 1 35 ? -4.685  12.845  0.880   1.00 33.51 ? 35  VAL B O   1 
ATOM   679  C CB  . VAL B 1 35 ? -3.960  15.572  1.947   1.00 36.97 ? 35  VAL B CB  1 
ATOM   680  C CG1 . VAL B 1 35 ? -5.233  15.891  2.729   1.00 39.63 ? 35  VAL B CG1 1 
ATOM   681  C CG2 . VAL B 1 35 ? -2.919  16.664  2.163   1.00 39.23 ? 35  VAL B CG2 1 
ATOM   682  N N   . GLU B 1 36 ? -4.981  12.519  3.082   1.00 33.90 ? 36  GLU B N   1 
ATOM   683  C CA  . GLU B 1 36 ? -5.994  11.485  2.876   1.00 32.04 ? 36  GLU B CA  1 
ATOM   684  C C   . GLU B 1 36 ? -7.384  12.134  2.755   1.00 30.48 ? 36  GLU B C   1 
ATOM   685  O O   . GLU B 1 36 ? -7.741  12.990  3.560   1.00 31.02 ? 36  GLU B O   1 
ATOM   686  C CB  . GLU B 1 36 ? -5.998  10.484  4.025   1.00 32.89 ? 36  GLU B CB  1 
ATOM   687  C CG  . GLU B 1 36 ? -6.849  9.262   3.728   1.00 31.43 ? 36  GLU B CG  1 
ATOM   688  C CD  . GLU B 1 36 ? -6.972  8.321   4.904   1.00 32.22 ? 36  GLU B CD  1 
ATOM   689  O OE1 . GLU B 1 36 ? -6.280  8.520   5.923   1.00 33.27 ? 36  GLU B OE1 1 
ATOM   690  O OE2 . GLU B 1 36 ? -7.759  7.373   4.797   1.00 33.46 ? 36  GLU B OE2 1 
ATOM   691  N N   . ILE B 1 37 ? -8.145  11.712  1.755   1.00 30.35 ? 37  ILE B N   1 
ATOM   692  C CA  . ILE B 1 37 ? -9.520  12.175  1.537   1.00 31.83 ? 37  ILE B CA  1 
ATOM   693  C C   . ILE B 1 37 ? -10.449 11.021  1.216   1.00 29.48 ? 37  ILE B C   1 
ATOM   694  O O   . ILE B 1 37 ? -10.024 9.945   0.763   1.00 28.43 ? 37  ILE B O   1 
ATOM   695  C CB  . ILE B 1 37 ? -9.655  13.210  0.384   1.00 31.94 ? 37  ILE B CB  1 
ATOM   696  C CG1 . ILE B 1 37 ? -9.155  12.650  -0.944  1.00 32.94 ? 37  ILE B CG1 1 
ATOM   697  C CG2 . ILE B 1 37 ? -8.933  14.501  0.738   1.00 34.38 ? 37  ILE B CG2 1 
ATOM   698  C CD1 . ILE B 1 37 ? -9.436  13.571  -2.116  1.00 33.89 ? 37  ILE B CD1 1 
ATOM   699  N N   . GLY B 1 38 ? -11.735 11.268  1.452   1.00 29.35 ? 38  GLY B N   1 
ATOM   700  C CA  . GLY B 1 38 ? -12.780 10.389  0.995   1.00 28.87 ? 38  GLY B CA  1 
ATOM   701  C C   . GLY B 1 38 ? -13.212 10.865  -0.390  1.00 29.16 ? 38  GLY B C   1 
ATOM   702  O O   . GLY B 1 38 ? -13.188 12.058  -0.688  1.00 30.60 ? 38  GLY B O   1 
ATOM   703  N N   . ILE B 1 39 ? -13.595 9.929   -1.237  1.00 27.46 ? 39  ILE B N   1 
ATOM   704  C CA  . ILE B 1 39 ? -14.195 10.254  -2.536  1.00 27.59 ? 39  ILE B CA  1 
ATOM   705  C C   . ILE B 1 39 ? -15.644 9.781   -2.489  1.00 26.35 ? 39  ILE B C   1 
ATOM   706  O O   . ILE B 1 39 ? -15.904 8.602   -2.216  1.00 28.72 ? 39  ILE B O   1 
ATOM   707  C CB  . ILE B 1 39 ? -13.503 9.508   -3.698  1.00 28.47 ? 39  ILE B CB  1 
ATOM   708  C CG1 . ILE B 1 39 ? -11.995 9.712   -3.695  1.00 32.43 ? 39  ILE B CG1 1 
ATOM   709  C CG2 . ILE B 1 39 ? -14.112 9.905   -5.035  1.00 26.25 ? 39  ILE B CG2 1 
ATOM   710  C CD1 . ILE B 1 39 ? -11.534 11.131  -3.864  1.00 34.06 ? 39  ILE B CD1 1 
ATOM   711  N N   . LYS B 1 40 ? -16.579 10.686  -2.779  1.00 23.82 ? 40  LYS B N   1 
ATOM   712  C CA  . LYS B 1 40 ? -18.022 10.415  -2.691  0.50 21.84 ? 40  LYS B CA  1 
ATOM   713  C C   . LYS B 1 40 ? -18.616 9.785   -3.962  1.00 26.25 ? 40  LYS B C   1 
ATOM   714  O O   . LYS B 1 40 ? -19.482 8.914   -3.878  1.00 28.74 ? 40  LYS B O   1 
ATOM   715  C CB  . LYS B 1 40 ? -18.783 11.712  -2.388  0.50 21.05 ? 40  LYS B CB  1 
ATOM   716  C CG  . LYS B 1 40 ? -18.357 12.487  -1.156  0.50 23.06 ? 40  LYS B CG  1 
ATOM   717  C CD  . LYS B 1 40 ? -19.071 13.843  -1.164  0.50 23.63 ? 40  LYS B CD  1 
ATOM   718  C CE  . LYS B 1 40 ? -18.709 14.770  -0.005  0.50 26.91 ? 40  LYS B CE  1 
ATOM   719  N NZ  . LYS B 1 40 ? -18.173 14.034  1.168   0.50 28.54 ? 40  LYS B NZ  1 
ATOM   720  N N   . ASP B 1 41 ? -18.124 10.158  -5.141  1.00 24.17 ? 41  ASP B N   1 
ATOM   721  C CA  . ASP B 1 41 ? -18.823 9.865   -6.405  0.50 22.43 ? 41  ASP B CA  1 
ATOM   722  C C   . ASP B 1 41 ? -17.949 9.073   -7.329  1.00 25.10 ? 41  ASP B C   1 
ATOM   723  O O   . ASP B 1 41 ? -16.755 9.411   -7.505  1.00 23.36 ? 41  ASP B O   1 
ATOM   724  C CB  . ASP B 1 41 ? -19.200 11.185  -7.092  0.50 22.83 ? 41  ASP B CB  1 
ATOM   725  C CG  . ASP B 1 41 ? -20.251 11.023  -8.204  0.50 26.80 ? 41  ASP B CG  1 
ATOM   726  O OD1 . ASP B 1 41 ? -20.113 10.267  -9.210  0.50 24.23 ? 41  ASP B OD1 1 
ATOM   727  O OD2 . ASP B 1 41 ? -21.262 11.740  -8.088  0.50 30.72 ? 41  ASP B OD2 1 
ATOM   728  N N   . ILE B 1 42 ? -18.514 8.075   -8.007  1.00 24.41 ? 42  ILE B N   1 
ATOM   729  C CA  . ILE B 1 42 ? -17.699 7.239   -8.912  1.00 25.21 ? 42  ILE B CA  1 
ATOM   730  C C   . ILE B 1 42 ? -17.138 8.023   -10.112 1.00 24.61 ? 42  ILE B C   1 
ATOM   731  O O   . ILE B 1 42 ? -16.111 7.653   -10.670 1.00 23.32 ? 42  ILE B O   1 
ATOM   732  C CB  . ILE B 1 42 ? -18.492 6.019   -9.405  1.00 27.04 ? 42  ILE B CB  1 
ATOM   733  C CG1 . ILE B 1 42 ? -17.582 4.925   -9.965  1.00 27.84 ? 42  ILE B CG1 1 
ATOM   734  C CG2 . ILE B 1 42 ? -19.552 6.417   -10.426 1.00 27.95 ? 42  ILE B CG2 1 
ATOM   735  C CD1 . ILE B 1 42 ? -16.664 4.228   -8.993  1.00 30.00 ? 42  ILE B CD1 1 
ATOM   736  N N   . GLU B 1 43 ? -17.827 9.097   -10.528 1.00 23.08 ? 43  GLU B N   1 
ATOM   737  C CA  . GLU B 1 43 ? -17.248 9.965   -11.567 1.00 22.16 ? 43  GLU B CA  1 
ATOM   738  C C   . GLU B 1 43 ? -15.850 10.440  -11.181 1.00 21.77 ? 43  GLU B C   1 
ATOM   739  O O   . GLU B 1 43 ? -14.935 10.429  -12.014 1.00 23.79 ? 43  GLU B O   1 
ATOM   740  C CB  . GLU B 1 43 ? -18.159 11.175  -11.830 1.00 22.51 ? 43  GLU B CB  1 
ATOM   741  C CG  . GLU B 1 43 ? -17.572 12.117  -12.880 1.00 22.56 ? 43  GLU B CG  1 
ATOM   742  C CD  . GLU B 1 43 ? -18.404 13.351  -13.144 1.00 22.42 ? 43  GLU B CD  1 
ATOM   743  O OE1 . GLU B 1 43 ? -19.067 13.874  -12.197 1.00 24.33 ? 43  GLU B OE1 1 
ATOM   744  O OE2 . GLU B 1 43 ? -18.310 13.852  -14.293 1.00 23.06 ? 43  GLU B OE2 1 
ATOM   745  N N   . THR B 1 44 ? -15.695 10.854  -9.931  1.00 22.42 ? 44  THR B N   1 
ATOM   746  C CA  . THR B 1 44 ? -14.436 11.371  -9.424  1.00 24.18 ? 44  THR B CA  1 
ATOM   747  C C   . THR B 1 44 ? -13.383 10.245  -9.345  1.00 24.20 ? 44  THR B C   1 
ATOM   748  O O   . THR B 1 44 ? -12.224 10.431  -9.684  1.00 21.67 ? 44  THR B O   1 
ATOM   749  C CB  . THR B 1 44 ? -14.645 11.972  -8.037  1.00 23.01 ? 44  THR B CB  1 
ATOM   750  O OG1 . THR B 1 44 ? -15.701 12.934  -8.104  1.00 23.39 ? 44  THR B OG1 1 
ATOM   751  C CG2 . THR B 1 44 ? -13.368 12.635  -7.509  1.00 25.37 ? 44  THR B CG2 1 
ATOM   752  N N   . VAL B 1 45 ? -13.798 9.067   -8.917  1.00 22.83 ? 45  VAL B N   1 
ATOM   753  C CA  . VAL B 1 45 ? -12.903 7.900   -8.929  1.00 23.80 ? 45  VAL B CA  1 
ATOM   754  C C   . VAL B 1 45 ? -12.345 7.653   -10.332 1.00 24.64 ? 45  VAL B C   1 
ATOM   755  O O   . VAL B 1 45 ? -11.134 7.481   -10.501 1.00 26.08 ? 45  VAL B O   1 
ATOM   756  C CB  . VAL B 1 45 ? -13.624 6.607   -8.427  1.00 23.16 ? 45  VAL B CB  1 
ATOM   757  C CG1 . VAL B 1 45 ? -12.697 5.399   -8.572  1.00 23.92 ? 45  VAL B CG1 1 
ATOM   758  C CG2 . VAL B 1 45 ? -13.991 6.784   -6.969  1.00 24.49 ? 45  VAL B CG2 1 
ATOM   759  N N   . GLN B 1 46 ? -13.221 7.639   -11.331 1.00 23.23 ? 46  GLN B N   1 
ATOM   760  C CA  . GLN B 1 46 ? -12.786 7.386   -12.694 1.00 24.68 ? 46  GLN B CA  1 
ATOM   761  C C   . GLN B 1 46 ? -11.924 8.504   -13.259 1.00 23.19 ? 46  GLN B C   1 
ATOM   762  O O   . GLN B 1 46 ? -10.964 8.219   -13.991 1.00 23.71 ? 46  GLN B O   1 
ATOM   763  C CB  . GLN B 1 46 ? -13.971 7.067   -13.598 1.00 27.25 ? 46  GLN B CB  1 
ATOM   764  C CG  . GLN B 1 46 ? -14.653 5.760   -13.220 1.00 28.49 ? 46  GLN B CG  1 
ATOM   765  C CD  . GLN B 1 46 ? -15.431 5.148   -14.361 1.00 32.62 ? 46  GLN B CD  1 
ATOM   766  O OE1 . GLN B 1 46 ? -16.587 5.451   -14.568 1.00 29.60 ? 46  GLN B OE1 1 
ATOM   767  N NE2 . GLN B 1 46 ? -14.767 4.298   -15.140 1.00 38.90 ? 46  GLN B NE2 1 
ATOM   768  N N   . GLY B 1 47 ? -12.266 9.754   -12.930 1.00 23.87 ? 47  GLY B N   1 
ATOM   769  C CA  . GLY B 1 47 ? -11.390 10.936  -13.231 1.00 23.52 ? 47  GLY B CA  1 
ATOM   770  C C   . GLY B 1 47 ? -9.972  10.736  -12.705 1.00 24.63 ? 47  GLY B C   1 
ATOM   771  O O   . GLY B 1 47 ? -8.995  10.850  -13.460 1.00 25.01 ? 47  GLY B O   1 
ATOM   772  N N   . PHE B 1 48 ? -9.851  10.430  -11.418 1.00 25.33 ? 48  PHE B N   1 
ATOM   773  C CA  . PHE B 1 48 ? -8.525  10.244  -10.815 1.00 25.08 ? 48  PHE B CA  1 
ATOM   774  C C   . PHE B 1 48 ? -7.780  9.021   -11.288 1.00 24.98 ? 48  PHE B C   1 
ATOM   775  O O   . PHE B 1 48 ? -6.541  9.056   -11.379 1.00 24.35 ? 48  PHE B O   1 
ATOM   776  C CB  . PHE B 1 48 ? -8.552  10.336  -9.303  1.00 24.68 ? 48  PHE B CB  1 
ATOM   777  C CG  . PHE B 1 48 ? -8.534  11.757  -8.813  1.00 28.36 ? 48  PHE B CG  1 
ATOM   778  C CD1 . PHE B 1 48 ? -7.326  12.438  -8.687  1.00 30.03 ? 48  PHE B CD1 1 
ATOM   779  C CD2 . PHE B 1 48 ? -9.712  12.453  -8.595  1.00 29.93 ? 48  PHE B CD2 1 
ATOM   780  C CE1 . PHE B 1 48 ? -7.297  13.762  -8.280  1.00 32.07 ? 48  PHE B CE1 1 
ATOM   781  C CE2 . PHE B 1 48 ? -9.692  13.778  -8.187  1.00 32.11 ? 48  PHE B CE2 1 
ATOM   782  C CZ  . PHE B 1 48 ? -8.479  14.439  -8.039  1.00 32.51 ? 48  PHE B CZ  1 
ATOM   783  N N   . GLN B 1 49 ? -8.516  7.991   -11.679 1.00 23.97 ? 49  GLN B N   1 
ATOM   784  C CA  . GLN B 1 49 ? -7.918  6.811   -12.310 1.00 24.67 ? 49  GLN B CA  1 
ATOM   785  C C   . GLN B 1 49 ? -7.203  7.107   -13.644 1.00 28.04 ? 49  GLN B C   1 
ATOM   786  O O   . GLN B 1 49 ? -6.383  6.311   -14.085 1.00 29.65 ? 49  GLN B O   1 
ATOM   787  C CB  . GLN B 1 49 ? -8.957  5.722   -12.479 1.00 26.93 ? 49  GLN B CB  1 
ATOM   788  C CG  . GLN B 1 49 ? -9.274  5.008   -11.171 1.00 27.34 ? 49  GLN B CG  1 
ATOM   789  C CD  . GLN B 1 49 ? -10.411 4.000   -11.287 1.00 30.77 ? 49  GLN B CD  1 
ATOM   790  O OE1 . GLN B 1 49 ? -11.225 4.038   -12.223 1.00 29.33 ? 49  GLN B OE1 1 
ATOM   791  N NE2 . GLN B 1 49 ? -10.484 3.088   -10.311 1.00 32.71 ? 49  GLN B NE2 1 
ATOM   792  N N   . GLN B 1 50 ? -7.509  8.245   -14.274 1.00 25.26 ? 50  GLN B N   1 
ATOM   793  C CA  . GLN B 1 50 ? -6.742  8.683   -15.457 0.50 24.79 ? 50  GLN B CA  1 
ATOM   794  C C   . GLN B 1 50 ? -5.339  9.152   -15.081 1.00 28.75 ? 50  GLN B C   1 
ATOM   795  O O   . GLN B 1 50 ? -4.444  9.187   -15.961 1.00 29.23 ? 50  GLN B O   1 
ATOM   796  C CB  . GLN B 1 50 ? -7.463  9.821   -16.200 0.50 22.99 ? 50  GLN B CB  1 
ATOM   797  C CG  . GLN B 1 50 ? -8.891  9.512   -16.609 0.50 22.89 ? 50  GLN B CG  1 
ATOM   798  C CD  . GLN B 1 50 ? -9.002  8.610   -17.823 0.50 25.34 ? 50  GLN B CD  1 
ATOM   799  O OE1 . GLN B 1 50 ? -8.602  7.437   -17.809 0.50 29.77 ? 50  GLN B OE1 1 
ATOM   800  N N   . ILE B 1 51 ? -5.104  9.591   -13.846 1.00 28.08 ? 51  ILE B N   1 
ATOM   801  C CA  . ILE B 1 51 ? -3.802  10.195  -13.479 1.00 28.83 ? 51  ILE B CA  1 
ATOM   802  C C   . ILE B 1 51 ? -3.041  9.527   -12.314 1.00 30.47 ? 51  ILE B C   1 
ATOM   803  O O   . ILE B 1 51 ? -1.844  9.752   -12.145 1.00 25.38 ? 51  ILE B O   1 
ATOM   804  C CB  . ILE B 1 51 ? -3.919  11.703  -13.175 1.00 29.79 ? 51  ILE B CB  1 
ATOM   805  C CG1 . ILE B 1 51 ? -4.919  11.977  -12.047 1.00 28.70 ? 51  ILE B CG1 1 
ATOM   806  C CG2 . ILE B 1 51 ? -4.317  12.459  -14.428 1.00 28.63 ? 51  ILE B CG2 1 
ATOM   807  C CD1 . ILE B 1 51 ? -4.788  13.357  -11.433 1.00 30.83 ? 51  ILE B CD1 1 
ATOM   808  N N   . ILE B 1 52 ? -3.726  8.744   -11.480 1.00 27.32 ? 52  ILE B N   1 
ATOM   809  C CA  . ILE B 1 52 ? -3.056  8.067   -10.369 1.00 27.74 ? 52  ILE B CA  1 
ATOM   810  C C   . ILE B 1 52 ? -3.545  6.626   -10.275 1.00 26.84 ? 52  ILE B C   1 
ATOM   811  O O   . ILE B 1 52 ? -4.649  6.317   -10.728 1.00 25.22 ? 52  ILE B O   1 
ATOM   812  C CB  . ILE B 1 52 ? -3.234  8.754   -9.006  1.00 27.50 ? 52  ILE B CB  1 
ATOM   813  C CG1 . ILE B 1 52 ? -4.716  8.950   -8.651  1.00 25.81 ? 52  ILE B CG1 1 
ATOM   814  C CG2 . ILE B 1 52 ? -2.446  10.067  -8.934  1.00 30.67 ? 52  ILE B CG2 1 
ATOM   815  C CD1 . ILE B 1 52 ? -4.927  9.569   -7.297  1.00 26.37 ? 52  ILE B CD1 1 
ATOM   816  N N   . PRO B 1 53 ? -2.712  5.753   -9.695  1.00 27.43 ? 53  PRO B N   1 
ATOM   817  C CA  . PRO B 1 53 ? -3.122  4.364   -9.622  1.00 27.45 ? 53  PRO B CA  1 
ATOM   818  C C   . PRO B 1 53 ? -4.272  4.171   -8.647  1.00 25.49 ? 53  PRO B C   1 
ATOM   819  O O   . PRO B 1 53 ? -4.505  4.989   -7.740  1.00 23.83 ? 53  PRO B O   1 
ATOM   820  C CB  . PRO B 1 53 ? -1.867  3.635   -9.088  1.00 28.11 ? 53  PRO B CB  1 
ATOM   821  C CG  . PRO B 1 53 ? -0.964  4.675   -8.587  1.00 30.66 ? 53  PRO B CG  1 
ATOM   822  C CD  . PRO B 1 53 ? -1.308  5.951   -9.274  1.00 28.68 ? 53  PRO B CD  1 
ATOM   823  N N   . SER B 1 54 ? -4.925  3.043   -8.816  1.00 25.18 ? 54  SER B N   1 
ATOM   824  C CA  . SER B 1 54 ? -6.068  2.685   -7.995  1.00 25.38 ? 54  SER B CA  1 
ATOM   825  C C   . SER B 1 54 ? -5.859  1.260   -7.538  1.00 25.85 ? 54  SER B C   1 
ATOM   826  O O   . SER B 1 54 ? -5.837  0.346   -8.391  1.00 27.42 ? 54  SER B O   1 
ATOM   827  C CB  . SER B 1 54 ? -7.310  2.820   -8.852  1.00 27.04 ? 54  SER B CB  1 
ATOM   828  O OG  . SER B 1 54 ? -8.472  2.416   -8.166  1.00 26.37 ? 54  SER B OG  1 
ATOM   829  N N   . ILE B 1 55 ? -5.727  1.062   -6.224  1.00 26.29 ? 55  ILE B N   1 
ATOM   830  C CA  . ILE B 1 55 ? -5.372  -0.251  -5.662  1.00 24.56 ? 55  ILE B CA  1 
ATOM   831  C C   . ILE B 1 55 ? -6.411  -0.706  -4.626  1.00 24.89 ? 55  ILE B C   1 
ATOM   832  O O   . ILE B 1 55 ? -7.234  0.090   -4.127  1.00 23.79 ? 55  ILE B O   1 
ATOM   833  C CB  . ILE B 1 55 ? -3.941  -0.283  -5.051  1.00 24.49 ? 55  ILE B CB  1 
ATOM   834  C CG1 . ILE B 1 55 ? -3.808  0.608   -3.796  1.00 25.61 ? 55  ILE B CG1 1 
ATOM   835  C CG2 . ILE B 1 55 ? -2.916  0.102   -6.109  1.00 25.32 ? 55  ILE B CG2 1 
ATOM   836  C CD1 . ILE B 1 55 ? -2.539  0.399   -3.004  1.00 26.47 ? 55  ILE B CD1 1 
ATOM   837  N N   . ASN B 1 56 ? -6.309  -1.978  -4.287  1.00 24.45 ? 56  ASN B N   1 
ATOM   838  C CA  . ASN B 1 56 ? -7.129  -2.559  -3.194  1.00 24.88 ? 56  ASN B CA  1 
ATOM   839  C C   . ASN B 1 56 ? -6.383  -2.623  -1.886  1.00 23.90 ? 56  ASN B C   1 
ATOM   840  O O   . ASN B 1 56 ? -5.242  -3.119  -1.834  1.00 23.34 ? 56  ASN B O   1 
ATOM   841  C CB  . ASN B 1 56 ? -7.526  -3.978  -3.572  1.00 25.05 ? 56  ASN B CB  1 
ATOM   842  C CG  . ASN B 1 56 ? -8.576  -4.037  -4.657  1.00 29.42 ? 56  ASN B CG  1 
ATOM   843  O OD1 . ASN B 1 56 ? -8.358  -3.603  -5.807  1.00 28.35 ? 56  ASN B OD1 1 
ATOM   844  N ND2 . ASN B 1 56 ? -9.725  -4.626  -4.326  1.00 29.25 ? 56  ASN B ND2 1 
ATOM   845  N N   . ILE B 1 57 ? -7.036  -2.166  -0.810  1.00 24.14 ? 57  ILE B N   1 
ATOM   846  C CA  . ILE B 1 57 ? -6.534  -2.283  0.549   1.00 23.14 ? 57  ILE B CA  1 
ATOM   847  C C   . ILE B 1 57 ? -7.679  -2.794  1.415   1.00 23.36 ? 57  ILE B C   1 
ATOM   848  O O   . ILE B 1 57 ? -8.733  -2.174  1.443   1.00 24.53 ? 57  ILE B O   1 
ATOM   849  C CB  . ILE B 1 57 ? -6.039  -0.959  1.076   1.00 24.35 ? 57  ILE B CB  1 
ATOM   850  C CG1 . ILE B 1 57 ? -4.860  -0.474  0.211   1.00 23.87 ? 57  ILE B CG1 1 
ATOM   851  C CG2 . ILE B 1 57 ? -5.591  -1.107  2.518   1.00 25.99 ? 57  ILE B CG2 1 
ATOM   852  C CD1 . ILE B 1 57 ? -4.332  0.889   0.589   1.00 26.18 ? 57  ILE B CD1 1 
ATOM   853  N N   . SER B 1 58 ? -7.472  -3.911  2.118   1.00 23.83 ? 58  SER B N   1 
ATOM   854  C CA  . SER B 1 58 ? -8.523  -4.408  3.030   0.50 20.60 ? 58  SER B CA  1 
ATOM   855  C C   . SER B 1 58 ? -8.839  -3.386  4.117   1.00 25.39 ? 58  SER B C   1 
ATOM   856  O O   . SER B 1 58 ? -8.008  -2.591  4.528   1.00 25.88 ? 58  SER B O   1 
ATOM   857  C CB  . SER B 1 58 ? -8.111  -5.721  3.704   0.50 19.40 ? 58  SER B CB  1 
ATOM   858  O OG  . SER B 1 58 ? -7.082  -5.511  4.657   0.50 19.00 ? 58  SER B OG  1 
ATOM   859  N N   . LYS B 1 59 ? -10.058 -3.450  4.635   1.00 25.83 ? 59  LYS B N   1 
ATOM   860  C CA  . LYS B 1 59 ? -10.443 -2.633  5.753   1.00 28.59 ? 59  LYS B CA  1 
ATOM   861  C C   . LYS B 1 59 ? -9.496  -2.783  6.954   1.00 27.51 ? 59  LYS B C   1 
ATOM   862  O O   . LYS B 1 59 ? -9.170  -1.790  7.595   1.00 28.83 ? 59  LYS B O   1 
ATOM   863  C CB  . LYS B 1 59 ? -11.866 -2.974  6.166   1.00 30.63 ? 59  LYS B CB  1 
ATOM   864  C CG  . LYS B 1 59 ? -12.379 -2.109  7.300   1.00 36.49 ? 59  LYS B CG  1 
ATOM   865  C CD  . LYS B 1 59 ? -13.823 -2.491  7.584   1.00 43.21 ? 59  LYS B CD  1 
ATOM   866  C CE  . LYS B 1 59 ? -14.359 -1.757  8.794   1.00 48.12 ? 59  LYS B CE  1 
ATOM   867  N NZ  . LYS B 1 59 ? -15.787 -2.150  8.976   1.00 52.74 ? 59  LYS B NZ  1 
ATOM   868  N N   . SER B 1 60 ? -9.047  -4.014  7.226   1.00 28.15 ? 60  SER B N   1 
ATOM   869  C CA  . SER B 1 60 ? -8.176  -4.286  8.376   0.50 26.52 ? 60  SER B CA  1 
ATOM   870  C C   . SER B 1 60 ? -6.787  -3.700  8.226   1.00 30.88 ? 60  SER B C   1 
ATOM   871  O O   . SER B 1 60 ? -6.156  -3.373  9.225   1.00 30.74 ? 60  SER B O   1 
ATOM   872  C CB  . SER B 1 60 ? -8.084  -5.774  8.667   0.50 25.81 ? 60  SER B CB  1 
ATOM   873  O OG  . SER B 1 60 ? -9.311  -6.238  9.186   0.50 28.03 ? 60  SER B OG  1 
ATOM   874  N N   . ASP B 1 61 ? -6.330  -3.530  6.989   1.00 26.27 ? 61  ASP B N   1 
ATOM   875  C CA  . ASP B 1 61 ? -5.014  -2.937  6.699   1.00 26.48 ? 61  ASP B CA  1 
ATOM   876  C C   . ASP B 1 61 ? -4.926  -1.400  6.528   1.00 28.82 ? 61  ASP B C   1 
ATOM   877  O O   . ASP B 1 61 ? -3.821  -0.854  6.546   1.00 28.64 ? 61  ASP B O   1 
ATOM   878  C CB  . ASP B 1 61 ? -4.446  -3.618  5.449   1.00 25.58 ? 61  ASP B CB  1 
ATOM   879  C CG  . ASP B 1 61 ? -3.958  -5.032  5.735   1.00 23.23 ? 61  ASP B CG  1 
ATOM   880  O OD1 . ASP B 1 61 ? -3.328  -5.242  6.786   1.00 27.26 ? 61  ASP B OD1 1 
ATOM   881  O OD2 . ASP B 1 61 ? -4.162  -5.922  4.902   1.00 24.22 ? 61  ASP B OD2 1 
ATOM   882  N N   . VAL B 1 62 ? -6.066  -0.720  6.389   1.00 27.93 ? 62  VAL B N   1 
ATOM   883  C CA  . VAL B 1 62 ? -6.103  0.739   6.188   1.00 30.41 ? 62  VAL B CA  1 
ATOM   884  C C   . VAL B 1 62 ? -5.343  1.461   7.309   1.00 31.35 ? 62  VAL B C   1 
ATOM   885  O O   . VAL B 1 62 ? -4.508  2.326   7.036   1.00 32.63 ? 62  VAL B O   1 
ATOM   886  C CB  . VAL B 1 62 ? -7.557  1.280   6.088   1.00 32.39 ? 62  VAL B CB  1 
ATOM   887  C CG1 . VAL B 1 62 ? -7.584  2.817   6.061   1.00 31.90 ? 62  VAL B CG1 1 
ATOM   888  C CG2 . VAL B 1 62 ? -8.256  0.718   4.856   1.00 33.28 ? 62  VAL B CG2 1 
ATOM   889  N N   . GLU B 1 63 ? -5.587  1.078   8.557   1.00 33.38 ? 63  GLU B N   1 
ATOM   890  C CA  . GLU B 1 63 ? -4.897  1.733   9.693   1.00 36.74 ? 63  GLU B CA  1 
ATOM   891  C C   . GLU B 1 63 ? -3.365  1.817   9.526   1.00 35.44 ? 63  GLU B C   1 
ATOM   892  O O   . GLU B 1 63 ? -2.784  2.900   9.638   1.00 34.98 ? 63  GLU B O   1 
ATOM   893  C CB  . GLU B 1 63 ? -5.264  1.056   11.015  1.00 39.28 ? 63  GLU B CB  1 
ATOM   894  C CG  . GLU B 1 63 ? -4.662  1.717   12.262  1.00 44.56 ? 63  GLU B CG  1 
ATOM   895  C CD  . GLU B 1 63 ? -5.026  0.989   13.564  1.00 49.75 ? 63  GLU B CD  1 
ATOM   896  O OE1 . GLU B 1 63 ? -5.180  -0.259  13.555  1.00 46.92 ? 63  GLU B OE1 1 
ATOM   897  O OE2 . GLU B 1 63 ? -5.140  1.669   14.609  1.00 56.00 ? 63  GLU B OE2 1 
ATOM   898  N N   . ALA B 1 64 ? -2.719  0.683   9.264   1.00 33.45 ? 64  ALA B N   1 
ATOM   899  C CA  . ALA B 1 64 ? -1.257  0.653   9.085   1.00 36.54 ? 64  ALA B CA  1 
ATOM   900  C C   . ALA B 1 64 ? -0.792  1.510   7.912   1.00 35.44 ? 64  ALA B C   1 
ATOM   901  O O   . ALA B 1 64 ? 0.255   2.173   8.000   1.00 37.82 ? 64  ALA B O   1 
ATOM   902  C CB  . ALA B 1 64 ? -0.749  -0.780  8.924   1.00 35.91 ? 64  ALA B CB  1 
ATOM   903  N N   . ILE B 1 65 ? -1.553  1.496   6.813   1.00 33.33 ? 65  ILE B N   1 
ATOM   904  C CA  . ILE B 1 65 ? -1.192  2.288   5.635   1.00 34.75 ? 65  ILE B CA  1 
ATOM   905  C C   . ILE B 1 65 ? -1.316  3.770   5.962   1.00 35.28 ? 65  ILE B C   1 
ATOM   906  O O   . ILE B 1 65 ? -0.449  4.567   5.583   1.00 37.36 ? 65  ILE B O   1 
ATOM   907  C CB  . ILE B 1 65 ? -2.059  1.937   4.400   1.00 36.18 ? 65  ILE B CB  1 
ATOM   908  C CG1 . ILE B 1 65 ? -1.949  0.439   4.058   1.00 39.55 ? 65  ILE B CG1 1 
ATOM   909  C CG2 . ILE B 1 65 ? -1.659  2.791   3.199   1.00 37.81 ? 65  ILE B CG2 1 
ATOM   910  C CD1 . ILE B 1 65 ? -0.537  -0.051  3.833   1.00 42.16 ? 65  ILE B CD1 1 
ATOM   911  N N   . GLU B 1 66 ? -2.391  4.141   6.658   1.00 33.37 ? 66  GLU B N   1 
ATOM   912  C CA  . GLU B 1 66 ? -2.582  5.534   7.094   1.00 38.73 ? 66  GLU B CA  1 
ATOM   913  C C   . GLU B 1 66 ? -1.396  6.016   7.929   1.00 41.56 ? 66  GLU B C   1 
ATOM   914  O O   . GLU B 1 66 ? -0.836  7.059   7.624   1.00 42.65 ? 66  GLU B O   1 
ATOM   915  C CB  . GLU B 1 66 ? -3.910  5.716   7.850   1.00 37.40 ? 66  GLU B CB  1 
ATOM   916  C CG  . GLU B 1 66 ? -5.136  5.658   6.958   1.00 37.98 ? 66  GLU B CG  1 
ATOM   917  C CD  . GLU B 1 66 ? -6.450  5.683   7.745   1.00 39.71 ? 66  GLU B CD  1 
ATOM   918  O OE1 . GLU B 1 66 ? -6.438  5.263   8.923   1.00 40.96 ? 66  GLU B OE1 1 
ATOM   919  O OE2 . GLU B 1 66 ? -7.507  6.032   7.167   1.00 42.28 ? 66  GLU B OE2 1 
ATOM   920  N N   . LYS B 1 67 ? -0.981  5.218   8.921   1.00 47.96 ? 67  LYS B N   1 
ATOM   921  C CA  . LYS B 1 67 ? 0.233   5.507   9.743   1.00 52.53 ? 67  LYS B CA  1 
ATOM   922  C C   . LYS B 1 67 ? 1.522   5.639   8.931   1.00 56.11 ? 67  LYS B C   1 
ATOM   923  O O   . LYS B 1 67 ? 2.306   6.552   9.172   1.00 57.20 ? 67  LYS B O   1 
ATOM   924  C CB  . LYS B 1 67 ? 0.424   4.446   10.846  1.00 53.27 ? 67  LYS B CB  1 
ATOM   925  C CG  . LYS B 1 67 ? 1.751   4.543   11.599  1.00 54.36 ? 67  LYS B CG  1 
ATOM   926  N N   . ALA B 1 68 ? 1.734   4.731   7.978   1.00 56.67 ? 68  ALA B N   1 
ATOM   927  C CA  . ALA B 1 68 ? 2.914   4.756   7.111   1.00 56.78 ? 68  ALA B CA  1 
ATOM   928  C C   . ALA B 1 68 ? 2.949   5.977   6.206   1.00 59.44 ? 68  ALA B C   1 
ATOM   929  O O   . ALA B 1 68 ? 4.025   6.518   5.914   1.00 63.77 ? 68  ALA B O   1 
ATOM   930  C CB  . ALA B 1 68 ? 2.975   3.498   6.255   1.00 54.56 ? 68  ALA B CB  1 
ATOM   931  N N   . MET B 1 69 ? 1.774   6.403   5.749   1.00 56.24 ? 69  MET B N   1 
ATOM   932  C CA  . MET B 1 69 ? 1.673   7.572   4.886   1.00 57.08 ? 69  MET B CA  1 
ATOM   933  C C   . MET B 1 69 ? 1.707   8.915   5.668   1.00 63.27 ? 69  MET B C   1 
ATOM   934  O O   . MET B 1 69 ? 1.554   9.974   5.057   1.00 68.27 ? 69  MET B O   1 
ATOM   935  C CB  . MET B 1 69 ? 0.416   7.468   4.000   1.00 51.98 ? 69  MET B CB  1 
ATOM   936  C CG  . MET B 1 69 ? 0.399   6.286   3.025   1.00 48.00 ? 69  MET B CG  1 
ATOM   937  S SD  . MET B 1 69 ? 1.594   6.325   1.663   1.00 45.30 ? 69  MET B SD  1 
ATOM   938  C CE  . MET B 1 69 ? 1.291   7.925   0.905   1.00 47.30 ? 69  MET B CE  1 
ATOM   939  N N   . LYS B 1 70 ? 1.931   8.873   6.992   1.00 67.23 ? 70  LYS B N   1 
ATOM   940  C CA  . LYS B 1 70 ? 1.940   10.068  7.865   1.00 70.89 ? 70  LYS B CA  1 
ATOM   941  C C   . LYS B 1 70 ? 3.069   11.052  7.529   1.00 73.65 ? 70  LYS B C   1 
ATOM   942  O O   . LYS B 1 70 ? 4.235   10.828  7.856   1.00 77.01 ? 70  LYS B O   1 
ATOM   943  C CB  . LYS B 1 70 ? 2.032   9.638   9.341   1.00 68.38 ? 70  LYS B CB  1 
ATOM   944  C CG  . LYS B 1 70 ? 1.949   10.770  10.351  1.00 71.17 ? 70  LYS B CG  1 
HETATM 945  O O   . HOH C 2 .  ? 4.902   3.173   -6.189  1.00 41.28 ? 101 HOH A O   1 
HETATM 946  O O   . HOH C 2 .  ? 21.443  -10.518 7.548   1.00 30.38 ? 102 HOH A O   1 
HETATM 947  O O   . HOH C 2 .  ? 6.897   -10.410 -1.021  1.00 23.94 ? 103 HOH A O   1 
HETATM 948  O O   . HOH C 2 .  ? 4.745   -6.065  -7.500  1.00 31.71 ? 104 HOH A O   1 
HETATM 949  O O   . HOH C 2 .  ? 6.852   -14.860 5.256   1.00 22.47 ? 105 HOH A O   1 
HETATM 950  O O   . HOH C 2 .  ? -9.997  -8.373  1.907   1.00 31.04 ? 106 HOH A O   1 
HETATM 951  O O   . HOH C 2 .  ? 10.296  2.452   2.013   1.00 33.33 ? 107 HOH A O   1 
HETATM 952  O O   . HOH C 2 .  ? 6.215   -11.897 -4.421  1.00 34.43 ? 108 HOH A O   1 
HETATM 953  O O   . HOH C 2 .  ? 12.978  -17.887 6.111   1.00 26.25 ? 109 HOH A O   1 
HETATM 954  O O   . HOH C 2 .  ? 19.586  -10.084 9.681   1.00 31.05 ? 110 HOH A O   1 
HETATM 955  O O   . HOH C 2 .  ? 3.331   -17.349 4.111   1.00 48.80 ? 111 HOH A O   1 
HETATM 956  O O   . HOH C 2 .  ? 2.827   -16.182 -0.798  1.00 41.24 ? 112 HOH A O   1 
HETATM 957  O O   . HOH C 2 .  ? 0.094   -11.691 5.503   1.00 35.26 ? 113 HOH A O   1 
HETATM 958  O O   . HOH C 2 .  ? 2.631   -9.243  8.872   1.00 38.51 ? 114 HOH A O   1 
HETATM 959  O O   . HOH C 2 .  ? 4.683   8.728   3.683   1.00 50.83 ? 115 HOH A O   1 
HETATM 960  O O   . HOH C 2 .  ? 8.148   -7.474  -7.838  1.00 39.39 ? 116 HOH A O   1 
HETATM 961  O O   . HOH C 2 .  ? 15.574  -17.678 8.049   1.00 32.00 ? 117 HOH A O   1 
HETATM 962  O O   . HOH C 2 .  ? 17.995  -11.902 12.955  1.00 50.32 ? 118 HOH A O   1 
HETATM 963  O O   . HOH C 2 .  ? 1.609   -3.033  10.971  1.00 33.80 ? 119 HOH A O   1 
HETATM 964  O O   . HOH C 2 .  ? 9.294   0.953   10.862  1.00 38.11 ? 120 HOH A O   1 
HETATM 965  O O   . HOH C 2 .  ? 11.757  -12.455 -4.863  1.00 32.15 ? 121 HOH A O   1 
HETATM 966  O O   . HOH C 2 .  ? 8.020   -16.003 12.062  1.00 55.16 ? 122 HOH A O   1 
HETATM 967  O O   . HOH C 2 .  ? 10.356  -11.216 12.576  1.00 62.47 ? 123 HOH A O   1 
HETATM 968  O O   . HOH C 2 .  ? 10.954  -19.313 -3.415  1.00 58.75 ? 124 HOH A O   1 
HETATM 969  O O   . HOH C 2 .  ? -6.509  -7.056  -4.493  1.00 42.34 ? 125 HOH A O   1 
HETATM 970  O O   . HOH C 2 .  ? 8.388   -19.273 14.342  1.00 57.02 ? 126 HOH A O   1 
HETATM 971  O O   . HOH C 2 .  ? 0.040   -7.280  11.113  1.00 39.91 ? 127 HOH A O   1 
HETATM 972  O O   . HOH C 2 .  ? 6.581   -10.437 -7.382  1.00 52.56 ? 128 HOH A O   1 
HETATM 973  O O   . HOH C 2 .  ? 2.138   -12.772 -5.932  1.00 63.51 ? 129 HOH A O   1 
HETATM 974  O O   . HOH C 2 .  ? 11.211  -23.608 13.080  1.00 68.22 ? 130 HOH A O   1 
HETATM 975  O O   . HOH C 2 .  ? -7.175  -11.865 -7.489  1.00 60.37 ? 131 HOH A O   1 
HETATM 976  O O   . HOH C 2 .  ? 14.586  -21.041 5.183   1.00 44.22 ? 132 HOH A O   1 
HETATM 977  O O   . HOH C 2 .  ? 10.252  -9.167  -8.494  1.00 58.02 ? 133 HOH A O   1 
HETATM 978  O O   . HOH C 2 .  ? -10.717 -10.427 7.767   1.00 63.02 ? 134 HOH A O   1 
HETATM 979  O O   . HOH C 2 .  ? 14.222  3.762   3.885   1.00 47.25 ? 135 HOH A O   1 
HETATM 980  O O   . HOH C 2 .  ? 6.062   -5.388  11.617  1.00 59.64 ? 136 HOH A O   1 
HETATM 981  O O   . HOH C 2 .  ? -8.825  -12.036 -0.873  1.00 45.57 ? 137 HOH A O   1 
HETATM 982  O O   . HOH C 2 .  ? 12.981  -2.273  13.946  1.00 68.28 ? 138 HOH A O   1 
HETATM 983  O O   . HOH C 2 .  ? 6.158   -2.426  -9.722  1.00 53.71 ? 139 HOH A O   1 
HETATM 984  O O   . HOH C 2 .  ? 7.820   9.593   -3.227  1.00 68.86 ? 140 HOH A O   1 
HETATM 985  O O   . HOH C 2 .  ? 14.306  -21.505 1.966   1.00 50.89 ? 141 HOH A O   1 
HETATM 986  O O   . HOH C 2 .  ? -11.435 -8.116  4.054   1.00 35.58 ? 142 HOH A O   1 
HETATM 987  O O   . HOH C 2 .  ? 23.520  -8.070  15.972  1.00 69.12 ? 143 HOH A O   1 
HETATM 988  O O   . HOH C 2 .  ? 2.361   -9.110  -9.612  1.00 55.35 ? 144 HOH A O   1 
HETATM 989  O O   . HOH C 2 .  ? 9.968   8.216   8.613   1.00 70.83 ? 145 HOH A O   1 
HETATM 990  O O   . HOH C 2 .  ? 14.949  -15.525 13.584  1.00 72.63 ? 146 HOH A O   1 
HETATM 991  O O   . HOH C 2 .  ? 6.781   -6.124  -9.659  1.00 51.89 ? 147 HOH A O   1 
HETATM 992  O O   . HOH C 2 .  ? 3.614   -0.310  -13.817 1.00 67.85 ? 148 HOH A O   1 
HETATM 993  O O   . HOH C 2 .  ? -11.251 -12.768 3.519   1.00 58.51 ? 149 HOH A O   1 
HETATM 994  O O   . HOH C 2 .  ? 2.659   6.496   -14.362 1.00 64.24 ? 150 HOH A O   1 
HETATM 995  O O   . HOH C 2 .  ? 12.730  5.059   -17.243 1.00 57.22 ? 151 HOH A O   1 
HETATM 996  O O   . HOH D 2 .  ? -6.473  -3.817  11.769  1.00 49.50 ? 101 HOH B O   1 
HETATM 997  O O   . HOH D 2 .  ? -18.027 7.596   -14.233 1.00 42.02 ? 102 HOH B O   1 
HETATM 998  O O   . HOH D 2 .  ? -13.903 0.128   0.086   1.00 28.70 ? 103 HOH B O   1 
HETATM 999  O O   . HOH D 2 .  ? -15.751 -0.590  -2.152  1.00 31.84 ? 104 HOH B O   1 
HETATM 1000 O O   . HOH D 2 .  ? -9.313  -0.032  -8.747  1.00 34.89 ? 105 HOH B O   1 
HETATM 1001 O O   . HOH D 2 .  ? -11.982 -5.541  3.584   1.00 26.51 ? 106 HOH B O   1 
HETATM 1002 O O   . HOH D 2 .  ? -11.618 4.261   -14.860 1.00 35.50 ? 107 HOH B O   1 
HETATM 1003 O O   . HOH D 2 .  ? -21.120 12.821  -10.810 1.00 30.82 ? 108 HOH B O   1 
HETATM 1004 O O   . HOH D 2 .  ? -14.505 -5.322  4.585   1.00 30.56 ? 109 HOH B O   1 
HETATM 1005 O O   . HOH D 2 .  ? -1.896  -3.994  8.699   1.00 34.19 ? 110 HOH B O   1 
HETATM 1006 O O   . HOH D 2 .  ? -8.904  1.829   -5.426  1.00 24.25 ? 111 HOH B O   1 
HETATM 1007 O O   . HOH D 2 .  ? -10.632 6.401   -15.961 1.00 41.89 ? 112 HOH B O   1 
HETATM 1008 O O   . HOH D 2 .  ? -5.698  4.331   -12.372 1.00 32.41 ? 113 HOH B O   1 
HETATM 1009 O O   . HOH D 2 .  ? -15.231 7.018   0.918   1.00 43.17 ? 114 HOH B O   1 
HETATM 1010 O O   . HOH D 2 .  ? -3.748  -2.142  9.828   1.00 35.58 ? 115 HOH B O   1 
HETATM 1011 O O   . HOH D 2 .  ? -20.463 8.466   -1.304  1.00 35.10 ? 116 HOH B O   1 
HETATM 1012 O O   . HOH D 2 .  ? -15.280 10.068  -14.799 1.00 27.23 ? 117 HOH B O   1 
HETATM 1013 O O   . HOH D 2 .  ? -12.747 13.606  2.702   1.00 41.89 ? 118 HOH B O   1 
HETATM 1014 O O   . HOH D 2 .  ? -4.337  12.895  5.827   1.00 44.76 ? 119 HOH B O   1 
HETATM 1015 O O   . HOH D 2 .  ? -16.672 -3.685  -0.652  1.00 34.85 ? 120 HOH B O   1 
HETATM 1016 O O   . HOH D 2 .  ? -1.519  9.680   6.673   1.00 60.51 ? 121 HOH B O   1 
HETATM 1017 O O   . HOH D 2 .  ? -21.275 7.439   -7.541  1.00 30.83 ? 122 HOH B O   1 
HETATM 1018 O O   . HOH D 2 .  ? -11.221 -8.053  -5.752  1.00 57.49 ? 123 HOH B O   1 
HETATM 1019 O O   . HOH D 2 .  ? -4.074  1.471   -11.079 1.00 38.59 ? 124 HOH B O   1 
HETATM 1020 O O   . HOH D 2 .  ? -14.169 -2.870  -7.447  1.00 62.99 ? 125 HOH B O   1 
HETATM 1021 O O   . HOH D 2 .  ? 0.212   11.115  -1.706  1.00 36.88 ? 126 HOH B O   1 
HETATM 1022 O O   . HOH D 2 .  ? -0.395  9.862   -14.650 1.00 50.76 ? 127 HOH B O   1 
HETATM 1023 O O   . HOH D 2 .  ? 5.929   9.092   9.501   1.00 63.90 ? 128 HOH B O   1 
HETATM 1024 O O   . HOH D 2 .  ? -5.567  -3.676  -6.718  1.00 38.17 ? 129 HOH B O   1 
HETATM 1025 O O   . HOH D 2 .  ? -13.505 2.117   -12.208 1.00 50.44 ? 130 HOH B O   1 
HETATM 1026 O O   . HOH D 2 .  ? -6.960  3.843   13.585  0.50 81.85 ? 131 HOH B O   1 
HETATM 1027 O O   . HOH D 2 .  ? -14.277 -9.575  3.667   1.00 42.95 ? 132 HOH B O   1 
HETATM 1028 O O   . HOH D 2 .  ? -11.790 3.070   8.607   1.00 55.11 ? 133 HOH B O   1 
HETATM 1029 O O   . HOH D 2 .  ? -21.815 8.909   -11.942 1.00 55.83 ? 134 HOH B O   1 
HETATM 1030 O O   . HOH D 2 .  ? 9.387   10.927  -7.582  1.00 61.26 ? 135 HOH B O   1 
HETATM 1031 O O   . HOH D 2 .  ? 3.161   12.746  -1.718  1.00 51.11 ? 136 HOH B O   1 
HETATM 1032 O O   . HOH D 2 .  ? -13.302 9.576   -16.467 1.00 33.62 ? 137 HOH B O   1 
HETATM 1033 O O   . HOH D 2 .  ? -10.972 9.854   4.760   1.00 46.68 ? 138 HOH B O   1 
HETATM 1034 O O   . HOH D 2 .  ? 3.399   16.281  -7.012  1.00 58.52 ? 139 HOH B O   1 
HETATM 1035 O O   . HOH D 2 .  ? 1.664   15.188  5.448   1.00 63.39 ? 140 HOH B O   1 
HETATM 1036 O O   . HOH D 2 .  ? -11.265 8.411   -20.346 1.00 60.78 ? 141 HOH B O   1 
HETATM 1037 O O   . HOH D 2 .  ? -16.615 10.455  1.507   1.00 51.46 ? 142 HOH B O   1 
HETATM 1038 O O   . HOH D 2 .  ? 1.772   11.453  -15.953 1.00 66.21 ? 143 HOH B O   1 
HETATM 1039 O O   . HOH D 2 .  ? -21.088 11.075  -14.935 1.00 56.36 ? 144 HOH B O   1 
HETATM 1040 O O   . HOH D 2 .  ? -4.577  8.775   10.265  1.00 49.12 ? 145 HOH B O   1 
HETATM 1041 O O   . HOH D 2 .  ? -17.755 -2.631  -4.139  1.00 60.51 ? 146 HOH B O   1 
HETATM 1042 O O   . HOH D 2 .  ? -11.807 -9.851  -1.693  1.00 59.08 ? 147 HOH B O   1 
HETATM 1043 O O   . HOH D 2 .  ? -18.658 4.594   -4.325  1.00 49.25 ? 148 HOH B O   1 
HETATM 1044 O O   . HOH D 2 .  ? -10.401 3.345   -19.121 1.00 63.36 ? 149 HOH B O   1 
HETATM 1045 O O   . HOH D 2 .  ? -8.110  2.234   -15.712 1.00 59.40 ? 150 HOH B O   1 
HETATM 1046 O O   . HOH D 2 .  ? -2.022  4.872   -15.371 1.00 62.65 ? 151 HOH B O   1 
HETATM 1047 O O   . HOH D 2 .  ? -19.928 -8.644  -1.774  1.00 61.53 ? 152 HOH B O   1 
HETATM 1048 O O   . HOH D 2 .  ? 7.410   12.247  -18.611 1.00 61.88 ? 153 HOH B O   1 
HETATM 1049 O O   . HOH D 2 .  ? 3.059   9.064   -19.514 1.00 60.67 ? 154 HOH B O   1 
# 
loop_
_pdbx_poly_seq_scheme.asym_id 
_pdbx_poly_seq_scheme.entity_id 
_pdbx_poly_seq_scheme.seq_id 
_pdbx_poly_seq_scheme.mon_id 
_pdbx_poly_seq_scheme.ndb_seq_num 
_pdbx_poly_seq_scheme.pdb_seq_num 
_pdbx_poly_seq_scheme.auth_seq_num 
_pdbx_poly_seq_scheme.pdb_mon_id 
_pdbx_poly_seq_scheme.auth_mon_id 
_pdbx_poly_seq_scheme.pdb_strand_id 
_pdbx_poly_seq_scheme.pdb_ins_code 
_pdbx_poly_seq_scheme.hetero 
A 1 1  SER 1  1  ?  ?   ?   A . n 
A 1 2  LYS 2  2  ?  ?   ?   A . n 
A 1 3  ILE 3  3  ?  ?   ?   A . n 
A 1 4  ASN 4  4  ?  ?   ?   A . n 
A 1 5  VAL 5  5  ?  ?   ?   A . n 
A 1 6  ASN 6  6  ?  ?   ?   A . n 
A 1 7  VAL 7  7  ?  ?   ?   A . n 
A 1 8  GLU 8  8  ?  ?   ?   A . n 
A 1 9  ASN 9  9  9  ASN ASN A . n 
A 1 10 VAL 10 10 10 VAL VAL A . n 
A 1 11 SER 11 11 11 SER SER A . n 
A 1 12 GLY 12 12 12 GLY GLY A . n 
A 1 13 VAL 13 13 13 VAL VAL A . n 
A 1 14 GLN 14 14 14 GLN GLN A . n 
A 1 15 GLY 15 15 15 GLY GLY A . n 
A 1 16 PHE 16 16 16 PHE PHE A . n 
A 1 17 LEU 17 17 17 LEU LEU A . n 
A 1 18 PHE 18 18 18 PHE PHE A . n 
A 1 19 HIS 19 19 19 HIS HIS A . n 
A 1 20 THR 20 20 20 THR THR A . n 
A 1 21 ASP 21 21 21 ASP ASP A . n 
A 1 22 GLY 22 22 22 GLY GLY A . n 
A 1 23 LYS 23 23 23 LYS LYS A . n 
A 1 24 GLU 24 24 24 GLU GLU A . n 
A 1 25 SER 25 25 25 SER SER A . n 
A 1 26 TYR 26 26 26 TYR TYR A . n 
A 1 27 GLY 27 27 27 GLY GLY A . n 
A 1 28 TYR 28 28 28 TYR TYR A . n 
A 1 29 ARG 29 29 29 ARG ARG A . n 
A 1 30 ALA 30 30 30 ALA ALA A . n 
A 1 31 PHE 31 31 31 PHE PHE A . n 
A 1 32 ILE 32 32 32 ILE ILE A . n 
A 1 33 ASN 33 33 33 ASN ASN A . n 
A 1 34 GLY 34 34 34 GLY GLY A . n 
A 1 35 VAL 35 35 35 VAL VAL A . n 
A 1 36 GLU 36 36 36 GLU GLU A . n 
A 1 37 ILE 37 37 37 ILE ILE A . n 
A 1 38 GLY 38 38 38 GLY GLY A . n 
A 1 39 ILE 39 39 39 ILE ILE A . n 
A 1 40 LYS 40 40 40 LYS LYS A . n 
A 1 41 ASP 41 41 41 ASP ASP A . n 
A 1 42 ILE 42 42 42 ILE ILE A . n 
A 1 43 GLU 43 43 43 GLU GLU A . n 
A 1 44 THR 44 44 44 THR THR A . n 
A 1 45 VAL 45 45 45 VAL VAL A . n 
A 1 46 GLN 46 46 46 GLN GLN A . n 
A 1 47 GLY 47 47 47 GLY GLY A . n 
A 1 48 PHE 48 48 48 PHE PHE A . n 
A 1 49 GLN 49 49 49 GLN GLN A . n 
A 1 50 GLN 50 50 50 GLN GLN A . n 
A 1 51 ILE 51 51 51 ILE ILE A . n 
A 1 52 ILE 52 52 52 ILE ILE A . n 
A 1 53 PRO 53 53 53 PRO PRO A . n 
A 1 54 SER 54 54 54 SER SER A . n 
A 1 55 ILE 55 55 55 ILE ILE A . n 
A 1 56 ASN 56 56 56 ASN ASN A . n 
A 1 57 ILE 57 57 57 ILE ILE A . n 
A 1 58 SER 58 58 58 SER SER A . n 
A 1 59 LYS 59 59 59 LYS LYS A . n 
A 1 60 SER 60 60 60 SER SER A . n 
A 1 61 ASP 61 61 61 ASP ASP A . n 
A 1 62 VAL 62 62 62 VAL VAL A . n 
A 1 63 GLU 63 63 63 GLU GLU A . n 
A 1 64 ALA 64 64 64 ALA ALA A . n 
A 1 65 ILE 65 65 65 ILE ILE A . n 
A 1 66 GLU 66 66 66 GLU GLU A . n 
A 1 67 LYS 67 67 67 LYS LYS A . n 
A 1 68 ALA 68 68 68 ALA ALA A . n 
A 1 69 MET 69 69 69 MET MET A . n 
A 1 70 LYS 70 70 70 LYS LYS A . n 
A 1 71 LYS 71 71 ?  ?   ?   A . n 
B 1 1  SER 1  1  ?  ?   ?   B . n 
B 1 2  LYS 2  2  ?  ?   ?   B . n 
B 1 3  ILE 3  3  ?  ?   ?   B . n 
B 1 4  ASN 4  4  ?  ?   ?   B . n 
B 1 5  VAL 5  5  ?  ?   ?   B . n 
B 1 6  ASN 6  6  ?  ?   ?   B . n 
B 1 7  VAL 7  7  ?  ?   ?   B . n 
B 1 8  GLU 8  8  ?  ?   ?   B . n 
B 1 9  ASN 9  9  9  ASN ASN B . n 
B 1 10 VAL 10 10 10 VAL VAL B . n 
B 1 11 SER 11 11 11 SER SER B . n 
B 1 12 GLY 12 12 12 GLY GLY B . n 
B 1 13 VAL 13 13 13 VAL VAL B . n 
B 1 14 GLN 14 14 14 GLN GLN B . n 
B 1 15 GLY 15 15 15 GLY GLY B . n 
B 1 16 PHE 16 16 16 PHE PHE B . n 
B 1 17 LEU 17 17 17 LEU LEU B . n 
B 1 18 PHE 18 18 18 PHE PHE B . n 
B 1 19 HIS 19 19 19 HIS HIS B . n 
B 1 20 THR 20 20 20 THR THR B . n 
B 1 21 ASP 21 21 21 ASP ASP B . n 
B 1 22 GLY 22 22 22 GLY GLY B . n 
B 1 23 LYS 23 23 23 LYS LYS B . n 
B 1 24 GLU 24 24 24 GLU GLU B . n 
B 1 25 SER 25 25 25 SER SER B . n 
B 1 26 TYR 26 26 26 TYR TYR B . n 
B 1 27 GLY 27 27 27 GLY GLY B . n 
B 1 28 TYR 28 28 28 TYR TYR B . n 
B 1 29 ARG 29 29 29 ARG ARG B . n 
B 1 30 ALA 30 30 30 ALA ALA B . n 
B 1 31 PHE 31 31 31 PHE PHE B . n 
B 1 32 ILE 32 32 32 ILE ILE B . n 
B 1 33 ASN 33 33 33 ASN ASN B . n 
B 1 34 GLY 34 34 34 GLY GLY B . n 
B 1 35 VAL 35 35 35 VAL VAL B . n 
B 1 36 GLU 36 36 36 GLU GLU B . n 
B 1 37 ILE 37 37 37 ILE ILE B . n 
B 1 38 GLY 38 38 38 GLY GLY B . n 
B 1 39 ILE 39 39 39 ILE ILE B . n 
B 1 40 LYS 40 40 40 LYS LYS B . n 
B 1 41 ASP 41 41 41 ASP ASP B . n 
B 1 42 ILE 42 42 42 ILE ILE B . n 
B 1 43 GLU 43 43 43 GLU GLU B . n 
B 1 44 THR 44 44 44 THR THR B . n 
B 1 45 VAL 45 45 45 VAL VAL B . n 
B 1 46 GLN 46 46 46 GLN GLN B . n 
B 1 47 GLY 47 47 47 GLY GLY B . n 
B 1 48 PHE 48 48 48 PHE PHE B . n 
B 1 49 GLN 49 49 49 GLN GLN B . n 
B 1 50 GLN 50 50 50 GLN GLN B . n 
B 1 51 ILE 51 51 51 ILE ILE B . n 
B 1 52 ILE 52 52 52 ILE ILE B . n 
B 1 53 PRO 53 53 53 PRO PRO B . n 
B 1 54 SER 54 54 54 SER SER B . n 
B 1 55 ILE 55 55 55 ILE ILE B . n 
B 1 56 ASN 56 56 56 ASN ASN B . n 
B 1 57 ILE 57 57 57 ILE ILE B . n 
B 1 58 SER 58 58 58 SER SER B . n 
B 1 59 LYS 59 59 59 LYS LYS B . n 
B 1 60 SER 60 60 60 SER SER B . n 
B 1 61 ASP 61 61 61 ASP ASP B . n 
B 1 62 VAL 62 62 62 VAL VAL B . n 
B 1 63 GLU 63 63 63 GLU GLU B . n 
B 1 64 ALA 64 64 64 ALA ALA B . n 
B 1 65 ILE 65 65 65 ILE ILE B . n 
B 1 66 GLU 66 66 66 GLU GLU B . n 
B 1 67 LYS 67 67 67 LYS LYS B . n 
B 1 68 ALA 68 68 68 ALA ALA B . n 
B 1 69 MET 69 69 69 MET MET B . n 
B 1 70 LYS 70 70 70 LYS LYS B . n 
B 1 71 LYS 71 71 ?  ?   ?   B . n 
# 
loop_
_pdbx_nonpoly_scheme.asym_id 
_pdbx_nonpoly_scheme.entity_id 
_pdbx_nonpoly_scheme.mon_id 
_pdbx_nonpoly_scheme.ndb_seq_num 
_pdbx_nonpoly_scheme.pdb_seq_num 
_pdbx_nonpoly_scheme.auth_seq_num 
_pdbx_nonpoly_scheme.pdb_mon_id 
_pdbx_nonpoly_scheme.auth_mon_id 
_pdbx_nonpoly_scheme.pdb_strand_id 
_pdbx_nonpoly_scheme.pdb_ins_code 
C 2 HOH 1  101 137 HOH HOH A . 
C 2 HOH 2  102 117 HOH HOH A . 
C 2 HOH 3  103 102 HOH HOH A . 
C 2 HOH 4  104 203 HOH HOH A . 
C 2 HOH 5  105 104 HOH HOH A . 
C 2 HOH 6  106 208 HOH HOH A . 
C 2 HOH 7  107 112 HOH HOH A . 
C 2 HOH 8  108 128 HOH HOH A . 
C 2 HOH 9  109 105 HOH HOH A . 
C 2 HOH 10 110 110 HOH HOH A . 
C 2 HOH 11 111 123 HOH HOH A . 
C 2 HOH 12 112 126 HOH HOH A . 
C 2 HOH 13 113 108 HOH HOH A . 
C 2 HOH 14 114 150 HOH HOH A . 
C 2 HOH 15 115 165 HOH HOH A . 
C 2 HOH 16 116 144 HOH HOH A . 
C 2 HOH 17 117 113 HOH HOH A . 
C 2 HOH 18 118 156 HOH HOH A . 
C 2 HOH 19 119 121 HOH HOH A . 
C 2 HOH 20 120 130 HOH HOH A . 
C 2 HOH 21 121 119 HOH HOH A . 
C 2 HOH 22 122 163 HOH HOH A . 
C 2 HOH 23 123 148 HOH HOH A . 
C 2 HOH 24 124 199 HOH HOH A . 
C 2 HOH 25 125 139 HOH HOH A . 
C 2 HOH 26 126 201 HOH HOH A . 
C 2 HOH 27 127 118 HOH HOH A . 
C 2 HOH 28 128 178 HOH HOH A . 
C 2 HOH 29 129 160 HOH HOH A . 
C 2 HOH 30 130 175 HOH HOH A . 
C 2 HOH 31 131 189 HOH HOH A . 
C 2 HOH 32 132 149 HOH HOH A . 
C 2 HOH 33 133 190 HOH HOH A . 
C 2 HOH 34 134 155 HOH HOH A . 
C 2 HOH 35 135 146 HOH HOH A . 
C 2 HOH 36 136 161 HOH HOH A . 
C 2 HOH 37 137 136 HOH HOH A . 
C 2 HOH 38 138 182 HOH HOH A . 
C 2 HOH 39 139 101 HOH HOH A . 
C 2 HOH 40 140 188 HOH HOH A . 
C 2 HOH 41 141 142 HOH HOH A . 
C 2 HOH 42 142 125 HOH HOH A . 
C 2 HOH 43 143 187 HOH HOH A . 
C 2 HOH 44 144 147 HOH HOH A . 
C 2 HOH 45 145 181 HOH HOH A . 
C 2 HOH 46 146 196 HOH HOH A . 
C 2 HOH 47 147 184 HOH HOH A . 
C 2 HOH 48 148 200 HOH HOH A . 
C 2 HOH 49 149 174 HOH HOH A . 
C 2 HOH 50 150 171 HOH HOH A . 
C 2 HOH 51 151 162 HOH HOH A . 
D 2 HOH 1  101 141 HOH HOH B . 
D 2 HOH 2  102 158 HOH HOH B . 
D 2 HOH 3  103 103 HOH HOH B . 
D 2 HOH 4  104 109 HOH HOH B . 
D 2 HOH 5  105 132 HOH HOH B . 
D 2 HOH 6  106 209 HOH HOH B . 
D 2 HOH 7  107 122 HOH HOH B . 
D 2 HOH 8  108 207 HOH HOH B . 
D 2 HOH 9  109 206 HOH HOH B . 
D 2 HOH 10 110 114 HOH HOH B . 
D 2 HOH 11 111 202 HOH HOH B . 
D 2 HOH 12 112 138 HOH HOH B . 
D 2 HOH 13 113 204 HOH HOH B . 
D 2 HOH 14 114 166 HOH HOH B . 
D 2 HOH 15 115 116 HOH HOH B . 
D 2 HOH 16 116 120 HOH HOH B . 
D 2 HOH 17 117 205 HOH HOH B . 
D 2 HOH 18 118 151 HOH HOH B . 
D 2 HOH 19 119 134 HOH HOH B . 
D 2 HOH 20 120 115 HOH HOH B . 
D 2 HOH 21 121 192 HOH HOH B . 
D 2 HOH 22 122 107 HOH HOH B . 
D 2 HOH 23 123 185 HOH HOH B . 
D 2 HOH 24 124 127 HOH HOH B . 
D 2 HOH 25 125 172 HOH HOH B . 
D 2 HOH 26 126 106 HOH HOH B . 
D 2 HOH 27 127 173 HOH HOH B . 
D 2 HOH 28 128 170 HOH HOH B . 
D 2 HOH 29 129 124 HOH HOH B . 
D 2 HOH 30 130 186 HOH HOH B . 
D 2 HOH 31 131 131 HOH HOH B . 
D 2 HOH 32 132 129 HOH HOH B . 
D 2 HOH 33 133 135 HOH HOH B . 
D 2 HOH 34 134 191 HOH HOH B . 
D 2 HOH 35 135 153 HOH HOH B . 
D 2 HOH 36 136 180 HOH HOH B . 
D 2 HOH 37 137 210 HOH HOH B . 
D 2 HOH 38 138 133 HOH HOH B . 
D 2 HOH 39 139 145 HOH HOH B . 
D 2 HOH 40 140 177 HOH HOH B . 
D 2 HOH 41 141 167 HOH HOH B . 
D 2 HOH 42 142 164 HOH HOH B . 
D 2 HOH 43 143 183 HOH HOH B . 
D 2 HOH 44 144 197 HOH HOH B . 
D 2 HOH 45 145 154 HOH HOH B . 
D 2 HOH 46 146 140 HOH HOH B . 
D 2 HOH 47 147 152 HOH HOH B . 
D 2 HOH 48 148 111 HOH HOH B . 
D 2 HOH 49 149 176 HOH HOH B . 
D 2 HOH 50 150 179 HOH HOH B . 
D 2 HOH 51 151 143 HOH HOH B . 
D 2 HOH 52 152 168 HOH HOH B . 
D 2 HOH 53 153 157 HOH HOH B . 
D 2 HOH 54 154 194 HOH HOH B . 
# 
_pdbx_struct_assembly.id                   1 
_pdbx_struct_assembly.details              author_and_software_defined_assembly 
_pdbx_struct_assembly.method_details       PISA 
_pdbx_struct_assembly.oligomeric_details   octameric 
_pdbx_struct_assembly.oligomeric_count     8 
# 
_pdbx_struct_assembly_gen.assembly_id       1 
_pdbx_struct_assembly_gen.oper_expression   1,2,3,4 
_pdbx_struct_assembly_gen.asym_id_list      A,B,C,D 
# 
loop_
_pdbx_struct_assembly_prop.biol_id 
_pdbx_struct_assembly_prop.type 
_pdbx_struct_assembly_prop.value 
_pdbx_struct_assembly_prop.details 
1 'ABSA (A^2)' 12520 ? 
1 MORE         -92   ? 
1 'SSA (A^2)'  22480 ? 
# 
loop_
_pdbx_struct_oper_list.id 
_pdbx_struct_oper_list.type 
_pdbx_struct_oper_list.name 
_pdbx_struct_oper_list.symmetry_operation 
_pdbx_struct_oper_list.matrix[1][1] 
_pdbx_struct_oper_list.matrix[1][2] 
_pdbx_struct_oper_list.matrix[1][3] 
_pdbx_struct_oper_list.vector[1] 
_pdbx_struct_oper_list.matrix[2][1] 
_pdbx_struct_oper_list.matrix[2][2] 
_pdbx_struct_oper_list.matrix[2][3] 
_pdbx_struct_oper_list.vector[2] 
_pdbx_struct_oper_list.matrix[3][1] 
_pdbx_struct_oper_list.matrix[3][2] 
_pdbx_struct_oper_list.matrix[3][3] 
_pdbx_struct_oper_list.vector[3] 
1 'identity operation'         1_555  x,y,z   1.0000000000  0.0000000000  0.0000000000  0.0000000000  0.0000000000  1.0000000000  0.0000000000 0.0000000000  0.0000000000  0.0000000000 1.0000000000 0.0000000000   
2 'crystal symmetry operation' 2_555  -x,-y,z -0.9225639591 0.2265605820  0.3123236207  29.2153775796 0.2265605820  -0.3371342759 0.9137892441 25.9959412348 0.3123236207  0.9137892441 0.2596982351 -26.1010637952 
3 'crystal symmetry operation' 15_555 y,-x,z  0.0387180204  -0.6803500496 0.7318638705  32.4364907373 0.9069106316  0.3314328620  0.2601256702 -1.1630738957 -0.4195402498 0.6536635740 0.6298491175 -7.1984524230  
4 'crystal symmetry operation' 16_555 -y,x,z  0.0387180204  0.9069106316  -0.4195402498 -3.2211131577 -0.6803500496 0.3314328620  0.6536635740 27.1590151305 0.7318638705  0.2601256702 0.6298491175 -18.9026113722 
# 
_pdbx_struct_special_symmetry.id              1 
_pdbx_struct_special_symmetry.PDB_model_num   1 
_pdbx_struct_special_symmetry.auth_asym_id    B 
_pdbx_struct_special_symmetry.auth_comp_id    HOH 
_pdbx_struct_special_symmetry.auth_seq_id     131 
_pdbx_struct_special_symmetry.PDB_ins_code    ? 
_pdbx_struct_special_symmetry.label_asym_id   D 
_pdbx_struct_special_symmetry.label_comp_id   HOH 
_pdbx_struct_special_symmetry.label_seq_id    . 
# 
loop_
_pdbx_audit_revision_history.ordinal 
_pdbx_audit_revision_history.data_content_type 
_pdbx_audit_revision_history.major_revision 
_pdbx_audit_revision_history.minor_revision 
_pdbx_audit_revision_history.revision_date 
1 'Structure model' 1 0 2016-09-14 
2 'Structure model' 1 1 2017-03-22 
3 'Structure model' 1 2 2019-01-16 
4 'Structure model' 1 3 2023-09-27 
# 
_pdbx_audit_revision_details.ordinal             1 
_pdbx_audit_revision_details.revision_ordinal    1 
_pdbx_audit_revision_details.data_content_type   'Structure model' 
_pdbx_audit_revision_details.provider            repository 
_pdbx_audit_revision_details.type                'Initial release' 
_pdbx_audit_revision_details.description         ? 
_pdbx_audit_revision_details.details             ? 
# 
loop_
_pdbx_audit_revision_group.ordinal 
_pdbx_audit_revision_group.revision_ordinal 
_pdbx_audit_revision_group.data_content_type 
_pdbx_audit_revision_group.group 
1 2 'Structure model' 'Data collection'        
2 2 'Structure model' 'Source and taxonomy'    
3 3 'Structure model' 'Data collection'        
4 3 'Structure model' 'Database references'    
5 4 'Structure model' 'Data collection'        
6 4 'Structure model' 'Database references'    
7 4 'Structure model' 'Refinement description' 
# 
loop_
_pdbx_audit_revision_category.ordinal 
_pdbx_audit_revision_category.revision_ordinal 
_pdbx_audit_revision_category.data_content_type 
_pdbx_audit_revision_category.category 
1 3 'Structure model' citation                      
2 3 'Structure model' citation_author               
3 4 'Structure model' chem_comp_atom                
4 4 'Structure model' chem_comp_bond                
5 4 'Structure model' database_2                    
6 4 'Structure model' pdbx_initial_refinement_model 
# 
loop_
_pdbx_audit_revision_item.ordinal 
_pdbx_audit_revision_item.revision_ordinal 
_pdbx_audit_revision_item.data_content_type 
_pdbx_audit_revision_item.item 
1  3 'Structure model' '_citation.country'                   
2  3 'Structure model' '_citation.journal_abbrev'            
3  3 'Structure model' '_citation.journal_id_CSD'            
4  3 'Structure model' '_citation.journal_id_ISSN'           
5  3 'Structure model' '_citation.journal_volume'            
6  3 'Structure model' '_citation.pdbx_database_id_DOI'      
7  3 'Structure model' '_citation.pdbx_database_id_PubMed'   
8  3 'Structure model' '_citation.title'                     
9  3 'Structure model' '_citation.year'                      
10 4 'Structure model' '_database_2.pdbx_DOI'                
11 4 'Structure model' '_database_2.pdbx_database_accession' 
# 
loop_
_software.citation_id 
_software.classification 
_software.compiler_name 
_software.compiler_version 
_software.contact_author 
_software.contact_author_email 
_software.date 
_software.description 
_software.dependencies 
_software.hardware 
_software.language 
_software.location 
_software.mods 
_software.name 
_software.os 
_software.os_version 
_software.type 
_software.version 
_software.pdbx_ordinal 
? 'data reduction'  ? ? ? ? ? ? ? ? ? ? ? d*TREK      ? ? ? '9.9.8.6 W9RSSI' 1 
? 'data scaling'    ? ? ? ? ? ? ? ? ? ? ? d*TREK      ? ? ? '9.9.8.6 W9RSSI' 2 
? refinement        ? ? ? ? ? ? ? ? ? ? ? REFMAC      ? ? ? 5.8.0103         3 
? 'data extraction' ? ? ? ? ? ? ? ? ? ? ? PDB_EXTRACT ? ? ? 3.15             4 
? phasing           ? ? ? ? ? ? ? ? ? ? ? REFMAC      ? ? ? .                5 
# 
_pdbx_validate_rmsd_angle.id                         1 
_pdbx_validate_rmsd_angle.PDB_model_num              1 
_pdbx_validate_rmsd_angle.auth_atom_id_1             CB 
_pdbx_validate_rmsd_angle.auth_asym_id_1             B 
_pdbx_validate_rmsd_angle.auth_comp_id_1             ASP 
_pdbx_validate_rmsd_angle.auth_seq_id_1              41 
_pdbx_validate_rmsd_angle.PDB_ins_code_1             ? 
_pdbx_validate_rmsd_angle.label_alt_id_1             ? 
_pdbx_validate_rmsd_angle.auth_atom_id_2             CG 
_pdbx_validate_rmsd_angle.auth_asym_id_2             B 
_pdbx_validate_rmsd_angle.auth_comp_id_2             ASP 
_pdbx_validate_rmsd_angle.auth_seq_id_2              41 
_pdbx_validate_rmsd_angle.PDB_ins_code_2             ? 
_pdbx_validate_rmsd_angle.label_alt_id_2             ? 
_pdbx_validate_rmsd_angle.auth_atom_id_3             OD1 
_pdbx_validate_rmsd_angle.auth_asym_id_3             B 
_pdbx_validate_rmsd_angle.auth_comp_id_3             ASP 
_pdbx_validate_rmsd_angle.auth_seq_id_3              41 
_pdbx_validate_rmsd_angle.PDB_ins_code_3             ? 
_pdbx_validate_rmsd_angle.label_alt_id_3             ? 
_pdbx_validate_rmsd_angle.angle_value                124.23 
_pdbx_validate_rmsd_angle.angle_target_value         118.30 
_pdbx_validate_rmsd_angle.angle_deviation            5.93 
_pdbx_validate_rmsd_angle.angle_standard_deviation   0.90 
_pdbx_validate_rmsd_angle.linker_flag                N 
# 
loop_
_pdbx_validate_torsion.id 
_pdbx_validate_torsion.PDB_model_num 
_pdbx_validate_torsion.auth_comp_id 
_pdbx_validate_torsion.auth_asym_id 
_pdbx_validate_torsion.auth_seq_id 
_pdbx_validate_torsion.PDB_ins_code 
_pdbx_validate_torsion.label_alt_id 
_pdbx_validate_torsion.phi 
_pdbx_validate_torsion.psi 
1 1 GLU A 24 ? ? -102.22 74.86 
2 1 MET A 69 ? ? -99.34  30.04 
# 
loop_
_pdbx_distant_solvent_atoms.id 
_pdbx_distant_solvent_atoms.PDB_model_num 
_pdbx_distant_solvent_atoms.auth_atom_id 
_pdbx_distant_solvent_atoms.label_alt_id 
_pdbx_distant_solvent_atoms.auth_asym_id 
_pdbx_distant_solvent_atoms.auth_comp_id 
_pdbx_distant_solvent_atoms.auth_seq_id 
_pdbx_distant_solvent_atoms.PDB_ins_code 
_pdbx_distant_solvent_atoms.neighbor_macromolecule_distance 
_pdbx_distant_solvent_atoms.neighbor_ligand_distance 
1 1 O ? A HOH 151 ? 8.53 . 
2 1 O ? B HOH 154 ? 7.79 . 
# 
loop_
_pdbx_unobs_or_zero_occ_atoms.id 
_pdbx_unobs_or_zero_occ_atoms.PDB_model_num 
_pdbx_unobs_or_zero_occ_atoms.polymer_flag 
_pdbx_unobs_or_zero_occ_atoms.occupancy_flag 
_pdbx_unobs_or_zero_occ_atoms.auth_asym_id 
_pdbx_unobs_or_zero_occ_atoms.auth_comp_id 
_pdbx_unobs_or_zero_occ_atoms.auth_seq_id 
_pdbx_unobs_or_zero_occ_atoms.PDB_ins_code 
_pdbx_unobs_or_zero_occ_atoms.auth_atom_id 
_pdbx_unobs_or_zero_occ_atoms.label_alt_id 
_pdbx_unobs_or_zero_occ_atoms.label_asym_id 
_pdbx_unobs_or_zero_occ_atoms.label_comp_id 
_pdbx_unobs_or_zero_occ_atoms.label_seq_id 
_pdbx_unobs_or_zero_occ_atoms.label_atom_id 
1  1 Y 1 A LYS 67 ? CE  ? A LYS 67 CE  
2  1 Y 1 A LYS 67 ? NZ  ? A LYS 67 NZ  
3  1 Y 1 A LYS 70 ? CD  ? A LYS 70 CD  
4  1 Y 1 A LYS 70 ? CE  ? A LYS 70 CE  
5  1 Y 1 A LYS 70 ? NZ  ? A LYS 70 NZ  
6  1 Y 1 B LYS 23 ? CG  ? B LYS 23 CG  
7  1 Y 1 B LYS 23 ? CD  ? B LYS 23 CD  
8  1 Y 1 B LYS 23 ? CE  ? B LYS 23 CE  
9  1 Y 1 B LYS 23 ? NZ  ? B LYS 23 NZ  
10 1 Y 1 B GLN 50 ? NE2 ? B GLN 50 NE2 
11 1 Y 1 B LYS 67 ? CD  ? B LYS 67 CD  
12 1 Y 1 B LYS 67 ? CE  ? B LYS 67 CE  
13 1 Y 1 B LYS 67 ? NZ  ? B LYS 67 NZ  
14 1 Y 1 B LYS 70 ? CD  ? B LYS 70 CD  
15 1 Y 1 B LYS 70 ? CE  ? B LYS 70 CE  
16 1 Y 1 B LYS 70 ? NZ  ? B LYS 70 NZ  
# 
loop_
_pdbx_unobs_or_zero_occ_residues.id 
_pdbx_unobs_or_zero_occ_residues.PDB_model_num 
_pdbx_unobs_or_zero_occ_residues.polymer_flag 
_pdbx_unobs_or_zero_occ_residues.occupancy_flag 
_pdbx_unobs_or_zero_occ_residues.auth_asym_id 
_pdbx_unobs_or_zero_occ_residues.auth_comp_id 
_pdbx_unobs_or_zero_occ_residues.auth_seq_id 
_pdbx_unobs_or_zero_occ_residues.PDB_ins_code 
_pdbx_unobs_or_zero_occ_residues.label_asym_id 
_pdbx_unobs_or_zero_occ_residues.label_comp_id 
_pdbx_unobs_or_zero_occ_residues.label_seq_id 
1  1 Y 1 A SER 1  ? A SER 1  
2  1 Y 1 A LYS 2  ? A LYS 2  
3  1 Y 1 A ILE 3  ? A ILE 3  
4  1 Y 1 A ASN 4  ? A ASN 4  
5  1 Y 1 A VAL 5  ? A VAL 5  
6  1 Y 1 A ASN 6  ? A ASN 6  
7  1 Y 1 A VAL 7  ? A VAL 7  
8  1 Y 1 A GLU 8  ? A GLU 8  
9  1 Y 1 A LYS 71 ? A LYS 71 
10 1 Y 1 B SER 1  ? B SER 1  
11 1 Y 1 B LYS 2  ? B LYS 2  
12 1 Y 1 B ILE 3  ? B ILE 3  
13 1 Y 1 B ASN 4  ? B ASN 4  
14 1 Y 1 B VAL 5  ? B VAL 5  
15 1 Y 1 B ASN 6  ? B ASN 6  
16 1 Y 1 B VAL 7  ? B VAL 7  
17 1 Y 1 B GLU 8  ? B GLU 8  
18 1 Y 1 B LYS 71 ? B LYS 71 
# 
loop_
_chem_comp_atom.comp_id 
_chem_comp_atom.atom_id 
_chem_comp_atom.type_symbol 
_chem_comp_atom.pdbx_aromatic_flag 
_chem_comp_atom.pdbx_stereo_config 
_chem_comp_atom.pdbx_ordinal 
ALA N    N N N 1   
ALA CA   C N S 2   
ALA C    C N N 3   
ALA O    O N N 4   
ALA CB   C N N 5   
ALA OXT  O N N 6   
ALA H    H N N 7   
ALA H2   H N N 8   
ALA HA   H N N 9   
ALA HB1  H N N 10  
ALA HB2  H N N 11  
ALA HB3  H N N 12  
ALA HXT  H N N 13  
ARG N    N N N 14  
ARG CA   C N S 15  
ARG C    C N N 16  
ARG O    O N N 17  
ARG CB   C N N 18  
ARG CG   C N N 19  
ARG CD   C N N 20  
ARG NE   N N N 21  
ARG CZ   C N N 22  
ARG NH1  N N N 23  
ARG NH2  N N N 24  
ARG OXT  O N N 25  
ARG H    H N N 26  
ARG H2   H N N 27  
ARG HA   H N N 28  
ARG HB2  H N N 29  
ARG HB3  H N N 30  
ARG HG2  H N N 31  
ARG HG3  H N N 32  
ARG HD2  H N N 33  
ARG HD3  H N N 34  
ARG HE   H N N 35  
ARG HH11 H N N 36  
ARG HH12 H N N 37  
ARG HH21 H N N 38  
ARG HH22 H N N 39  
ARG HXT  H N N 40  
ASN N    N N N 41  
ASN CA   C N S 42  
ASN C    C N N 43  
ASN O    O N N 44  
ASN CB   C N N 45  
ASN CG   C N N 46  
ASN OD1  O N N 47  
ASN ND2  N N N 48  
ASN OXT  O N N 49  
ASN H    H N N 50  
ASN H2   H N N 51  
ASN HA   H N N 52  
ASN HB2  H N N 53  
ASN HB3  H N N 54  
ASN HD21 H N N 55  
ASN HD22 H N N 56  
ASN HXT  H N N 57  
ASP N    N N N 58  
ASP CA   C N S 59  
ASP C    C N N 60  
ASP O    O N N 61  
ASP CB   C N N 62  
ASP CG   C N N 63  
ASP OD1  O N N 64  
ASP OD2  O N N 65  
ASP OXT  O N N 66  
ASP H    H N N 67  
ASP H2   H N N 68  
ASP HA   H N N 69  
ASP HB2  H N N 70  
ASP HB3  H N N 71  
ASP HD2  H N N 72  
ASP HXT  H N N 73  
GLN N    N N N 74  
GLN CA   C N S 75  
GLN C    C N N 76  
GLN O    O N N 77  
GLN CB   C N N 78  
GLN CG   C N N 79  
GLN CD   C N N 80  
GLN OE1  O N N 81  
GLN NE2  N N N 82  
GLN OXT  O N N 83  
GLN H    H N N 84  
GLN H2   H N N 85  
GLN HA   H N N 86  
GLN HB2  H N N 87  
GLN HB3  H N N 88  
GLN HG2  H N N 89  
GLN HG3  H N N 90  
GLN HE21 H N N 91  
GLN HE22 H N N 92  
GLN HXT  H N N 93  
GLU N    N N N 94  
GLU CA   C N S 95  
GLU C    C N N 96  
GLU O    O N N 97  
GLU CB   C N N 98  
GLU CG   C N N 99  
GLU CD   C N N 100 
GLU OE1  O N N 101 
GLU OE2  O N N 102 
GLU OXT  O N N 103 
GLU H    H N N 104 
GLU H2   H N N 105 
GLU HA   H N N 106 
GLU HB2  H N N 107 
GLU HB3  H N N 108 
GLU HG2  H N N 109 
GLU HG3  H N N 110 
GLU HE2  H N N 111 
GLU HXT  H N N 112 
GLY N    N N N 113 
GLY CA   C N N 114 
GLY C    C N N 115 
GLY O    O N N 116 
GLY OXT  O N N 117 
GLY H    H N N 118 
GLY H2   H N N 119 
GLY HA2  H N N 120 
GLY HA3  H N N 121 
GLY HXT  H N N 122 
HIS N    N N N 123 
HIS CA   C N S 124 
HIS C    C N N 125 
HIS O    O N N 126 
HIS CB   C N N 127 
HIS CG   C Y N 128 
HIS ND1  N Y N 129 
HIS CD2  C Y N 130 
HIS CE1  C Y N 131 
HIS NE2  N Y N 132 
HIS OXT  O N N 133 
HIS H    H N N 134 
HIS H2   H N N 135 
HIS HA   H N N 136 
HIS HB2  H N N 137 
HIS HB3  H N N 138 
HIS HD1  H N N 139 
HIS HD2  H N N 140 
HIS HE1  H N N 141 
HIS HE2  H N N 142 
HIS HXT  H N N 143 
HOH O    O N N 144 
HOH H1   H N N 145 
HOH H2   H N N 146 
ILE N    N N N 147 
ILE CA   C N S 148 
ILE C    C N N 149 
ILE O    O N N 150 
ILE CB   C N S 151 
ILE CG1  C N N 152 
ILE CG2  C N N 153 
ILE CD1  C N N 154 
ILE OXT  O N N 155 
ILE H    H N N 156 
ILE H2   H N N 157 
ILE HA   H N N 158 
ILE HB   H N N 159 
ILE HG12 H N N 160 
ILE HG13 H N N 161 
ILE HG21 H N N 162 
ILE HG22 H N N 163 
ILE HG23 H N N 164 
ILE HD11 H N N 165 
ILE HD12 H N N 166 
ILE HD13 H N N 167 
ILE HXT  H N N 168 
LEU N    N N N 169 
LEU CA   C N S 170 
LEU C    C N N 171 
LEU O    O N N 172 
LEU CB   C N N 173 
LEU CG   C N N 174 
LEU CD1  C N N 175 
LEU CD2  C N N 176 
LEU OXT  O N N 177 
LEU H    H N N 178 
LEU H2   H N N 179 
LEU HA   H N N 180 
LEU HB2  H N N 181 
LEU HB3  H N N 182 
LEU HG   H N N 183 
LEU HD11 H N N 184 
LEU HD12 H N N 185 
LEU HD13 H N N 186 
LEU HD21 H N N 187 
LEU HD22 H N N 188 
LEU HD23 H N N 189 
LEU HXT  H N N 190 
LYS N    N N N 191 
LYS CA   C N S 192 
LYS C    C N N 193 
LYS O    O N N 194 
LYS CB   C N N 195 
LYS CG   C N N 196 
LYS CD   C N N 197 
LYS CE   C N N 198 
LYS NZ   N N N 199 
LYS OXT  O N N 200 
LYS H    H N N 201 
LYS H2   H N N 202 
LYS HA   H N N 203 
LYS HB2  H N N 204 
LYS HB3  H N N 205 
LYS HG2  H N N 206 
LYS HG3  H N N 207 
LYS HD2  H N N 208 
LYS HD3  H N N 209 
LYS HE2  H N N 210 
LYS HE3  H N N 211 
LYS HZ1  H N N 212 
LYS HZ2  H N N 213 
LYS HZ3  H N N 214 
LYS HXT  H N N 215 
MET N    N N N 216 
MET CA   C N S 217 
MET C    C N N 218 
MET O    O N N 219 
MET CB   C N N 220 
MET CG   C N N 221 
MET SD   S N N 222 
MET CE   C N N 223 
MET OXT  O N N 224 
MET H    H N N 225 
MET H2   H N N 226 
MET HA   H N N 227 
MET HB2  H N N 228 
MET HB3  H N N 229 
MET HG2  H N N 230 
MET HG3  H N N 231 
MET HE1  H N N 232 
MET HE2  H N N 233 
MET HE3  H N N 234 
MET HXT  H N N 235 
PHE N    N N N 236 
PHE CA   C N S 237 
PHE C    C N N 238 
PHE O    O N N 239 
PHE CB   C N N 240 
PHE CG   C Y N 241 
PHE CD1  C Y N 242 
PHE CD2  C Y N 243 
PHE CE1  C Y N 244 
PHE CE2  C Y N 245 
PHE CZ   C Y N 246 
PHE OXT  O N N 247 
PHE H    H N N 248 
PHE H2   H N N 249 
PHE HA   H N N 250 
PHE HB2  H N N 251 
PHE HB3  H N N 252 
PHE HD1  H N N 253 
PHE HD2  H N N 254 
PHE HE1  H N N 255 
PHE HE2  H N N 256 
PHE HZ   H N N 257 
PHE HXT  H N N 258 
PRO N    N N N 259 
PRO CA   C N S 260 
PRO C    C N N 261 
PRO O    O N N 262 
PRO CB   C N N 263 
PRO CG   C N N 264 
PRO CD   C N N 265 
PRO OXT  O N N 266 
PRO H    H N N 267 
PRO HA   H N N 268 
PRO HB2  H N N 269 
PRO HB3  H N N 270 
PRO HG2  H N N 271 
PRO HG3  H N N 272 
PRO HD2  H N N 273 
PRO HD3  H N N 274 
PRO HXT  H N N 275 
SER N    N N N 276 
SER CA   C N S 277 
SER C    C N N 278 
SER O    O N N 279 
SER CB   C N N 280 
SER OG   O N N 281 
SER OXT  O N N 282 
SER H    H N N 283 
SER H2   H N N 284 
SER HA   H N N 285 
SER HB2  H N N 286 
SER HB3  H N N 287 
SER HG   H N N 288 
SER HXT  H N N 289 
THR N    N N N 290 
THR CA   C N S 291 
THR C    C N N 292 
THR O    O N N 293 
THR CB   C N R 294 
THR OG1  O N N 295 
THR CG2  C N N 296 
THR OXT  O N N 297 
THR H    H N N 298 
THR H2   H N N 299 
THR HA   H N N 300 
THR HB   H N N 301 
THR HG1  H N N 302 
THR HG21 H N N 303 
THR HG22 H N N 304 
THR HG23 H N N 305 
THR HXT  H N N 306 
TYR N    N N N 307 
TYR CA   C N S 308 
TYR C    C N N 309 
TYR O    O N N 310 
TYR CB   C N N 311 
TYR CG   C Y N 312 
TYR CD1  C Y N 313 
TYR CD2  C Y N 314 
TYR CE1  C Y N 315 
TYR CE2  C Y N 316 
TYR CZ   C Y N 317 
TYR OH   O N N 318 
TYR OXT  O N N 319 
TYR H    H N N 320 
TYR H2   H N N 321 
TYR HA   H N N 322 
TYR HB2  H N N 323 
TYR HB3  H N N 324 
TYR HD1  H N N 325 
TYR HD2  H N N 326 
TYR HE1  H N N 327 
TYR HE2  H N N 328 
TYR HH   H N N 329 
TYR HXT  H N N 330 
VAL N    N N N 331 
VAL CA   C N S 332 
VAL C    C N N 333 
VAL O    O N N 334 
VAL CB   C N N 335 
VAL CG1  C N N 336 
VAL CG2  C N N 337 
VAL OXT  O N N 338 
VAL H    H N N 339 
VAL H2   H N N 340 
VAL HA   H N N 341 
VAL HB   H N N 342 
VAL HG11 H N N 343 
VAL HG12 H N N 344 
VAL HG13 H N N 345 
VAL HG21 H N N 346 
VAL HG22 H N N 347 
VAL HG23 H N N 348 
VAL HXT  H N N 349 
# 
loop_
_chem_comp_bond.comp_id 
_chem_comp_bond.atom_id_1 
_chem_comp_bond.atom_id_2 
_chem_comp_bond.value_order 
_chem_comp_bond.pdbx_aromatic_flag 
_chem_comp_bond.pdbx_stereo_config 
_chem_comp_bond.pdbx_ordinal 
ALA N   CA   sing N N 1   
ALA N   H    sing N N 2   
ALA N   H2   sing N N 3   
ALA CA  C    sing N N 4   
ALA CA  CB   sing N N 5   
ALA CA  HA   sing N N 6   
ALA C   O    doub N N 7   
ALA C   OXT  sing N N 8   
ALA CB  HB1  sing N N 9   
ALA CB  HB2  sing N N 10  
ALA CB  HB3  sing N N 11  
ALA OXT HXT  sing N N 12  
ARG N   CA   sing N N 13  
ARG N   H    sing N N 14  
ARG N   H2   sing N N 15  
ARG CA  C    sing N N 16  
ARG CA  CB   sing N N 17  
ARG CA  HA   sing N N 18  
ARG C   O    doub N N 19  
ARG C   OXT  sing N N 20  
ARG CB  CG   sing N N 21  
ARG CB  HB2  sing N N 22  
ARG CB  HB3  sing N N 23  
ARG CG  CD   sing N N 24  
ARG CG  HG2  sing N N 25  
ARG CG  HG3  sing N N 26  
ARG CD  NE   sing N N 27  
ARG CD  HD2  sing N N 28  
ARG CD  HD3  sing N N 29  
ARG NE  CZ   sing N N 30  
ARG NE  HE   sing N N 31  
ARG CZ  NH1  sing N N 32  
ARG CZ  NH2  doub N N 33  
ARG NH1 HH11 sing N N 34  
ARG NH1 HH12 sing N N 35  
ARG NH2 HH21 sing N N 36  
ARG NH2 HH22 sing N N 37  
ARG OXT HXT  sing N N 38  
ASN N   CA   sing N N 39  
ASN N   H    sing N N 40  
ASN N   H2   sing N N 41  
ASN CA  C    sing N N 42  
ASN CA  CB   sing N N 43  
ASN CA  HA   sing N N 44  
ASN C   O    doub N N 45  
ASN C   OXT  sing N N 46  
ASN CB  CG   sing N N 47  
ASN CB  HB2  sing N N 48  
ASN CB  HB3  sing N N 49  
ASN CG  OD1  doub N N 50  
ASN CG  ND2  sing N N 51  
ASN ND2 HD21 sing N N 52  
ASN ND2 HD22 sing N N 53  
ASN OXT HXT  sing N N 54  
ASP N   CA   sing N N 55  
ASP N   H    sing N N 56  
ASP N   H2   sing N N 57  
ASP CA  C    sing N N 58  
ASP CA  CB   sing N N 59  
ASP CA  HA   sing N N 60  
ASP C   O    doub N N 61  
ASP C   OXT  sing N N 62  
ASP CB  CG   sing N N 63  
ASP CB  HB2  sing N N 64  
ASP CB  HB3  sing N N 65  
ASP CG  OD1  doub N N 66  
ASP CG  OD2  sing N N 67  
ASP OD2 HD2  sing N N 68  
ASP OXT HXT  sing N N 69  
GLN N   CA   sing N N 70  
GLN N   H    sing N N 71  
GLN N   H2   sing N N 72  
GLN CA  C    sing N N 73  
GLN CA  CB   sing N N 74  
GLN CA  HA   sing N N 75  
GLN C   O    doub N N 76  
GLN C   OXT  sing N N 77  
GLN CB  CG   sing N N 78  
GLN CB  HB2  sing N N 79  
GLN CB  HB3  sing N N 80  
GLN CG  CD   sing N N 81  
GLN CG  HG2  sing N N 82  
GLN CG  HG3  sing N N 83  
GLN CD  OE1  doub N N 84  
GLN CD  NE2  sing N N 85  
GLN NE2 HE21 sing N N 86  
GLN NE2 HE22 sing N N 87  
GLN OXT HXT  sing N N 88  
GLU N   CA   sing N N 89  
GLU N   H    sing N N 90  
GLU N   H2   sing N N 91  
GLU CA  C    sing N N 92  
GLU CA  CB   sing N N 93  
GLU CA  HA   sing N N 94  
GLU C   O    doub N N 95  
GLU C   OXT  sing N N 96  
GLU CB  CG   sing N N 97  
GLU CB  HB2  sing N N 98  
GLU CB  HB3  sing N N 99  
GLU CG  CD   sing N N 100 
GLU CG  HG2  sing N N 101 
GLU CG  HG3  sing N N 102 
GLU CD  OE1  doub N N 103 
GLU CD  OE2  sing N N 104 
GLU OE2 HE2  sing N N 105 
GLU OXT HXT  sing N N 106 
GLY N   CA   sing N N 107 
GLY N   H    sing N N 108 
GLY N   H2   sing N N 109 
GLY CA  C    sing N N 110 
GLY CA  HA2  sing N N 111 
GLY CA  HA3  sing N N 112 
GLY C   O    doub N N 113 
GLY C   OXT  sing N N 114 
GLY OXT HXT  sing N N 115 
HIS N   CA   sing N N 116 
HIS N   H    sing N N 117 
HIS N   H2   sing N N 118 
HIS CA  C    sing N N 119 
HIS CA  CB   sing N N 120 
HIS CA  HA   sing N N 121 
HIS C   O    doub N N 122 
HIS C   OXT  sing N N 123 
HIS CB  CG   sing N N 124 
HIS CB  HB2  sing N N 125 
HIS CB  HB3  sing N N 126 
HIS CG  ND1  sing Y N 127 
HIS CG  CD2  doub Y N 128 
HIS ND1 CE1  doub Y N 129 
HIS ND1 HD1  sing N N 130 
HIS CD2 NE2  sing Y N 131 
HIS CD2 HD2  sing N N 132 
HIS CE1 NE2  sing Y N 133 
HIS CE1 HE1  sing N N 134 
HIS NE2 HE2  sing N N 135 
HIS OXT HXT  sing N N 136 
HOH O   H1   sing N N 137 
HOH O   H2   sing N N 138 
ILE N   CA   sing N N 139 
ILE N   H    sing N N 140 
ILE N   H2   sing N N 141 
ILE CA  C    sing N N 142 
ILE CA  CB   sing N N 143 
ILE CA  HA   sing N N 144 
ILE C   O    doub N N 145 
ILE C   OXT  sing N N 146 
ILE CB  CG1  sing N N 147 
ILE CB  CG2  sing N N 148 
ILE CB  HB   sing N N 149 
ILE CG1 CD1  sing N N 150 
ILE CG1 HG12 sing N N 151 
ILE CG1 HG13 sing N N 152 
ILE CG2 HG21 sing N N 153 
ILE CG2 HG22 sing N N 154 
ILE CG2 HG23 sing N N 155 
ILE CD1 HD11 sing N N 156 
ILE CD1 HD12 sing N N 157 
ILE CD1 HD13 sing N N 158 
ILE OXT HXT  sing N N 159 
LEU N   CA   sing N N 160 
LEU N   H    sing N N 161 
LEU N   H2   sing N N 162 
LEU CA  C    sing N N 163 
LEU CA  CB   sing N N 164 
LEU CA  HA   sing N N 165 
LEU C   O    doub N N 166 
LEU C   OXT  sing N N 167 
LEU CB  CG   sing N N 168 
LEU CB  HB2  sing N N 169 
LEU CB  HB3  sing N N 170 
LEU CG  CD1  sing N N 171 
LEU CG  CD2  sing N N 172 
LEU CG  HG   sing N N 173 
LEU CD1 HD11 sing N N 174 
LEU CD1 HD12 sing N N 175 
LEU CD1 HD13 sing N N 176 
LEU CD2 HD21 sing N N 177 
LEU CD2 HD22 sing N N 178 
LEU CD2 HD23 sing N N 179 
LEU OXT HXT  sing N N 180 
LYS N   CA   sing N N 181 
LYS N   H    sing N N 182 
LYS N   H2   sing N N 183 
LYS CA  C    sing N N 184 
LYS CA  CB   sing N N 185 
LYS CA  HA   sing N N 186 
LYS C   O    doub N N 187 
LYS C   OXT  sing N N 188 
LYS CB  CG   sing N N 189 
LYS CB  HB2  sing N N 190 
LYS CB  HB3  sing N N 191 
LYS CG  CD   sing N N 192 
LYS CG  HG2  sing N N 193 
LYS CG  HG3  sing N N 194 
LYS CD  CE   sing N N 195 
LYS CD  HD2  sing N N 196 
LYS CD  HD3  sing N N 197 
LYS CE  NZ   sing N N 198 
LYS CE  HE2  sing N N 199 
LYS CE  HE3  sing N N 200 
LYS NZ  HZ1  sing N N 201 
LYS NZ  HZ2  sing N N 202 
LYS NZ  HZ3  sing N N 203 
LYS OXT HXT  sing N N 204 
MET N   CA   sing N N 205 
MET N   H    sing N N 206 
MET N   H2   sing N N 207 
MET CA  C    sing N N 208 
MET CA  CB   sing N N 209 
MET CA  HA   sing N N 210 
MET C   O    doub N N 211 
MET C   OXT  sing N N 212 
MET CB  CG   sing N N 213 
MET CB  HB2  sing N N 214 
MET CB  HB3  sing N N 215 
MET CG  SD   sing N N 216 
MET CG  HG2  sing N N 217 
MET CG  HG3  sing N N 218 
MET SD  CE   sing N N 219 
MET CE  HE1  sing N N 220 
MET CE  HE2  sing N N 221 
MET CE  HE3  sing N N 222 
MET OXT HXT  sing N N 223 
PHE N   CA   sing N N 224 
PHE N   H    sing N N 225 
PHE N   H2   sing N N 226 
PHE CA  C    sing N N 227 
PHE CA  CB   sing N N 228 
PHE CA  HA   sing N N 229 
PHE C   O    doub N N 230 
PHE C   OXT  sing N N 231 
PHE CB  CG   sing N N 232 
PHE CB  HB2  sing N N 233 
PHE CB  HB3  sing N N 234 
PHE CG  CD1  doub Y N 235 
PHE CG  CD2  sing Y N 236 
PHE CD1 CE1  sing Y N 237 
PHE CD1 HD1  sing N N 238 
PHE CD2 CE2  doub Y N 239 
PHE CD2 HD2  sing N N 240 
PHE CE1 CZ   doub Y N 241 
PHE CE1 HE1  sing N N 242 
PHE CE2 CZ   sing Y N 243 
PHE CE2 HE2  sing N N 244 
PHE CZ  HZ   sing N N 245 
PHE OXT HXT  sing N N 246 
PRO N   CA   sing N N 247 
PRO N   CD   sing N N 248 
PRO N   H    sing N N 249 
PRO CA  C    sing N N 250 
PRO CA  CB   sing N N 251 
PRO CA  HA   sing N N 252 
PRO C   O    doub N N 253 
PRO C   OXT  sing N N 254 
PRO CB  CG   sing N N 255 
PRO CB  HB2  sing N N 256 
PRO CB  HB3  sing N N 257 
PRO CG  CD   sing N N 258 
PRO CG  HG2  sing N N 259 
PRO CG  HG3  sing N N 260 
PRO CD  HD2  sing N N 261 
PRO CD  HD3  sing N N 262 
PRO OXT HXT  sing N N 263 
SER N   CA   sing N N 264 
SER N   H    sing N N 265 
SER N   H2   sing N N 266 
SER CA  C    sing N N 267 
SER CA  CB   sing N N 268 
SER CA  HA   sing N N 269 
SER C   O    doub N N 270 
SER C   OXT  sing N N 271 
SER CB  OG   sing N N 272 
SER CB  HB2  sing N N 273 
SER CB  HB3  sing N N 274 
SER OG  HG   sing N N 275 
SER OXT HXT  sing N N 276 
THR N   CA   sing N N 277 
THR N   H    sing N N 278 
THR N   H2   sing N N 279 
THR CA  C    sing N N 280 
THR CA  CB   sing N N 281 
THR CA  HA   sing N N 282 
THR C   O    doub N N 283 
THR C   OXT  sing N N 284 
THR CB  OG1  sing N N 285 
THR CB  CG2  sing N N 286 
THR CB  HB   sing N N 287 
THR OG1 HG1  sing N N 288 
THR CG2 HG21 sing N N 289 
THR CG2 HG22 sing N N 290 
THR CG2 HG23 sing N N 291 
THR OXT HXT  sing N N 292 
TYR N   CA   sing N N 293 
TYR N   H    sing N N 294 
TYR N   H2   sing N N 295 
TYR CA  C    sing N N 296 
TYR CA  CB   sing N N 297 
TYR CA  HA   sing N N 298 
TYR C   O    doub N N 299 
TYR C   OXT  sing N N 300 
TYR CB  CG   sing N N 301 
TYR CB  HB2  sing N N 302 
TYR CB  HB3  sing N N 303 
TYR CG  CD1  doub Y N 304 
TYR CG  CD2  sing Y N 305 
TYR CD1 CE1  sing Y N 306 
TYR CD1 HD1  sing N N 307 
TYR CD2 CE2  doub Y N 308 
TYR CD2 HD2  sing N N 309 
TYR CE1 CZ   doub Y N 310 
TYR CE1 HE1  sing N N 311 
TYR CE2 CZ   sing Y N 312 
TYR CE2 HE2  sing N N 313 
TYR CZ  OH   sing N N 314 
TYR OH  HH   sing N N 315 
TYR OXT HXT  sing N N 316 
VAL N   CA   sing N N 317 
VAL N   H    sing N N 318 
VAL N   H2   sing N N 319 
VAL CA  C    sing N N 320 
VAL CA  CB   sing N N 321 
VAL CA  HA   sing N N 322 
VAL C   O    doub N N 323 
VAL C   OXT  sing N N 324 
VAL CB  CG1  sing N N 325 
VAL CB  CG2  sing N N 326 
VAL CB  HB   sing N N 327 
VAL CG1 HG11 sing N N 328 
VAL CG1 HG12 sing N N 329 
VAL CG1 HG13 sing N N 330 
VAL CG2 HG21 sing N N 331 
VAL CG2 HG22 sing N N 332 
VAL CG2 HG23 sing N N 333 
VAL OXT HXT  sing N N 334 
# 
_pdbx_entity_nonpoly.entity_id   2 
_pdbx_entity_nonpoly.name        water 
_pdbx_entity_nonpoly.comp_id     HOH 
# 
_pdbx_initial_refinement_model.id               1 
_pdbx_initial_refinement_model.entity_id_list   ? 
_pdbx_initial_refinement_model.type             'experimental model' 
_pdbx_initial_refinement_model.source_name      PDB 
_pdbx_initial_refinement_model.accession_code   4F87 
_pdbx_initial_refinement_model.details          ? 
# 
